data_4IFH
#
_entry.id   4IFH
#
_cell.length_a   263.022
_cell.length_b   263.022
_cell.length_c   90.590
_cell.angle_alpha   90.00
_cell.angle_beta   90.00
_cell.angle_gamma   120.00
#
_symmetry.space_group_name_H-M   'P 65'
#
loop_
_entity.id
_entity.type
_entity.pdbx_description
1 polymer 'Insulin-degrading enzyme'
2 non-polymer 'ZINC ION'
3 non-polymer N-({1-[(2R)-4-(hydroxyamino)-1-(naphthalen-2-yl)-4-oxobutan-2-yl]-1H-1,2,3-triazol-4-yl}methyl)-4-methylbenzamide
4 water water
#
_entity_poly.entity_id   1
_entity_poly.type   'polypeptide(L)'
_entity_poly.pdbx_seq_one_letter_code
;MHHHHHHAAGIPMNNPAIKRIGNHITKSPEDKREYRGLELANGIKVLLISDPTTDKSSAALDVHIGSLSDPPNIAGLSHF
LEHMLFLGTKKYPKENEYSQFLSEHAGSSNAFTSGEHTNYYFDVSHEHLEGALDRFAQFFLSPLFDESAKDREVNAVDSE
HEKNVMNDAWRLFQLEKATGNPKHPFSKFGTGNKYTLETRPNQEGIDVRQELLKFHSAYYSSNLMAVVVLGRESLDDLTN
LVVKLFSEVENKNVPLPEFPEHPFQEEHLKQLYKIVPIKDIRNLYVTFPIPDLQKYYKSNPGHYLGHLIGHEGPGSLLSE
LKSKGWVNTLVGGQKEGARGFMFFIINVDLTEEGLLHVEDIILHMFQYIQKLRAEGPQEWVFQELKDLNAVAFRFKDKER
PRGYTSKIAGILHYYPLEEVLTAEYLLEEFRPDLIEMVLDKLRPENVRVAIVSKSFEGKTDRTEEWYGTQYKQEAIPDEV
IKKWQNADLNGKFKLPTKNEFIPTNFEILPLEKEATPYPALIKDTAMSKLWFKQDDKFFLPKANLNFEFFSPFAYVDPLH
SNMAYLYLELLKDSLNEYAYAAELAGLSYDLQNTIYGMYLSVKGYNDKQPILLKKIIEKMATFEIDEKRFEIIKEAYMRS
LNNFRAEQPHQHAMYYLRLLMTEVAWTKDELKEALDDVTLPRLKAFIPQLLSRLHIEALLHGNITKQAALGIMQMVEDTL
IEHAHTKPLLPSQLVRYREVQLPDRGWFVYQQRNEVHNNSGIEIYYQTDMQSTSENMFLELFAQIISEPAFNTLRTKEQL
GYIVFSGPRRANGIQGLRFIIQSEKPPHYLESRVEAFLITMEKSIEDMTEEAFQKHIQALAIRRLDKPKKLSAESAKYWG
EIISQQYNFDRDNTEVAYLKTLTKEDIIKFYKEMLAVDAPRRHKVSVHVLAREMDSNPVVGEFPAQNDINLSQAPALPQP
EVIQNMTEFKRGLPLFPLVKPHINFMAAKL
;
_entity_poly.pdbx_strand_id   A,B
#
# COMPACT_ATOMS: atom_id res chain seq x y z
N ASN A 14 32.66 -41.17 55.78
CA ASN A 14 32.26 -42.18 54.81
C ASN A 14 32.83 -41.92 53.42
N ASN A 15 33.11 -40.65 53.11
CA ASN A 15 33.61 -40.29 51.78
C ASN A 15 34.70 -39.23 51.84
N PRO A 16 35.88 -39.55 51.28
CA PRO A 16 37.04 -38.67 51.28
C PRO A 16 37.01 -37.51 50.27
N ALA A 17 36.19 -37.59 49.23
CA ALA A 17 36.18 -36.55 48.21
C ALA A 17 35.15 -35.46 48.50
N ILE A 18 34.22 -35.76 49.39
CA ILE A 18 33.19 -34.81 49.78
C ILE A 18 33.41 -34.35 51.22
N LYS A 19 33.48 -33.04 51.44
CA LYS A 19 33.66 -32.52 52.79
C LYS A 19 32.34 -32.29 53.50
N ARG A 20 31.31 -31.89 52.75
CA ARG A 20 30.02 -31.53 53.31
C ARG A 20 28.92 -31.80 52.30
N ILE A 21 27.81 -32.40 52.73
CA ILE A 21 26.63 -32.50 51.87
C ILE A 21 25.57 -31.50 52.36
N GLY A 22 26.03 -30.53 53.15
CA GLY A 22 25.18 -29.50 53.69
C GLY A 22 23.84 -29.97 54.23
N ASN A 23 22.76 -29.40 53.71
CA ASN A 23 21.44 -29.82 54.11
C ASN A 23 20.40 -29.77 52.99
N HIS A 24 19.14 -29.84 53.40
CA HIS A 24 17.99 -29.65 52.55
C HIS A 24 17.90 -28.24 52.00
N ILE A 25 18.02 -28.10 50.68
CA ILE A 25 18.07 -26.79 50.04
C ILE A 25 16.67 -26.24 49.80
N THR A 26 16.30 -25.21 50.55
CA THR A 26 14.95 -24.64 50.49
C THR A 26 14.64 -24.11 49.10
N LYS A 27 13.47 -24.46 48.60
CA LYS A 27 13.05 -24.07 47.26
C LYS A 27 11.58 -23.70 47.24
N SER A 28 11.16 -23.05 46.16
CA SER A 28 9.74 -22.73 46.01
C SER A 28 8.92 -24.01 45.93
N PRO A 29 7.77 -24.03 46.59
CA PRO A 29 6.87 -25.20 46.60
C PRO A 29 6.30 -25.49 45.22
N GLU A 30 6.53 -24.57 44.29
CA GLU A 30 6.02 -24.73 42.93
C GLU A 30 7.12 -25.37 42.08
N ASP A 31 8.32 -25.42 42.64
CA ASP A 31 9.49 -25.92 41.92
C ASP A 31 9.54 -27.44 42.02
N LYS A 32 9.51 -28.10 40.86
CA LYS A 32 9.44 -29.54 40.81
C LYS A 32 10.85 -30.14 40.72
N ARG A 33 11.82 -29.29 40.37
CA ARG A 33 13.21 -29.71 40.32
C ARG A 33 13.75 -30.06 41.70
N GLU A 34 14.74 -30.95 41.75
CA GLU A 34 15.29 -31.37 43.02
C GLU A 34 16.77 -30.99 43.16
N TYR A 35 17.17 -30.59 44.36
CA TYR A 35 18.46 -29.96 44.56
C TYR A 35 19.31 -30.64 45.65
N ARG A 36 20.59 -30.78 45.39
CA ARG A 36 21.53 -31.11 46.44
C ARG A 36 22.77 -30.24 46.36
N GLY A 37 23.12 -29.61 47.48
CA GLY A 37 24.34 -28.84 47.55
C GLY A 37 25.41 -29.61 48.30
N LEU A 38 26.66 -29.36 47.98
CA LEU A 38 27.76 -29.97 48.71
C LEU A 38 29.05 -29.20 48.47
N GLU A 39 30.01 -29.38 49.37
CA GLU A 39 31.35 -28.84 49.16
C GLU A 39 32.30 -30.01 49.00
N LEU A 40 33.21 -29.89 48.03
CA LEU A 40 34.15 -30.97 47.76
C LEU A 40 35.32 -30.91 48.72
N ALA A 41 36.15 -31.95 48.69
CA ALA A 41 37.36 -31.99 49.51
C ALA A 41 38.25 -30.78 49.23
N ASN A 42 38.39 -30.45 47.95
CA ASN A 42 39.25 -29.34 47.55
C ASN A 42 38.58 -27.98 47.67
N GLY A 43 37.37 -27.97 48.22
CA GLY A 43 36.71 -26.73 48.58
C GLY A 43 35.82 -26.10 47.52
N ILE A 44 35.61 -26.78 46.41
CA ILE A 44 34.65 -26.30 45.42
C ILE A 44 33.25 -26.46 45.97
N LYS A 45 32.51 -25.36 46.08
CA LYS A 45 31.12 -25.46 46.49
C LYS A 45 30.27 -25.80 45.27
N VAL A 46 29.37 -26.76 45.43
CA VAL A 46 28.64 -27.35 44.31
C VAL A 46 27.14 -27.45 44.55
N LEU A 47 26.35 -27.01 43.57
CA LEU A 47 24.91 -27.26 43.60
C LEU A 47 24.51 -28.17 42.45
N LEU A 48 23.75 -29.22 42.78
CA LEU A 48 23.30 -30.19 41.80
C LEU A 48 21.79 -30.07 41.57
N ILE A 49 21.38 -29.89 40.33
CA ILE A 49 19.97 -29.77 40.01
C ILE A 49 19.48 -30.92 39.15
N SER A 50 18.51 -31.68 39.66
CA SER A 50 17.97 -32.81 38.93
C SER A 50 16.58 -32.53 38.37
N ASP A 51 16.51 -32.35 37.06
CA ASP A 51 15.23 -32.15 36.39
C ASP A 51 14.98 -33.29 35.41
N PRO A 52 14.25 -34.33 35.84
CA PRO A 52 13.96 -35.49 35.00
C PRO A 52 13.23 -35.15 33.71
N THR A 53 12.72 -33.93 33.59
CA THR A 53 11.94 -33.54 32.42
C THR A 53 12.72 -32.70 31.42
N THR A 54 13.81 -32.09 31.87
CA THR A 54 14.52 -31.08 31.08
C THR A 54 14.98 -31.58 29.71
N ASP A 55 14.89 -30.70 28.70
CA ASP A 55 15.33 -31.06 27.36
C ASP A 55 16.79 -30.73 27.11
N LYS A 56 17.28 -29.68 27.74
CA LYS A 56 18.71 -29.40 27.71
C LYS A 56 19.31 -29.47 29.10
N SER A 57 20.45 -30.13 29.21
CA SER A 57 21.22 -30.13 30.44
C SER A 57 22.19 -28.95 30.38
N SER A 58 22.69 -28.54 31.54
CA SER A 58 23.60 -27.41 31.58
C SER A 58 24.52 -27.47 32.79
N ALA A 59 25.66 -26.80 32.68
CA ALA A 59 26.58 -26.68 33.81
C ALA A 59 27.30 -25.35 33.76
N ALA A 60 27.75 -24.89 34.92
CA ALA A 60 28.49 -23.64 34.97
C ALA A 60 29.55 -23.67 36.06
N LEU A 61 30.62 -22.91 35.86
CA LEU A 61 31.63 -22.75 36.88
C LEU A 61 31.95 -21.29 37.03
N ASP A 62 32.01 -20.83 38.29
CA ASP A 62 32.38 -19.46 38.58
C ASP A 62 33.66 -19.41 39.39
N VAL A 63 34.69 -18.77 38.85
CA VAL A 63 35.92 -18.55 39.59
C VAL A 63 35.86 -17.18 40.21
N HIS A 64 36.14 -17.07 41.51
CA HIS A 64 36.03 -15.80 42.19
C HIS A 64 37.28 -14.95 41.97
N ILE A 65 37.80 -14.99 40.76
CA ILE A 65 38.88 -14.10 40.35
C ILE A 65 38.42 -13.35 39.11
N GLY A 66 38.80 -12.08 39.01
CA GLY A 66 38.41 -11.30 37.85
C GLY A 66 39.41 -10.23 37.47
N SER A 67 38.93 -9.28 36.67
CA SER A 67 39.78 -8.24 36.11
C SER A 67 40.46 -7.39 37.18
N LEU A 68 39.85 -7.28 38.35
CA LEU A 68 40.45 -6.52 39.46
C LEU A 68 41.80 -7.11 39.85
N SER A 69 41.94 -8.42 39.69
CA SER A 69 43.20 -9.10 40.00
C SER A 69 44.12 -9.22 38.79
N ASP A 70 43.89 -8.41 37.77
CA ASP A 70 44.78 -8.37 36.62
C ASP A 70 46.15 -7.87 37.05
N PRO A 71 47.21 -8.40 36.43
CA PRO A 71 48.53 -7.80 36.64
C PRO A 71 48.51 -6.37 36.14
N PRO A 72 49.23 -5.46 36.82
CA PRO A 72 49.17 -4.06 36.43
C PRO A 72 49.83 -3.81 35.08
N ASN A 73 50.81 -4.63 34.72
CA ASN A 73 51.50 -4.46 33.45
C ASN A 73 50.85 -5.14 32.25
N ILE A 74 49.94 -6.07 32.50
CA ILE A 74 49.20 -6.71 31.40
C ILE A 74 47.69 -6.58 31.59
N ALA A 75 47.17 -5.38 31.33
CA ALA A 75 45.75 -5.09 31.52
C ALA A 75 44.86 -5.94 30.63
N GLY A 76 43.84 -6.55 31.23
CA GLY A 76 42.89 -7.38 30.51
C GLY A 76 43.25 -8.84 30.41
N LEU A 77 44.32 -9.25 31.10
CA LEU A 77 44.76 -10.64 31.07
C LEU A 77 43.71 -11.64 31.52
N SER A 78 42.97 -11.33 32.58
CA SER A 78 42.02 -12.29 33.13
C SER A 78 40.85 -12.47 32.19
N HIS A 79 40.50 -11.41 31.46
CA HIS A 79 39.47 -11.48 30.42
C HIS A 79 39.99 -12.31 29.25
N PHE A 80 41.19 -11.98 28.79
CA PHE A 80 41.83 -12.72 27.71
C PHE A 80 41.94 -14.21 28.04
N LEU A 81 42.25 -14.52 29.29
CA LEU A 81 42.39 -15.90 29.71
C LEU A 81 41.08 -16.65 29.50
N GLU A 82 39.97 -16.01 29.84
CA GLU A 82 38.64 -16.55 29.57
C GLU A 82 38.51 -16.98 28.10
N HIS A 83 38.85 -16.07 27.21
CA HIS A 83 38.76 -16.31 25.78
C HIS A 83 39.58 -17.54 25.39
N MET A 84 40.72 -17.69 26.05
CA MET A 84 41.70 -18.71 25.71
C MET A 84 41.28 -20.13 26.12
N LEU A 85 40.64 -20.26 27.28
CA LEU A 85 40.27 -21.59 27.79
C LEU A 85 39.36 -22.39 26.85
N PHE A 86 38.70 -21.71 25.92
CA PHE A 86 37.82 -22.39 24.98
C PHE A 86 38.62 -23.05 23.87
N LEU A 87 39.85 -22.60 23.68
CA LEU A 87 40.64 -22.96 22.51
C LEU A 87 41.58 -24.14 22.72
N GLY A 88 41.17 -25.09 23.55
CA GLY A 88 41.91 -26.35 23.65
C GLY A 88 42.58 -26.63 24.97
N THR A 89 42.50 -27.89 25.39
CA THR A 89 43.12 -28.37 26.61
C THR A 89 43.97 -29.60 26.31
N LYS A 90 44.58 -30.19 27.32
CA LYS A 90 45.48 -31.32 27.10
C LYS A 90 44.76 -32.60 26.66
N LYS A 91 43.69 -32.97 27.36
CA LYS A 91 42.92 -34.14 26.98
C LYS A 91 42.12 -33.94 25.68
N TYR A 92 41.71 -32.71 25.43
CA TYR A 92 40.98 -32.36 24.21
C TYR A 92 41.66 -31.18 23.52
N PRO A 93 42.67 -31.47 22.67
CA PRO A 93 43.55 -30.44 22.14
C PRO A 93 43.11 -29.78 20.84
N LYS A 94 42.11 -30.31 20.16
CA LYS A 94 41.62 -29.70 18.94
C LYS A 94 41.07 -28.32 19.26
N GLU A 95 41.64 -27.29 18.64
CA GLU A 95 41.37 -25.89 18.97
C GLU A 95 39.90 -25.58 19.21
N ASN A 96 39.01 -26.20 18.44
CA ASN A 96 37.58 -25.97 18.60
C ASN A 96 36.78 -27.20 19.01
N GLU A 97 37.44 -28.18 19.62
CA GLU A 97 36.78 -29.40 20.05
C GLU A 97 35.59 -29.13 20.95
N TYR A 98 35.76 -28.20 21.87
CA TYR A 98 34.69 -27.81 22.77
C TYR A 98 33.52 -27.22 22.00
N SER A 99 33.74 -26.05 21.42
CA SER A 99 32.79 -25.36 20.55
C SER A 99 32.01 -26.30 19.62
N GLN A 100 32.72 -27.25 19.03
CA GLN A 100 32.13 -28.12 18.01
C GLN A 100 31.30 -29.25 18.59
N PHE A 101 31.74 -29.79 19.73
CA PHE A 101 30.96 -30.80 20.41
C PHE A 101 29.57 -30.30 20.78
N LEU A 102 29.51 -29.07 21.26
CA LEU A 102 28.25 -28.49 21.68
C LEU A 102 27.31 -28.25 20.50
N SER A 103 27.88 -27.84 19.37
CA SER A 103 27.07 -27.54 18.20
C SER A 103 26.46 -28.82 17.63
N GLU A 104 27.22 -29.90 17.68
CA GLU A 104 26.76 -31.18 17.16
C GLU A 104 25.77 -31.83 18.09
N HIS A 105 25.64 -31.30 19.30
CA HIS A 105 24.69 -31.85 20.26
C HIS A 105 23.75 -30.78 20.82
N ALA A 106 23.42 -29.81 19.97
CA ALA A 106 22.37 -28.84 20.23
C ALA A 106 22.70 -27.94 21.42
N GLY A 107 23.98 -27.75 21.67
CA GLY A 107 24.41 -26.90 22.75
C GLY A 107 24.88 -25.52 22.35
N SER A 108 25.21 -24.73 23.36
CA SER A 108 25.81 -23.42 23.16
C SER A 108 26.57 -23.03 24.42
N SER A 109 27.56 -22.16 24.27
CA SER A 109 28.37 -21.77 25.41
C SER A 109 28.76 -20.31 25.37
N ASN A 110 29.20 -19.81 26.51
CA ASN A 110 29.75 -18.46 26.62
C ASN A 110 30.36 -18.24 27.99
N ALA A 111 31.04 -17.11 28.15
CA ALA A 111 31.61 -16.74 29.43
C ALA A 111 31.64 -15.23 29.58
N PHE A 112 31.80 -14.76 30.82
CA PHE A 112 32.03 -13.34 31.04
C PHE A 112 33.02 -13.12 32.17
N THR A 113 33.57 -11.90 32.25
CA THR A 113 34.55 -11.56 33.26
C THR A 113 34.24 -10.23 33.92
N SER A 114 33.64 -10.27 35.11
CA SER A 114 33.42 -9.05 35.88
C SER A 114 34.65 -8.76 36.71
N GLY A 115 34.56 -7.73 37.56
CA GLY A 115 35.68 -7.33 38.40
C GLY A 115 36.26 -8.44 39.26
N GLU A 116 35.41 -9.28 39.82
CA GLU A 116 35.89 -10.33 40.73
C GLU A 116 35.43 -11.71 40.31
N HIS A 117 34.88 -11.84 39.12
CA HIS A 117 34.37 -13.14 38.70
C HIS A 117 34.69 -13.46 37.25
N THR A 118 35.08 -14.70 37.00
CA THR A 118 35.08 -15.22 35.66
C THR A 118 34.16 -16.43 35.66
N ASN A 119 33.14 -16.38 34.82
CA ASN A 119 32.01 -17.31 34.90
C ASN A 119 31.79 -18.00 33.56
N TYR A 120 31.80 -19.33 33.57
CA TYR A 120 31.68 -20.13 32.35
C TYR A 120 30.42 -20.97 32.38
N TYR A 121 29.65 -20.94 31.30
CA TYR A 121 28.44 -21.74 31.24
C TYR A 121 28.24 -22.38 29.87
N PHE A 122 27.52 -23.49 29.85
CA PHE A 122 27.12 -24.14 28.62
C PHE A 122 25.80 -24.84 28.79
N ASP A 123 25.16 -25.20 27.69
CA ASP A 123 24.05 -26.13 27.72
C ASP A 123 24.23 -27.15 26.60
N VAL A 124 23.63 -28.33 26.76
CA VAL A 124 23.78 -29.40 25.78
C VAL A 124 22.53 -30.25 25.79
N SER A 125 22.35 -31.10 24.78
CA SER A 125 21.28 -32.10 24.79
C SER A 125 21.40 -32.97 26.03
N HIS A 126 20.27 -33.19 26.70
CA HIS A 126 20.25 -33.80 28.02
C HIS A 126 21.01 -35.12 28.14
N GLU A 127 21.22 -35.82 27.03
CA GLU A 127 21.92 -37.10 27.08
C GLU A 127 23.42 -36.99 26.82
N HIS A 128 23.91 -35.78 26.60
CA HIS A 128 25.34 -35.58 26.42
C HIS A 128 25.91 -34.63 27.46
N LEU A 129 25.31 -34.62 28.64
CA LEU A 129 25.80 -33.83 29.75
C LEU A 129 27.24 -34.20 30.10
N GLU A 130 27.47 -35.50 30.23
CA GLU A 130 28.75 -36.04 30.61
C GLU A 130 29.85 -35.66 29.63
N GLY A 131 29.62 -35.94 28.36
CA GLY A 131 30.55 -35.61 27.30
C GLY A 131 30.90 -34.14 27.31
N ALA A 132 29.87 -33.30 27.37
CA ALA A 132 30.06 -31.86 27.41
C ALA A 132 30.82 -31.43 28.66
N LEU A 133 30.47 -32.02 29.80
CA LEU A 133 31.06 -31.64 31.07
C LEU A 133 32.51 -32.08 31.23
N ASP A 134 32.85 -33.23 30.66
CA ASP A 134 34.22 -33.71 30.68
C ASP A 134 35.13 -32.72 29.96
N ARG A 135 34.71 -32.36 28.74
CA ARG A 135 35.41 -31.37 27.94
C ARG A 135 35.47 -30.02 28.64
N PHE A 136 34.43 -29.73 29.41
CA PHE A 136 34.29 -28.45 30.09
C PHE A 136 35.21 -28.34 31.30
N ALA A 137 35.35 -29.44 32.02
CA ALA A 137 36.16 -29.46 33.24
C ALA A 137 37.66 -29.26 32.95
N GLN A 138 38.05 -29.54 31.71
CA GLN A 138 39.45 -29.45 31.33
C GLN A 138 39.94 -28.02 31.28
N PHE A 139 39.02 -27.07 31.13
CA PHE A 139 39.35 -25.66 31.17
C PHE A 139 40.13 -25.32 32.41
N PHE A 140 39.84 -26.05 33.48
CA PHE A 140 40.29 -25.70 34.82
C PHE A 140 41.40 -26.61 35.34
N LEU A 141 41.92 -27.46 34.46
CA LEU A 141 42.91 -28.44 34.86
C LEU A 141 44.19 -28.31 34.05
N SER A 142 44.04 -28.30 32.73
CA SER A 142 45.21 -28.31 31.85
C SER A 142 44.94 -27.63 30.51
N PRO A 143 44.64 -26.33 30.53
CA PRO A 143 44.44 -25.65 29.24
C PRO A 143 45.76 -25.50 28.51
N LEU A 144 45.73 -25.44 27.18
CA LEU A 144 46.95 -25.39 26.40
C LEU A 144 47.52 -23.99 26.26
N PHE A 145 46.65 -23.02 26.02
CA PHE A 145 47.07 -21.67 25.64
C PHE A 145 48.06 -21.74 24.49
N ASP A 146 47.68 -22.40 23.40
CA ASP A 146 48.55 -22.54 22.24
C ASP A 146 49.12 -21.20 21.79
N GLU A 147 50.40 -21.20 21.43
CA GLU A 147 51.08 -19.98 21.03
C GLU A 147 50.46 -19.42 19.77
N SER A 148 50.07 -20.30 18.86
CA SER A 148 49.44 -19.91 17.61
C SER A 148 48.05 -19.32 17.84
N ALA A 149 47.31 -19.87 18.80
CA ALA A 149 45.95 -19.42 19.06
C ALA A 149 45.92 -18.11 19.82
N LYS A 150 46.88 -17.96 20.75
CA LYS A 150 47.09 -16.71 21.47
C LYS A 150 47.30 -15.53 20.52
N ASP A 151 48.03 -15.77 19.43
CA ASP A 151 48.32 -14.73 18.45
C ASP A 151 47.04 -14.35 17.71
N ARG A 152 46.18 -15.34 17.47
CA ARG A 152 44.97 -15.11 16.71
C ARG A 152 43.89 -14.45 17.57
N GLU A 153 43.53 -15.09 18.68
CA GLU A 153 42.39 -14.65 19.48
C GLU A 153 42.63 -13.30 20.19
N VAL A 154 43.87 -12.81 20.18
CA VAL A 154 44.14 -11.48 20.69
C VAL A 154 43.39 -10.42 19.87
N ASN A 155 43.23 -10.69 18.58
CA ASN A 155 42.52 -9.78 17.70
C ASN A 155 41.04 -9.71 18.05
N ALA A 156 40.47 -10.84 18.41
CA ALA A 156 39.08 -10.92 18.86
C ALA A 156 38.82 -9.96 20.02
N VAL A 157 39.74 -9.93 20.97
CA VAL A 157 39.61 -9.04 22.14
C VAL A 157 39.72 -7.58 21.73
N ASP A 158 40.71 -7.26 20.90
CA ASP A 158 40.87 -5.90 20.39
C ASP A 158 39.62 -5.48 19.64
N SER A 159 39.10 -6.39 18.84
CA SER A 159 37.84 -6.16 18.13
C SER A 159 36.67 -5.98 19.10
N GLU A 160 36.71 -6.69 20.22
CA GLU A 160 35.68 -6.58 21.23
C GLU A 160 35.72 -5.19 21.86
N HIS A 161 36.91 -4.76 22.25
CA HIS A 161 37.10 -3.43 22.81
C HIS A 161 36.70 -2.33 21.83
N GLU A 162 37.07 -2.52 20.57
CA GLU A 162 36.81 -1.54 19.52
C GLU A 162 35.31 -1.25 19.43
N LYS A 163 34.53 -2.33 19.39
CA LYS A 163 33.08 -2.27 19.50
C LYS A 163 32.58 -1.31 20.60
N ASN A 164 33.25 -1.32 21.73
CA ASN A 164 32.81 -0.56 22.90
C ASN A 164 33.36 0.85 22.99
N VAL A 165 34.36 1.17 22.17
CA VAL A 165 35.04 2.45 22.26
C VAL A 165 34.10 3.64 22.06
N MET A 166 33.25 3.58 21.05
CA MET A 166 32.33 4.67 20.76
C MET A 166 30.98 4.48 21.44
N ASN A 167 30.91 3.50 22.33
CA ASN A 167 29.69 3.26 23.10
C ASN A 167 29.73 4.09 24.39
N ASP A 168 28.75 4.97 24.54
CA ASP A 168 28.70 5.89 25.68
C ASP A 168 28.60 5.21 27.04
N ALA A 169 27.90 4.08 27.11
CA ALA A 169 27.72 3.39 28.37
C ALA A 169 29.05 2.85 28.88
N TRP A 170 29.86 2.31 27.97
CA TRP A 170 31.19 1.84 28.30
C TRP A 170 32.13 2.99 28.63
N ARG A 171 32.12 4.04 27.81
CA ARG A 171 32.93 5.23 28.05
C ARG A 171 32.74 5.79 29.46
N LEU A 172 31.49 5.88 29.88
CA LEU A 172 31.15 6.37 31.20
C LEU A 172 31.69 5.43 32.27
N PHE A 173 31.35 4.15 32.12
CA PHE A 173 31.83 3.07 32.98
C PHE A 173 33.32 3.17 33.33
N GLN A 174 34.17 3.35 32.33
CA GLN A 174 35.61 3.43 32.54
C GLN A 174 36.06 4.81 33.01
N LEU A 175 35.38 5.85 32.55
CA LEU A 175 35.70 7.21 33.00
C LEU A 175 35.57 7.29 34.51
N GLU A 176 34.52 6.69 35.04
CA GLU A 176 34.34 6.59 36.48
C GLU A 176 35.55 5.98 37.15
N LYS A 177 35.96 4.81 36.65
CA LYS A 177 37.12 4.09 37.16
C LYS A 177 38.40 4.92 37.13
N ALA A 178 38.55 5.74 36.10
CA ALA A 178 39.78 6.50 35.90
C ALA A 178 39.81 7.85 36.61
N THR A 179 38.81 8.11 37.46
CA THR A 179 38.75 9.39 38.18
C THR A 179 38.80 9.19 39.68
N GLY A 180 38.72 7.94 40.11
CA GLY A 180 38.98 7.59 41.49
C GLY A 180 40.47 7.39 41.71
N ASN A 181 40.81 6.78 42.84
CA ASN A 181 42.20 6.50 43.17
C ASN A 181 42.91 5.73 42.06
N PRO A 182 43.93 6.34 41.46
CA PRO A 182 44.71 5.67 40.41
C PRO A 182 45.44 4.43 40.94
N LYS A 183 45.81 4.43 42.22
CA LYS A 183 46.55 3.31 42.80
C LYS A 183 45.64 2.11 43.04
N HIS A 184 44.34 2.37 43.10
CA HIS A 184 43.35 1.35 43.41
C HIS A 184 43.09 0.44 42.22
N PRO A 185 42.96 -0.87 42.48
CA PRO A 185 42.61 -1.87 41.45
C PRO A 185 41.37 -1.51 40.66
N PHE A 186 40.45 -0.77 41.28
CA PHE A 186 39.24 -0.32 40.62
C PHE A 186 39.53 0.48 39.34
N SER A 187 40.67 1.15 39.31
CA SER A 187 41.04 2.01 38.19
C SER A 187 41.45 1.23 36.94
N LYS A 188 41.59 -0.08 37.10
CA LYS A 188 42.12 -0.93 36.03
C LYS A 188 41.24 -1.01 34.79
N PHE A 189 41.89 -1.20 33.65
CA PHE A 189 41.21 -1.43 32.38
C PHE A 189 40.92 -2.92 32.19
N GLY A 190 39.64 -3.28 32.24
CA GLY A 190 39.23 -4.67 32.24
C GLY A 190 39.30 -5.42 30.93
N THR A 191 38.74 -4.83 29.87
CA THR A 191 38.63 -5.50 28.58
C THR A 191 39.98 -5.93 28.02
N GLY A 192 40.90 -4.98 27.93
CA GLY A 192 42.17 -5.22 27.27
C GLY A 192 42.02 -5.10 25.77
N ASN A 193 43.12 -4.86 25.07
CA ASN A 193 43.13 -4.83 23.62
C ASN A 193 44.46 -5.29 23.06
N LYS A 194 44.65 -5.16 21.75
CA LYS A 194 45.84 -5.70 21.10
C LYS A 194 47.11 -5.04 21.61
N TYR A 195 47.02 -3.78 22.00
CA TYR A 195 48.18 -3.06 22.50
C TYR A 195 48.59 -3.61 23.87
N THR A 196 47.63 -3.74 24.78
CA THR A 196 47.92 -4.17 26.15
C THR A 196 48.23 -5.66 26.27
N LEU A 197 47.80 -6.45 25.30
CA LEU A 197 47.91 -7.91 25.40
C LEU A 197 48.91 -8.51 24.42
N GLU A 198 49.37 -7.72 23.47
CA GLU A 198 50.36 -8.21 22.52
C GLU A 198 51.50 -7.23 22.32
N THR A 199 51.18 -6.06 21.77
CA THR A 199 52.18 -5.06 21.41
C THR A 199 53.09 -4.69 22.56
N ARG A 200 52.50 -4.16 23.62
CA ARG A 200 53.25 -3.71 24.78
C ARG A 200 53.94 -4.85 25.54
N PRO A 201 53.26 -5.99 25.74
CA PRO A 201 53.99 -7.08 26.40
C PRO A 201 55.22 -7.57 25.64
N ASN A 202 55.18 -7.52 24.31
CA ASN A 202 56.36 -7.89 23.53
C ASN A 202 57.44 -6.84 23.71
N GLN A 203 57.07 -5.58 23.55
CA GLN A 203 57.90 -4.44 23.88
C GLN A 203 58.67 -4.63 25.19
N GLU A 204 57.97 -5.17 26.18
CA GLU A 204 58.52 -5.29 27.53
C GLU A 204 59.05 -6.69 27.83
N GLY A 205 59.30 -7.46 26.77
CA GLY A 205 59.92 -8.77 26.91
C GLY A 205 59.10 -9.86 27.59
N ILE A 206 57.81 -9.59 27.78
CA ILE A 206 56.91 -10.57 28.37
C ILE A 206 56.58 -11.72 27.43
N ASP A 207 56.52 -12.93 27.99
CA ASP A 207 56.07 -14.10 27.27
C ASP A 207 54.64 -14.36 27.74
N VAL A 208 53.68 -13.94 26.93
CA VAL A 208 52.28 -13.91 27.34
C VAL A 208 51.72 -15.30 27.62
N ARG A 209 52.12 -16.28 26.83
CA ARG A 209 51.58 -17.63 27.02
C ARG A 209 51.85 -18.15 28.42
N GLN A 210 53.02 -17.85 28.97
CA GLN A 210 53.34 -18.36 30.29
C GLN A 210 52.89 -17.39 31.37
N GLU A 211 52.66 -16.12 31.04
CA GLU A 211 51.91 -15.26 31.93
C GLU A 211 50.48 -15.78 32.12
N LEU A 212 49.88 -16.33 31.06
CA LEU A 212 48.57 -16.95 31.19
C LEU A 212 48.63 -18.16 32.10
N LEU A 213 49.55 -19.07 31.80
CA LEU A 213 49.77 -20.25 32.62
C LEU A 213 50.06 -19.89 34.08
N LYS A 214 50.96 -18.93 34.27
CA LYS A 214 51.29 -18.44 35.61
C LYS A 214 50.06 -17.94 36.32
N PHE A 215 49.25 -17.13 35.64
CA PHE A 215 48.02 -16.61 36.21
C PHE A 215 47.01 -17.71 36.50
N HIS A 216 46.81 -18.60 35.53
CA HIS A 216 45.83 -19.66 35.63
C HIS A 216 46.15 -20.56 36.81
N SER A 217 47.40 -20.99 36.92
CA SER A 217 47.78 -21.85 38.02
C SER A 217 47.75 -21.07 39.33
N ALA A 218 48.01 -19.77 39.29
CA ALA A 218 48.04 -18.99 40.52
C ALA A 218 46.65 -18.80 41.11
N TYR A 219 45.67 -18.54 40.26
CA TYR A 219 44.38 -18.05 40.74
C TYR A 219 43.21 -18.99 40.51
N TYR A 220 43.28 -19.81 39.47
CA TYR A 220 42.24 -20.79 39.24
C TYR A 220 42.42 -21.96 40.21
N SER A 221 42.33 -21.65 41.50
CA SER A 221 42.41 -22.64 42.56
C SER A 221 41.03 -23.15 42.94
N SER A 222 40.96 -24.42 43.34
CA SER A 222 39.70 -25.07 43.66
C SER A 222 38.88 -24.36 44.73
N ASN A 223 39.55 -23.78 45.73
CA ASN A 223 38.82 -23.13 46.82
C ASN A 223 38.12 -21.85 46.38
N LEU A 224 38.39 -21.41 45.16
CA LEU A 224 37.75 -20.20 44.64
C LEU A 224 36.69 -20.50 43.58
N MET A 225 36.35 -21.77 43.43
CA MET A 225 35.39 -22.18 42.40
C MET A 225 34.06 -22.68 42.95
N ALA A 226 32.99 -22.38 42.22
CA ALA A 226 31.68 -22.94 42.50
C ALA A 226 31.11 -23.55 41.23
N VAL A 227 30.43 -24.68 41.36
CA VAL A 227 29.96 -25.42 40.19
C VAL A 227 28.48 -25.78 40.32
N VAL A 228 27.71 -25.52 39.26
CA VAL A 228 26.33 -25.96 39.20
C VAL A 228 26.13 -26.88 38.00
N VAL A 229 25.49 -28.02 38.23
CA VAL A 229 25.20 -28.95 37.15
C VAL A 229 23.73 -29.32 37.17
N LEU A 230 23.07 -29.19 36.02
CA LEU A 230 21.65 -29.47 35.93
C LEU A 230 21.43 -30.52 34.86
N GLY A 231 20.75 -31.61 35.21
CA GLY A 231 20.53 -32.70 34.28
C GLY A 231 19.35 -33.58 34.65
N ARG A 232 19.11 -34.61 33.84
CA ARG A 232 18.04 -35.55 34.08
C ARG A 232 18.42 -36.59 35.13
N GLU A 233 19.71 -36.87 35.23
CA GLU A 233 20.23 -37.86 36.16
C GLU A 233 19.79 -37.59 37.58
N SER A 234 19.61 -38.66 38.36
CA SER A 234 19.27 -38.52 39.76
C SER A 234 20.34 -37.70 40.47
N LEU A 235 19.99 -37.18 41.64
CA LEU A 235 20.93 -36.39 42.44
C LEU A 235 22.18 -37.20 42.76
N ASP A 236 22.01 -38.48 43.05
CA ASP A 236 23.13 -39.38 43.29
C ASP A 236 24.03 -39.53 42.07
N ASP A 237 23.43 -39.73 40.90
CA ASP A 237 24.20 -39.84 39.66
C ASP A 237 25.02 -38.59 39.39
N LEU A 238 24.39 -37.43 39.58
CA LEU A 238 25.07 -36.15 39.38
C LEU A 238 26.23 -35.98 40.34
N THR A 239 26.02 -36.40 41.59
CA THR A 239 27.05 -36.37 42.61
C THR A 239 28.34 -37.03 42.16
N ASN A 240 28.28 -38.34 41.91
CA ASN A 240 29.46 -39.10 41.48
C ASN A 240 30.15 -38.46 40.28
N LEU A 241 29.36 -37.92 39.36
CA LEU A 241 29.88 -37.31 38.15
C LEU A 241 30.74 -36.07 38.44
N VAL A 242 30.23 -35.19 39.28
CA VAL A 242 30.95 -33.99 39.65
C VAL A 242 32.21 -34.33 40.43
N VAL A 243 32.09 -35.27 41.36
CA VAL A 243 33.24 -35.72 42.13
C VAL A 243 34.30 -36.29 41.20
N LYS A 244 33.88 -37.13 40.26
CA LYS A 244 34.79 -37.67 39.25
C LYS A 244 35.62 -36.61 38.53
N LEU A 245 34.94 -35.62 37.96
CA LEU A 245 35.60 -34.68 37.06
C LEU A 245 36.28 -33.50 37.76
N PHE A 246 35.87 -33.19 38.98
CA PHE A 246 36.32 -31.96 39.61
C PHE A 246 37.17 -32.17 40.87
N SER A 247 37.29 -33.40 41.34
CA SER A 247 38.13 -33.65 42.49
C SER A 247 39.58 -33.59 42.06
N GLU A 248 39.80 -33.58 40.74
CA GLU A 248 41.14 -33.42 40.18
C GLU A 248 41.66 -32.00 40.32
N VAL A 249 40.75 -31.02 40.37
CA VAL A 249 41.15 -29.62 40.46
C VAL A 249 42.02 -29.35 41.67
N GLU A 250 43.15 -28.67 41.45
CA GLU A 250 44.12 -28.49 42.52
C GLU A 250 43.75 -27.36 43.45
N ASN A 251 44.13 -27.52 44.71
CA ASN A 251 43.82 -26.52 45.73
C ASN A 251 45.04 -25.75 46.20
N LYS A 252 45.48 -24.78 45.42
CA LYS A 252 46.58 -23.93 45.85
C LYS A 252 46.11 -22.92 46.89
N ASN A 253 44.82 -23.00 47.23
CA ASN A 253 44.31 -22.35 48.44
C ASN A 253 44.62 -20.86 48.56
N VAL A 254 44.20 -20.10 47.57
CA VAL A 254 44.46 -18.66 47.49
C VAL A 254 43.55 -17.85 48.39
N PRO A 255 44.13 -16.89 49.13
CA PRO A 255 43.27 -15.99 49.90
C PRO A 255 42.40 -15.15 48.98
N LEU A 256 41.12 -15.03 49.30
CA LEU A 256 40.18 -14.32 48.46
C LEU A 256 40.39 -12.81 48.55
N PRO A 257 40.60 -12.15 47.41
CA PRO A 257 40.95 -10.73 47.39
C PRO A 257 39.84 -9.87 47.99
N GLU A 258 40.19 -8.90 48.82
CA GLU A 258 39.25 -7.86 49.26
C GLU A 258 39.79 -6.46 49.09
N PHE A 259 38.86 -5.52 49.01
CA PHE A 259 39.16 -4.12 48.71
C PHE A 259 38.49 -3.19 49.71
N PRO A 260 39.06 -3.09 50.92
CA PRO A 260 38.42 -2.36 52.03
C PRO A 260 38.43 -0.85 51.80
N GLU A 261 39.46 -0.37 51.10
CA GLU A 261 39.63 1.05 50.85
C GLU A 261 38.85 1.51 49.62
N HIS A 262 37.82 2.31 49.83
CA HIS A 262 36.99 2.81 48.75
C HIS A 262 37.84 3.60 47.75
N PRO A 263 37.69 3.29 46.45
CA PRO A 263 38.45 3.98 45.39
C PRO A 263 38.13 5.47 45.31
N PHE A 264 36.99 5.87 45.86
CA PHE A 264 36.58 7.26 45.85
C PHE A 264 36.78 7.91 47.22
N GLN A 265 38.00 8.39 47.47
CA GLN A 265 38.33 9.02 48.73
C GLN A 265 37.82 10.46 48.77
N GLU A 266 38.26 11.21 49.78
CA GLU A 266 37.85 12.60 49.94
C GLU A 266 38.31 13.44 48.76
N GLU A 267 39.53 13.18 48.29
CA GLU A 267 40.10 13.93 47.17
C GLU A 267 39.27 13.73 45.90
N HIS A 268 38.37 12.75 45.94
CA HIS A 268 37.52 12.44 44.81
C HIS A 268 36.07 12.82 45.05
N LEU A 269 35.78 13.33 46.24
CA LEU A 269 34.41 13.73 46.57
C LEU A 269 34.20 15.23 46.44
N LYS A 270 32.93 15.64 46.43
CA LYS A 270 32.55 17.01 46.11
C LYS A 270 33.18 17.46 44.80
N GLN A 271 33.14 16.59 43.81
CA GLN A 271 33.75 16.84 42.51
C GLN A 271 32.72 16.81 41.40
N LEU A 272 32.93 17.63 40.37
CA LEU A 272 31.98 17.71 39.27
C LEU A 272 32.67 17.31 37.97
N TYR A 273 31.94 16.63 37.10
CA TYR A 273 32.51 16.16 35.85
C TYR A 273 31.63 16.52 34.67
N LYS A 274 32.21 17.20 33.69
CA LYS A 274 31.48 17.57 32.48
C LYS A 274 31.99 16.74 31.32
N ILE A 275 31.12 15.90 30.75
CA ILE A 275 31.55 14.89 29.80
C ILE A 275 30.86 15.01 28.44
N VAL A 276 31.66 14.98 27.38
CA VAL A 276 31.14 14.97 26.02
C VAL A 276 30.77 13.56 25.56
N PRO A 277 29.49 13.36 25.19
CA PRO A 277 28.99 12.07 24.74
C PRO A 277 29.24 11.81 23.26
N ILE A 278 28.99 10.60 22.80
CA ILE A 278 29.06 10.30 21.38
C ILE A 278 27.70 10.57 20.71
N LYS A 279 26.66 9.91 21.20
CA LYS A 279 25.32 10.26 20.73
C LYS A 279 24.89 11.54 21.41
N ASP A 280 23.76 12.10 20.99
CA ASP A 280 23.23 13.30 21.61
C ASP A 280 22.35 12.97 22.79
N ILE A 281 22.96 12.90 23.96
CA ILE A 281 22.24 12.58 25.18
C ILE A 281 22.52 13.61 26.26
N ARG A 282 21.59 13.72 27.21
CA ARG A 282 21.74 14.65 28.32
C ARG A 282 21.48 13.90 29.61
N ASN A 283 22.52 13.71 30.40
CA ASN A 283 22.39 12.90 31.61
C ASN A 283 23.10 13.50 32.82
N LEU A 284 22.56 13.21 33.98
CA LEU A 284 23.14 13.65 35.25
C LEU A 284 23.38 12.45 36.14
N TYR A 285 24.58 12.37 36.70
CA TYR A 285 24.93 11.22 37.53
C TYR A 285 25.35 11.66 38.92
N VAL A 286 24.60 11.23 39.92
CA VAL A 286 24.92 11.55 41.30
C VAL A 286 25.33 10.27 42.02
N THR A 287 26.45 10.32 42.72
CA THR A 287 27.05 9.10 43.27
C THR A 287 27.52 9.29 44.70
N PHE A 288 27.28 8.28 45.53
CA PHE A 288 27.71 8.29 46.92
C PHE A 288 28.48 7.04 47.26
N PRO A 289 29.70 7.19 47.78
CA PRO A 289 30.44 6.02 48.25
C PRO A 289 29.83 5.45 49.53
N ILE A 290 29.55 4.15 49.52
CA ILE A 290 28.98 3.48 50.68
C ILE A 290 29.74 2.21 50.99
N PRO A 291 29.71 1.75 52.26
CA PRO A 291 30.29 0.46 52.63
C PRO A 291 29.64 -0.71 51.89
N ASP A 292 30.29 -1.87 51.93
CA ASP A 292 29.79 -3.05 51.26
C ASP A 292 28.63 -3.63 52.06
N LEU A 293 27.43 -3.59 51.50
CA LEU A 293 26.21 -3.96 52.22
C LEU A 293 25.77 -5.40 51.96
N GLN A 294 26.58 -6.14 51.21
CA GLN A 294 26.24 -7.51 50.82
C GLN A 294 25.89 -8.39 52.01
N LYS A 295 26.69 -8.33 53.05
CA LYS A 295 26.50 -9.16 54.24
C LYS A 295 25.15 -8.91 54.91
N TYR A 296 24.60 -7.72 54.68
CA TYR A 296 23.28 -7.39 55.18
C TYR A 296 22.18 -7.81 54.22
N TYR A 297 22.33 -8.95 53.56
CA TYR A 297 21.37 -9.34 52.54
C TYR A 297 19.99 -9.67 53.10
N LYS A 298 19.93 -10.10 54.36
CA LYS A 298 18.64 -10.47 54.95
C LYS A 298 17.77 -9.25 55.25
N SER A 299 18.37 -8.07 55.35
CA SER A 299 17.60 -6.85 55.57
C SER A 299 17.62 -5.97 54.33
N ASN A 300 18.78 -5.92 53.69
CA ASN A 300 18.97 -5.17 52.45
C ASN A 300 18.54 -3.71 52.54
N PRO A 301 19.25 -2.90 53.34
CA PRO A 301 18.92 -1.49 53.49
C PRO A 301 19.03 -0.76 52.15
N GLY A 302 19.96 -1.18 51.30
CA GLY A 302 20.11 -0.63 49.97
C GLY A 302 18.84 -0.68 49.13
N HIS A 303 18.21 -1.84 49.08
CA HIS A 303 16.98 -2.02 48.31
C HIS A 303 15.88 -1.11 48.84
N TYR A 304 15.82 -0.96 50.16
CA TYR A 304 14.80 -0.15 50.80
C TYR A 304 14.90 1.31 50.35
N LEU A 305 16.10 1.87 50.44
CA LEU A 305 16.31 3.25 50.03
C LEU A 305 16.26 3.38 48.52
N GLY A 306 16.70 2.33 47.83
CA GLY A 306 16.57 2.25 46.39
C GLY A 306 15.12 2.35 46.00
N HIS A 307 14.29 1.58 46.69
CA HIS A 307 12.85 1.52 46.42
C HIS A 307 12.15 2.85 46.61
N LEU A 308 12.58 3.62 47.60
CA LEU A 308 11.91 4.88 47.93
C LEU A 308 12.38 6.04 47.04
N ILE A 309 13.67 6.34 47.08
CA ILE A 309 14.24 7.36 46.19
C ILE A 309 13.89 7.10 44.73
N GLY A 310 13.94 5.84 44.34
CA GLY A 310 13.71 5.46 42.95
C GLY A 310 12.25 5.42 42.54
N HIS A 311 11.36 5.49 43.52
CA HIS A 311 9.92 5.34 43.27
C HIS A 311 9.43 6.35 42.25
N GLU A 312 8.41 5.97 41.48
CA GLU A 312 7.86 6.83 40.43
C GLU A 312 6.39 7.16 40.65
N GLY A 313 5.87 6.84 41.83
CA GLY A 313 4.46 7.06 42.14
C GLY A 313 4.17 8.47 42.59
N PRO A 314 2.89 8.78 42.85
CA PRO A 314 2.45 10.03 43.47
C PRO A 314 3.34 10.48 44.61
N GLY A 315 3.89 11.68 44.50
CA GLY A 315 4.68 12.27 45.57
C GLY A 315 6.12 11.82 45.58
N SER A 316 6.52 11.11 44.53
CA SER A 316 7.90 10.66 44.39
C SER A 316 8.82 11.79 43.99
N LEU A 317 10.12 11.57 44.18
CA LEU A 317 11.14 12.51 43.77
C LEU A 317 11.07 12.80 42.28
N LEU A 318 10.88 11.76 41.49
CA LEU A 318 10.79 11.90 40.04
C LEU A 318 9.58 12.73 39.62
N SER A 319 8.43 12.40 40.19
CA SER A 319 7.18 13.11 39.92
C SER A 319 7.35 14.63 39.88
N GLU A 320 7.98 15.18 40.90
CA GLU A 320 8.24 16.62 40.95
C GLU A 320 9.25 17.07 39.91
N LEU A 321 10.34 16.35 39.77
CA LEU A 321 11.35 16.67 38.77
C LEU A 321 10.75 16.56 37.37
N LYS A 322 9.80 15.65 37.21
CA LYS A 322 9.09 15.51 35.95
C LYS A 322 8.20 16.72 35.69
N SER A 323 7.44 17.12 36.70
CA SER A 323 6.54 18.28 36.62
C SER A 323 7.27 19.59 36.31
N LYS A 324 8.42 19.80 36.97
CA LYS A 324 9.22 20.98 36.70
C LYS A 324 9.80 20.97 35.29
N GLY A 325 9.56 19.89 34.56
CA GLY A 325 10.04 19.72 33.21
C GLY A 325 11.55 19.65 33.10
N TRP A 326 12.19 19.13 34.15
CA TRP A 326 13.65 19.10 34.18
C TRP A 326 14.21 17.73 33.80
N VAL A 327 13.54 16.67 34.22
CA VAL A 327 13.97 15.31 33.88
C VAL A 327 12.80 14.48 33.38
N ASN A 328 13.11 13.37 32.71
CA ASN A 328 12.09 12.48 32.19
C ASN A 328 12.06 11.11 32.86
N THR A 329 13.24 10.63 33.24
CA THR A 329 13.38 9.29 33.82
C THR A 329 14.38 9.35 34.96
N LEU A 330 14.16 8.56 35.99
CA LEU A 330 15.10 8.50 37.10
C LEU A 330 15.37 7.08 37.55
N VAL A 331 16.62 6.81 37.90
CA VAL A 331 17.02 5.53 38.46
C VAL A 331 17.87 5.74 39.71
N GLY A 332 17.50 5.08 40.80
CA GLY A 332 18.25 5.20 42.05
C GLY A 332 18.35 3.90 42.81
N GLY A 333 19.41 3.75 43.59
CA GLY A 333 19.59 2.56 44.42
C GLY A 333 21.05 2.19 44.56
N GLN A 334 21.31 1.05 45.20
CA GLN A 334 22.69 0.62 45.43
C GLN A 334 23.29 0.03 44.16
N LYS A 335 24.55 0.39 43.91
CA LYS A 335 25.25 -0.08 42.72
C LYS A 335 26.43 -0.93 43.13
N GLU A 336 26.50 -2.14 42.56
CA GLU A 336 27.57 -3.06 42.88
C GLU A 336 28.93 -2.44 42.65
N GLY A 337 29.86 -2.75 43.53
CA GLY A 337 31.22 -2.25 43.42
C GLY A 337 32.16 -3.43 43.44
N ALA A 338 32.72 -3.71 44.60
CA ALA A 338 33.43 -4.95 44.82
C ALA A 338 33.39 -5.33 46.30
N ARG A 339 34.04 -6.44 46.66
CA ARG A 339 34.10 -6.83 48.06
C ARG A 339 34.83 -5.79 48.89
N GLY A 340 34.05 -4.99 49.61
CA GLY A 340 34.61 -3.96 50.46
C GLY A 340 34.09 -2.56 50.16
N PHE A 341 33.54 -2.37 48.97
CA PHE A 341 32.94 -1.08 48.65
C PHE A 341 31.76 -1.19 47.69
N MET A 342 30.83 -0.26 47.84
CA MET A 342 29.65 -0.20 46.99
C MET A 342 29.39 1.26 46.64
N PHE A 343 28.40 1.51 45.80
CA PHE A 343 27.99 2.87 45.51
C PHE A 343 26.49 2.99 45.70
N PHE A 344 26.03 4.19 46.00
CA PHE A 344 24.62 4.51 45.90
C PHE A 344 24.48 5.61 44.86
N ILE A 345 23.64 5.39 43.86
CA ILE A 345 23.50 6.37 42.80
C ILE A 345 22.08 6.89 42.63
N ILE A 346 22.00 8.11 42.10
CA ILE A 346 20.76 8.66 41.59
C ILE A 346 21.09 9.22 40.21
N ASN A 347 20.48 8.67 39.18
CA ASN A 347 20.81 9.07 37.82
C ASN A 347 19.56 9.46 37.05
N VAL A 348 19.57 10.66 36.50
CA VAL A 348 18.45 11.14 35.71
C VAL A 348 18.89 11.52 34.30
N ASP A 349 17.97 11.43 33.36
CA ASP A 349 18.18 12.05 32.06
C ASP A 349 17.73 13.51 32.13
N LEU A 350 18.24 14.35 31.24
CA LEU A 350 17.94 15.77 31.32
C LEU A 350 17.15 16.26 30.12
N THR A 351 16.24 17.19 30.38
CA THR A 351 15.61 17.95 29.32
C THR A 351 16.52 19.10 28.92
N GLU A 352 16.10 19.89 27.95
CA GLU A 352 16.82 21.10 27.59
C GLU A 352 16.91 22.01 28.81
N GLU A 353 15.77 22.17 29.48
CA GLU A 353 15.66 23.01 30.67
C GLU A 353 16.45 22.45 31.85
N GLY A 354 16.28 21.15 32.09
CA GLY A 354 16.95 20.48 33.19
C GLY A 354 18.44 20.68 33.23
N LEU A 355 19.05 20.73 32.05
CA LEU A 355 20.49 20.91 31.94
C LEU A 355 20.93 22.22 32.57
N LEU A 356 20.04 23.21 32.54
CA LEU A 356 20.34 24.52 33.13
C LEU A 356 19.89 24.63 34.57
N HIS A 357 19.21 23.61 35.07
CA HIS A 357 18.78 23.61 36.46
C HIS A 357 19.29 22.38 37.20
N VAL A 358 20.53 22.00 36.94
CA VAL A 358 21.11 20.81 37.52
C VAL A 358 21.35 20.98 39.01
N GLU A 359 21.83 22.16 39.40
CA GLU A 359 22.08 22.47 40.79
C GLU A 359 20.77 22.45 41.58
N ASP A 360 19.71 22.91 40.94
CA ASP A 360 18.36 22.83 41.51
C ASP A 360 17.89 21.39 41.66
N ILE A 361 18.06 20.60 40.59
CA ILE A 361 17.65 19.20 40.60
C ILE A 361 18.27 18.44 41.75
N ILE A 362 19.58 18.58 41.92
CA ILE A 362 20.28 17.93 43.01
C ILE A 362 19.72 18.34 44.38
N LEU A 363 19.48 19.64 44.56
CA LEU A 363 18.83 20.13 45.77
C LEU A 363 17.54 19.37 46.06
N HIS A 364 16.68 19.28 45.07
CA HIS A 364 15.44 18.51 45.17
C HIS A 364 15.71 17.07 45.60
N MET A 365 16.80 16.49 45.09
CA MET A 365 17.18 15.13 45.47
C MET A 365 17.47 15.09 46.97
N PHE A 366 18.25 16.06 47.43
CA PHE A 366 18.62 16.15 48.84
C PHE A 366 17.42 16.52 49.71
N GLN A 367 16.42 17.18 49.13
CA GLN A 367 15.22 17.52 49.88
C GLN A 367 14.37 16.29 50.11
N TYR A 368 14.48 15.33 49.21
CA TYR A 368 13.76 14.07 49.35
C TYR A 368 14.44 13.18 50.37
N ILE A 369 15.76 13.09 50.27
CA ILE A 369 16.54 12.30 51.22
C ILE A 369 16.34 12.83 52.63
N GLN A 370 16.21 14.14 52.77
CA GLN A 370 15.92 14.75 54.06
C GLN A 370 14.54 14.35 54.55
N LYS A 371 13.57 14.32 53.64
CA LYS A 371 12.23 13.84 53.96
C LYS A 371 12.30 12.43 54.53
N LEU A 372 13.08 11.57 53.89
CA LEU A 372 13.22 10.19 54.34
C LEU A 372 13.79 10.15 55.75
N ARG A 373 14.78 10.99 56.00
CA ARG A 373 15.42 11.06 57.30
C ARG A 373 14.43 11.49 58.37
N ALA A 374 13.60 12.46 58.03
CA ALA A 374 12.66 13.02 58.99
C ALA A 374 11.49 12.09 59.29
N GLU A 375 11.20 11.17 58.38
CA GLU A 375 10.08 10.26 58.55
C GLU A 375 10.52 8.99 59.27
N GLY A 376 11.82 8.69 59.19
CA GLY A 376 12.36 7.50 59.82
C GLY A 376 12.07 6.25 59.02
N PRO A 377 12.72 5.13 59.37
CA PRO A 377 12.48 3.84 58.74
C PRO A 377 11.03 3.39 58.89
N GLN A 378 10.43 2.93 57.80
CA GLN A 378 9.04 2.53 57.80
C GLN A 378 8.91 1.01 57.70
N GLU A 379 8.47 0.35 58.77
CA GLU A 379 8.38 -1.11 58.75
C GLU A 379 7.40 -1.61 57.69
N TRP A 380 6.26 -0.94 57.59
CA TRP A 380 5.24 -1.36 56.64
C TRP A 380 5.76 -1.36 55.21
N VAL A 381 6.78 -0.54 54.95
CA VAL A 381 7.41 -0.50 53.63
C VAL A 381 8.24 -1.76 53.45
N PHE A 382 9.07 -2.05 54.44
CA PHE A 382 9.79 -3.31 54.50
C PHE A 382 8.81 -4.47 54.44
N GLN A 383 7.75 -4.37 55.24
CA GLN A 383 6.70 -5.38 55.27
C GLN A 383 6.16 -5.65 53.87
N GLU A 384 5.96 -4.58 53.12
CA GLU A 384 5.52 -4.67 51.74
C GLU A 384 6.56 -5.29 50.81
N LEU A 385 7.78 -4.78 50.85
CA LEU A 385 8.85 -5.27 50.00
C LEU A 385 9.12 -6.75 50.23
N LYS A 386 9.04 -7.16 51.48
CA LYS A 386 9.25 -8.54 51.87
C LYS A 386 8.18 -9.46 51.28
N ASP A 387 6.94 -8.98 51.23
CA ASP A 387 5.82 -9.78 50.76
C ASP A 387 5.81 -9.91 49.25
N LEU A 388 6.21 -8.84 48.56
CA LEU A 388 6.28 -8.88 47.11
C LEU A 388 7.34 -9.87 46.66
N ASN A 389 8.51 -9.76 47.27
CA ASN A 389 9.58 -10.72 47.05
C ASN A 389 9.16 -12.14 47.35
N ALA A 390 8.58 -12.36 48.52
CA ALA A 390 8.09 -13.67 48.93
C ALA A 390 7.19 -14.30 47.87
N VAL A 391 6.31 -13.50 47.29
CA VAL A 391 5.42 -13.96 46.23
C VAL A 391 6.20 -14.17 44.96
N ALA A 392 7.02 -13.20 44.59
CA ALA A 392 7.84 -13.28 43.39
C ALA A 392 8.65 -14.57 43.35
N PHE A 393 9.13 -15.00 44.51
CA PHE A 393 9.92 -16.23 44.60
C PHE A 393 9.05 -17.47 44.55
N ARG A 394 7.89 -17.41 45.20
CA ARG A 394 7.00 -18.56 45.24
C ARG A 394 6.52 -18.91 43.84
N PHE A 395 6.16 -17.88 43.07
CA PHE A 395 5.56 -18.11 41.77
C PHE A 395 6.54 -17.70 40.68
N LYS A 396 7.81 -18.02 40.93
CA LYS A 396 8.88 -17.68 40.01
C LYS A 396 8.78 -18.54 38.76
N ASP A 397 9.06 -17.94 37.61
CA ASP A 397 9.04 -18.66 36.34
C ASP A 397 10.20 -19.63 36.27
N LYS A 398 9.99 -20.78 35.65
CA LYS A 398 11.06 -21.74 35.49
C LYS A 398 12.06 -21.20 34.49
N GLU A 399 13.34 -21.23 34.87
CA GLU A 399 14.39 -20.62 34.06
C GLU A 399 14.99 -21.59 33.05
N ARG A 400 15.54 -21.06 31.98
CA ARG A 400 16.33 -21.86 31.06
C ARG A 400 17.60 -22.29 31.77
N PRO A 401 17.96 -23.57 31.62
CA PRO A 401 19.09 -24.19 32.32
C PRO A 401 20.39 -23.40 32.26
N ARG A 402 20.74 -22.89 31.09
CA ARG A 402 22.03 -22.20 30.92
C ARG A 402 22.18 -21.00 31.84
N GLY A 403 21.18 -20.11 31.83
CA GLY A 403 21.24 -18.90 32.63
C GLY A 403 21.06 -19.18 34.10
N TYR A 404 20.39 -20.29 34.41
CA TYR A 404 20.10 -20.67 35.79
C TYR A 404 21.35 -21.17 36.51
N THR A 405 22.04 -22.12 35.90
CA THR A 405 23.30 -22.63 36.43
C THR A 405 24.32 -21.51 36.60
N SER A 406 24.49 -20.71 35.55
CA SER A 406 25.39 -19.57 35.58
C SER A 406 25.10 -18.64 36.75
N LYS A 407 23.84 -18.24 36.87
CA LYS A 407 23.38 -17.38 37.95
C LYS A 407 23.73 -17.90 39.34
N ILE A 408 23.51 -19.19 39.57
CA ILE A 408 23.72 -19.78 40.90
C ILE A 408 25.21 -19.95 41.20
N ALA A 409 25.96 -20.40 40.21
CA ALA A 409 27.42 -20.50 40.30
C ALA A 409 28.05 -19.22 40.84
N GLY A 410 27.51 -18.08 40.42
CA GLY A 410 27.99 -16.80 40.88
C GLY A 410 27.67 -16.53 42.34
N ILE A 411 26.46 -16.89 42.76
CA ILE A 411 25.98 -16.53 44.09
C ILE A 411 26.26 -17.61 45.13
N LEU A 412 26.81 -18.73 44.69
CA LEU A 412 27.27 -19.76 45.62
C LEU A 412 28.43 -19.25 46.48
N HIS A 413 29.13 -18.22 46.00
CA HIS A 413 30.24 -17.63 46.73
C HIS A 413 29.80 -16.76 47.89
N TYR A 414 28.52 -16.40 47.90
CA TYR A 414 28.05 -15.39 48.85
C TYR A 414 27.05 -15.90 49.88
N TYR A 415 26.54 -17.10 49.68
CA TYR A 415 25.47 -17.59 50.54
C TYR A 415 25.68 -19.05 50.91
N PRO A 416 25.25 -19.44 52.12
CA PRO A 416 25.25 -20.85 52.50
C PRO A 416 24.45 -21.68 51.52
N LEU A 417 24.83 -22.93 51.30
CA LEU A 417 24.21 -23.76 50.26
C LEU A 417 22.70 -23.79 50.37
N GLU A 418 22.21 -23.94 51.59
CA GLU A 418 20.79 -24.08 51.82
C GLU A 418 20.00 -22.83 51.41
N GLU A 419 20.69 -21.70 51.32
CA GLU A 419 20.00 -20.44 51.03
C GLU A 419 20.20 -19.87 49.64
N VAL A 420 20.93 -20.56 48.76
CA VAL A 420 21.29 -19.95 47.48
C VAL A 420 20.07 -19.61 46.65
N LEU A 421 19.08 -20.49 46.69
CA LEU A 421 17.85 -20.29 45.94
C LEU A 421 17.01 -19.14 46.49
N THR A 422 16.95 -19.03 47.82
CA THR A 422 16.15 -18.00 48.47
C THR A 422 16.85 -16.69 48.75
N ALA A 423 18.18 -16.70 48.73
CA ALA A 423 18.98 -15.64 49.33
C ALA A 423 18.69 -14.26 48.74
N GLU A 424 18.56 -14.19 47.43
CA GLU A 424 18.35 -12.90 46.78
C GLU A 424 16.88 -12.56 46.66
N TYR A 425 16.01 -13.37 47.26
CA TYR A 425 14.59 -13.06 47.19
C TYR A 425 13.99 -12.71 48.55
N LEU A 426 14.27 -13.52 49.56
CA LEU A 426 13.52 -13.44 50.81
C LEU A 426 14.16 -12.51 51.82
N LEU A 427 13.36 -11.58 52.33
CA LEU A 427 13.79 -10.66 53.40
C LEU A 427 13.35 -11.17 54.76
N GLU A 428 14.19 -10.94 55.76
CA GLU A 428 14.00 -11.53 57.08
C GLU A 428 14.03 -10.51 58.19
N GLU A 429 15.08 -9.69 58.22
CA GLU A 429 15.29 -8.77 59.32
C GLU A 429 14.90 -7.34 58.96
N PHE A 430 13.98 -6.77 59.70
CA PHE A 430 13.73 -5.33 59.58
C PHE A 430 14.81 -4.61 60.38
N ARG A 431 15.62 -3.82 59.69
CA ARG A 431 16.77 -3.19 60.34
C ARG A 431 16.77 -1.68 60.22
N PRO A 432 15.99 -1.01 61.08
CA PRO A 432 15.86 0.45 61.05
C PRO A 432 17.20 1.14 61.24
N ASP A 433 18.15 0.46 61.85
CA ASP A 433 19.46 1.05 62.14
C ASP A 433 20.34 1.11 60.89
N LEU A 434 20.28 0.06 60.08
CA LEU A 434 21.09 0.01 58.87
C LEU A 434 20.53 0.94 57.82
N ILE A 435 19.21 1.11 57.86
CA ILE A 435 18.54 2.01 56.95
C ILE A 435 18.99 3.42 57.26
N GLU A 436 18.84 3.79 58.52
CA GLU A 436 19.30 5.07 59.03
C GLU A 436 20.80 5.25 58.88
N MET A 437 21.55 4.15 58.84
CA MET A 437 23.01 4.22 58.69
C MET A 437 23.47 4.48 57.27
N VAL A 438 22.76 3.92 56.30
CA VAL A 438 23.09 4.12 54.90
C VAL A 438 22.59 5.49 54.50
N LEU A 439 21.46 5.87 55.08
CA LEU A 439 20.86 7.18 54.83
C LEU A 439 21.78 8.30 55.30
N ASP A 440 22.61 8.01 56.29
CA ASP A 440 23.57 8.97 56.81
C ASP A 440 24.75 9.24 55.86
N LYS A 441 24.97 8.32 54.93
CA LYS A 441 26.08 8.46 53.97
C LYS A 441 25.69 9.27 52.74
N LEU A 442 24.39 9.36 52.49
CA LEU A 442 23.90 10.11 51.33
C LEU A 442 23.78 11.58 51.68
N ARG A 443 24.92 12.23 51.91
CA ARG A 443 24.94 13.62 52.32
C ARG A 443 25.81 14.41 51.33
N PRO A 444 25.52 15.71 51.16
CA PRO A 444 26.24 16.55 50.20
C PRO A 444 27.75 16.58 50.39
N GLU A 445 28.23 16.56 51.63
CA GLU A 445 29.65 16.63 51.88
C GLU A 445 30.48 15.45 51.35
N ASN A 446 29.83 14.42 50.82
CA ASN A 446 30.58 13.33 50.19
C ASN A 446 29.98 12.85 48.86
N VAL A 447 29.49 13.79 48.05
CA VAL A 447 28.83 13.47 46.79
C VAL A 447 29.72 13.66 45.56
N ARG A 448 29.47 12.88 44.52
CA ARG A 448 30.06 13.12 43.20
C ARG A 448 28.99 13.37 42.15
N VAL A 449 29.20 14.40 41.34
CA VAL A 449 28.25 14.77 40.29
C VAL A 449 28.89 14.74 38.90
N ALA A 450 28.23 14.10 37.95
CA ALA A 450 28.70 14.09 36.57
C ALA A 450 27.59 14.51 35.61
N ILE A 451 27.90 15.46 34.75
CA ILE A 451 26.93 15.94 33.76
C ILE A 451 27.41 15.58 32.36
N VAL A 452 26.60 14.80 31.64
CA VAL A 452 26.95 14.41 30.28
C VAL A 452 26.13 15.19 29.27
N SER A 453 26.79 15.95 28.40
CA SER A 453 26.09 16.80 27.47
C SER A 453 26.96 17.24 26.29
N LYS A 454 26.34 17.32 25.11
CA LYS A 454 26.99 17.80 23.91
C LYS A 454 27.51 19.24 24.05
N SER A 455 26.96 19.97 25.02
CA SER A 455 27.28 21.38 25.20
C SER A 455 28.62 21.62 25.89
N PHE A 456 29.32 20.55 26.25
CA PHE A 456 30.65 20.70 26.84
C PHE A 456 31.71 20.48 25.78
N GLU A 457 31.25 20.26 24.55
CA GLU A 457 32.12 20.05 23.40
C GLU A 457 33.04 21.26 23.19
N GLY A 458 34.34 21.00 23.12
CA GLY A 458 35.32 22.05 22.95
C GLY A 458 35.67 22.79 24.23
N LYS A 459 34.82 22.69 25.23
CA LYS A 459 35.05 23.33 26.53
C LYS A 459 35.75 22.40 27.51
N THR A 460 36.21 21.25 27.03
CA THR A 460 36.88 20.29 27.90
C THR A 460 38.39 20.45 27.83
N ASP A 461 39.09 19.93 28.84
CA ASP A 461 40.53 20.08 28.92
C ASP A 461 41.25 18.78 29.28
N ARG A 462 40.49 17.70 29.41
CA ARG A 462 41.06 16.42 29.83
C ARG A 462 40.60 15.29 28.94
N THR A 463 41.42 14.25 28.85
CA THR A 463 41.13 13.09 28.00
C THR A 463 41.35 11.79 28.74
N GLU A 464 40.35 10.90 28.69
CA GLU A 464 40.50 9.59 29.31
C GLU A 464 41.17 8.66 28.31
N GLU A 465 42.24 8.00 28.72
CA GLU A 465 43.14 7.32 27.79
C GLU A 465 42.49 6.18 26.98
N TRP A 466 41.85 5.22 27.63
CA TRP A 466 41.45 4.00 26.95
C TRP A 466 40.28 4.14 25.97
N TYR A 467 39.38 5.08 26.24
CA TYR A 467 38.21 5.27 25.37
C TYR A 467 38.28 6.59 24.64
N GLY A 468 39.20 7.46 25.06
CA GLY A 468 39.36 8.77 24.46
C GLY A 468 38.38 9.82 24.95
N THR A 469 37.56 9.45 25.95
CA THR A 469 36.56 10.36 26.50
C THR A 469 37.15 11.69 26.93
N GLN A 470 36.52 12.80 26.52
CA GLN A 470 37.00 14.11 26.90
C GLN A 470 36.07 14.77 27.90
N TYR A 471 36.64 15.13 29.04
CA TYR A 471 35.87 15.67 30.14
C TYR A 471 36.59 16.81 30.84
N LYS A 472 36.03 17.27 31.93
CA LYS A 472 36.61 18.36 32.65
C LYS A 472 36.19 18.25 34.09
N GLN A 473 37.14 18.43 34.99
CA GLN A 473 36.97 18.15 36.41
C GLN A 473 37.00 19.43 37.23
N GLU A 474 36.04 19.58 38.13
CA GLU A 474 35.95 20.76 38.98
C GLU A 474 35.58 20.42 40.41
N ALA A 475 36.07 21.22 41.34
CA ALA A 475 35.59 21.15 42.71
C ALA A 475 34.26 21.86 42.79
N ILE A 476 33.32 21.28 43.50
CA ILE A 476 32.02 21.91 43.67
C ILE A 476 32.16 23.01 44.71
N PRO A 477 31.80 24.26 44.33
CA PRO A 477 31.96 25.39 45.24
C PRO A 477 31.23 25.16 46.55
N ASP A 478 31.83 25.58 47.65
CA ASP A 478 31.31 25.29 48.98
C ASP A 478 29.96 25.96 49.21
N GLU A 479 29.79 27.15 48.64
CA GLU A 479 28.50 27.84 48.60
C GLU A 479 27.39 26.90 48.16
N VAL A 480 27.70 26.03 47.20
CA VAL A 480 26.73 25.10 46.65
C VAL A 480 26.51 23.90 47.57
N ILE A 481 27.60 23.36 48.09
CA ILE A 481 27.52 22.27 49.05
C ILE A 481 26.70 22.68 50.25
N LYS A 482 27.09 23.79 50.86
CA LYS A 482 26.34 24.37 51.99
C LYS A 482 24.85 24.50 51.69
N LYS A 483 24.52 25.05 50.53
CA LYS A 483 23.13 25.29 50.18
C LYS A 483 22.37 23.97 49.96
N TRP A 484 23.09 22.92 49.58
CA TRP A 484 22.47 21.59 49.51
C TRP A 484 22.30 21.01 50.90
N GLN A 485 23.32 21.20 51.74
CA GLN A 485 23.29 20.71 53.11
C GLN A 485 22.10 21.27 53.88
N ASN A 486 21.72 22.50 53.58
CA ASN A 486 20.58 23.13 54.22
C ASN A 486 19.28 22.88 53.47
N ALA A 487 19.11 21.64 53.01
CA ALA A 487 17.89 21.26 52.31
C ALA A 487 16.72 21.18 53.28
N ASP A 488 15.89 22.22 53.29
CA ASP A 488 14.66 22.19 54.07
C ASP A 488 13.69 21.20 53.44
N LEU A 489 12.63 20.87 54.16
CA LEU A 489 11.63 19.97 53.61
C LEU A 489 10.88 20.61 52.46
N ASN A 490 10.47 19.78 51.50
CA ASN A 490 9.66 20.22 50.39
C ASN A 490 8.33 19.50 50.51
N GLY A 491 7.23 20.25 50.43
CA GLY A 491 5.92 19.69 50.66
C GLY A 491 5.25 19.04 49.46
N LYS A 492 6.02 18.83 48.40
CA LYS A 492 5.50 18.13 47.24
C LYS A 492 5.89 16.65 47.32
N PHE A 493 6.81 16.34 48.23
CA PHE A 493 7.30 14.98 48.42
C PHE A 493 6.62 14.26 49.57
N LYS A 494 5.89 13.19 49.28
CA LYS A 494 5.40 12.30 50.33
C LYS A 494 5.87 10.88 50.03
N LEU A 495 5.96 10.03 51.05
CA LEU A 495 6.23 8.61 50.83
C LEU A 495 5.05 7.96 50.12
N PRO A 496 5.30 6.80 49.49
CA PRO A 496 4.19 6.12 48.80
C PRO A 496 3.18 5.58 49.79
N THR A 497 1.92 5.54 49.39
CA THR A 497 0.89 4.88 50.19
C THR A 497 0.92 3.38 49.93
N LYS A 498 0.04 2.65 50.60
CA LYS A 498 -0.07 1.21 50.40
C LYS A 498 -0.23 0.89 48.91
N ASN A 499 0.56 -0.09 48.44
CA ASN A 499 0.45 -0.55 47.06
C ASN A 499 -0.85 -1.31 46.88
N GLU A 500 -1.73 -0.76 46.05
CA GLU A 500 -3.07 -1.30 45.90
C GLU A 500 -3.12 -2.38 44.82
N PHE A 501 -1.99 -2.63 44.17
CA PHE A 501 -1.93 -3.61 43.11
C PHE A 501 -1.32 -4.93 43.54
N ILE A 502 -0.98 -5.04 44.82
CA ILE A 502 -0.45 -6.28 45.35
C ILE A 502 -1.48 -7.38 45.22
N PRO A 503 -1.12 -8.49 44.56
CA PRO A 503 -2.07 -9.58 44.35
C PRO A 503 -2.36 -10.34 45.64
N THR A 504 -3.60 -10.81 45.78
CA THR A 504 -3.99 -11.58 46.93
C THR A 504 -4.60 -12.91 46.51
N ASN A 505 -5.21 -12.93 45.32
CA ASN A 505 -5.85 -14.14 44.81
C ASN A 505 -4.93 -14.88 43.84
N PHE A 506 -4.42 -16.03 44.28
CA PHE A 506 -3.48 -16.81 43.47
C PHE A 506 -4.06 -18.16 43.14
N GLU A 507 -5.38 -18.26 43.27
CA GLU A 507 -6.07 -19.52 43.05
C GLU A 507 -5.93 -19.92 41.59
N ILE A 508 -5.51 -21.15 41.35
CA ILE A 508 -5.38 -21.68 40.00
C ILE A 508 -6.69 -22.29 39.55
N LEU A 509 -7.36 -21.62 38.61
CA LEU A 509 -8.66 -22.06 38.15
C LEU A 509 -8.58 -23.43 37.50
N PRO A 510 -9.56 -24.30 37.80
CA PRO A 510 -9.57 -25.69 37.32
C PRO A 510 -9.57 -25.78 35.80
N LEU A 511 -8.91 -26.81 35.28
CA LEU A 511 -8.76 -26.94 33.84
C LEU A 511 -10.11 -27.30 33.21
N GLU A 512 -10.57 -26.44 32.31
CA GLU A 512 -11.89 -26.57 31.71
C GLU A 512 -12.06 -27.86 30.92
N LYS A 513 -13.30 -28.26 30.72
CA LYS A 513 -13.62 -29.50 30.00
C LYS A 513 -13.22 -29.45 28.54
N GLU A 514 -13.60 -28.36 27.86
CA GLU A 514 -13.28 -28.19 26.44
C GLU A 514 -11.96 -27.44 26.21
N ALA A 515 -10.97 -27.68 27.07
CA ALA A 515 -9.68 -27.01 26.94
C ALA A 515 -8.76 -27.73 25.95
N THR A 516 -7.94 -26.97 25.23
CA THR A 516 -7.16 -27.48 24.11
C THR A 516 -5.65 -27.32 24.29
N PRO A 517 -4.87 -28.26 23.72
CA PRO A 517 -3.40 -28.18 23.65
C PRO A 517 -2.86 -26.90 23.01
N TYR A 518 -3.50 -26.44 21.94
CA TYR A 518 -3.07 -25.23 21.26
C TYR A 518 -4.14 -24.13 21.39
N PRO A 519 -3.78 -22.86 21.09
CA PRO A 519 -4.78 -21.80 21.19
C PRO A 519 -5.90 -21.97 20.18
N ALA A 520 -7.13 -21.81 20.65
CA ALA A 520 -8.29 -21.94 19.78
C ALA A 520 -8.84 -20.57 19.39
N LEU A 521 -9.36 -20.47 18.18
CA LEU A 521 -10.03 -19.27 17.75
C LEU A 521 -11.46 -19.28 18.28
N ILE A 522 -11.70 -18.47 19.31
CA ILE A 522 -12.95 -18.56 20.06
C ILE A 522 -13.83 -17.36 19.76
N LYS A 523 -13.29 -16.43 18.99
CA LYS A 523 -14.05 -15.28 18.52
C LYS A 523 -13.49 -14.75 17.20
N ASP A 524 -14.37 -14.60 16.21
CA ASP A 524 -13.92 -14.25 14.88
C ASP A 524 -14.92 -13.31 14.21
N THR A 525 -14.88 -12.03 14.58
CA THR A 525 -15.81 -11.04 14.08
C THR A 525 -15.08 -9.99 13.25
N ALA A 526 -15.85 -9.16 12.55
CA ALA A 526 -15.28 -8.08 11.77
C ALA A 526 -14.45 -7.13 12.61
N MET A 527 -14.83 -6.99 13.87
CA MET A 527 -14.12 -6.10 14.78
C MET A 527 -12.83 -6.72 15.32
N SER A 528 -12.88 -8.01 15.65
CA SER A 528 -11.77 -8.61 16.37
C SER A 528 -11.72 -10.14 16.25
N LYS A 529 -10.50 -10.66 16.25
CA LYS A 529 -10.24 -12.09 16.14
C LYS A 529 -9.43 -12.58 17.34
N LEU A 530 -10.04 -13.43 18.16
CA LEU A 530 -9.49 -13.79 19.47
C LEU A 530 -8.97 -15.22 19.58
N TRP A 531 -7.69 -15.35 19.91
CA TRP A 531 -7.09 -16.66 20.15
C TRP A 531 -6.93 -16.88 21.65
N PHE A 532 -7.31 -18.06 22.12
CA PHE A 532 -7.30 -18.33 23.55
C PHE A 532 -6.80 -19.72 23.91
N LYS A 533 -5.99 -19.79 24.95
CA LYS A 533 -5.61 -21.06 25.55
C LYS A 533 -5.46 -20.95 27.05
N GLN A 534 -6.18 -21.80 27.77
CA GLN A 534 -5.99 -21.92 29.21
C GLN A 534 -4.70 -22.68 29.47
N ASP A 535 -3.86 -22.12 30.33
CA ASP A 535 -2.57 -22.72 30.65
C ASP A 535 -2.74 -24.15 31.17
N ASP A 536 -2.16 -25.10 30.46
CA ASP A 536 -2.21 -26.50 30.86
C ASP A 536 -0.86 -27.06 31.29
N LYS A 537 0.16 -26.21 31.36
CA LYS A 537 1.51 -26.68 31.66
C LYS A 537 2.12 -26.17 32.95
N PHE A 538 2.03 -24.86 33.22
CA PHE A 538 2.84 -24.24 34.26
C PHE A 538 2.11 -23.97 35.59
N PHE A 539 0.81 -23.70 35.50
CA PHE A 539 -0.04 -23.57 36.68
C PHE A 539 0.44 -22.53 37.68
N LEU A 540 0.78 -21.35 37.18
CA LEU A 540 1.12 -20.23 38.03
C LEU A 540 0.02 -19.20 37.87
N PRO A 541 -0.27 -18.42 38.92
CA PRO A 541 -1.37 -17.46 38.88
C PRO A 541 -1.06 -16.26 37.98
N LYS A 542 -0.59 -16.55 36.77
CA LYS A 542 -0.16 -15.53 35.83
C LYS A 542 -0.98 -15.66 34.55
N ALA A 543 -0.99 -14.60 33.74
CA ALA A 543 -1.63 -14.67 32.44
C ALA A 543 -0.97 -13.67 31.48
N ASN A 544 -1.02 -13.98 30.19
CA ASN A 544 -0.48 -13.09 29.17
C ASN A 544 -1.54 -12.61 28.20
N LEU A 545 -1.77 -11.31 28.15
CA LEU A 545 -2.78 -10.75 27.27
C LEU A 545 -2.14 -9.93 26.16
N ASN A 546 -2.18 -10.46 24.95
CA ASN A 546 -1.54 -9.81 23.80
C ASN A 546 -2.57 -9.27 22.81
N PHE A 547 -2.32 -8.07 22.30
CA PHE A 547 -3.23 -7.42 21.38
C PHE A 547 -2.45 -6.77 20.24
N GLU A 548 -2.88 -7.01 19.02
CA GLU A 548 -2.36 -6.27 17.88
C GLU A 548 -3.49 -5.47 17.27
N PHE A 549 -3.36 -4.15 17.29
CA PHE A 549 -4.37 -3.29 16.71
C PHE A 549 -3.94 -2.90 15.31
N PHE A 550 -4.71 -3.29 14.31
CA PHE A 550 -4.41 -2.88 12.94
C PHE A 550 -5.12 -1.59 12.59
N SER A 551 -4.32 -0.61 12.17
CA SER A 551 -4.85 0.55 11.47
C SER A 551 -3.86 0.93 10.37
N PRO A 552 -4.35 1.19 9.17
CA PRO A 552 -3.46 1.59 8.07
C PRO A 552 -2.87 2.96 8.31
N PHE A 553 -3.55 3.76 9.13
CA PHE A 553 -3.13 5.14 9.40
C PHE A 553 -1.92 5.27 10.30
N ALA A 554 -1.45 4.15 10.84
CA ALA A 554 -0.28 4.18 11.72
C ALA A 554 0.99 4.29 10.92
N TYR A 555 0.94 3.85 9.67
CA TYR A 555 2.14 3.82 8.82
C TYR A 555 1.94 4.37 7.42
N VAL A 556 0.81 5.02 7.16
CA VAL A 556 0.49 5.52 5.83
C VAL A 556 1.60 6.40 5.24
N ASP A 557 2.21 7.23 6.08
CA ASP A 557 3.30 8.10 5.65
C ASP A 557 4.25 8.37 6.83
N PRO A 558 5.40 9.02 6.59
CA PRO A 558 6.32 9.18 7.71
C PRO A 558 5.75 10.01 8.85
N LEU A 559 5.09 11.11 8.50
CA LEU A 559 4.47 11.99 9.50
C LEU A 559 3.52 11.25 10.43
N HIS A 560 2.74 10.34 9.87
CA HIS A 560 1.79 9.57 10.66
C HIS A 560 2.49 8.56 11.55
N SER A 561 3.46 7.85 10.99
CA SER A 561 4.30 6.96 11.78
C SER A 561 4.89 7.72 12.96
N ASN A 562 5.39 8.92 12.71
CA ASN A 562 5.88 9.78 13.77
C ASN A 562 4.83 10.05 14.85
N MET A 563 3.60 10.30 14.43
CA MET A 563 2.56 10.61 15.39
C MET A 563 2.10 9.36 16.13
N ALA A 564 1.94 8.26 15.41
CA ALA A 564 1.65 6.96 16.01
C ALA A 564 2.58 6.67 17.18
N TYR A 565 3.86 6.99 16.99
CA TYR A 565 4.87 6.80 18.02
C TYR A 565 4.67 7.79 19.16
N LEU A 566 4.72 9.08 18.83
CA LEU A 566 4.61 10.15 19.81
C LEU A 566 3.41 10.00 20.71
N TYR A 567 2.30 9.56 20.12
CA TYR A 567 1.04 9.44 20.83
C TYR A 567 1.09 8.36 21.91
N LEU A 568 1.60 7.18 21.55
CA LEU A 568 1.76 6.10 22.52
C LEU A 568 2.82 6.43 23.56
N GLU A 569 3.88 7.08 23.14
CA GLU A 569 4.93 7.52 24.05
C GLU A 569 4.37 8.47 25.10
N LEU A 570 3.50 9.37 24.65
CA LEU A 570 2.85 10.32 25.55
C LEU A 570 1.88 9.63 26.50
N LEU A 571 1.11 8.67 25.98
CA LEU A 571 0.18 7.91 26.80
C LEU A 571 0.92 7.17 27.92
N LYS A 572 1.93 6.40 27.53
CA LYS A 572 2.79 5.69 28.48
C LYS A 572 3.33 6.62 29.56
N ASP A 573 3.78 7.80 29.14
CA ASP A 573 4.31 8.80 30.05
C ASP A 573 3.28 9.14 31.13
N SER A 574 2.06 9.45 30.70
CA SER A 574 0.98 9.81 31.61
C SER A 574 0.63 8.69 32.57
N LEU A 575 0.38 7.50 32.03
CA LEU A 575 0.08 6.31 32.80
C LEU A 575 1.17 5.91 33.78
N ASN A 576 2.42 6.19 33.43
CA ASN A 576 3.59 5.76 34.20
C ASN A 576 3.48 5.91 35.71
N GLU A 577 2.99 7.05 36.16
CA GLU A 577 2.81 7.29 37.59
C GLU A 577 1.89 6.25 38.19
N TYR A 578 0.77 6.00 37.51
CA TYR A 578 -0.21 5.01 37.95
C TYR A 578 0.28 3.59 37.74
N ALA A 579 0.90 3.34 36.59
CA ALA A 579 1.29 2.00 36.20
C ALA A 579 2.44 1.45 37.02
N TYR A 580 3.29 2.35 37.53
CA TYR A 580 4.49 1.95 38.26
C TYR A 580 4.15 1.08 39.47
N ALA A 581 3.16 1.52 40.23
CA ALA A 581 2.63 0.75 41.36
C ALA A 581 2.40 -0.70 40.98
N ALA A 582 1.66 -0.90 39.88
CA ALA A 582 1.37 -2.24 39.39
C ALA A 582 2.63 -2.98 38.99
N GLU A 583 3.51 -2.29 38.27
CA GLU A 583 4.78 -2.85 37.81
C GLU A 583 5.56 -3.50 38.94
N LEU A 584 5.61 -2.85 40.09
CA LEU A 584 6.25 -3.45 41.27
C LEU A 584 5.47 -4.64 41.79
N ALA A 585 4.16 -4.63 41.57
CA ALA A 585 3.31 -5.72 42.03
C ALA A 585 3.31 -6.88 41.04
N GLY A 586 4.36 -6.96 40.23
CA GLY A 586 4.52 -8.06 39.29
C GLY A 586 3.54 -8.05 38.13
N LEU A 587 2.94 -6.90 37.88
CA LEU A 587 2.02 -6.74 36.76
C LEU A 587 2.43 -5.54 35.90
N SER A 588 2.77 -5.78 34.64
CA SER A 588 3.27 -4.71 33.79
C SER A 588 2.68 -4.73 32.40
N TYR A 589 2.90 -3.66 31.66
CA TYR A 589 2.31 -3.52 30.33
C TYR A 589 3.36 -3.05 29.34
N ASP A 590 3.09 -3.29 28.07
CA ASP A 590 4.04 -3.02 27.01
C ASP A 590 3.26 -2.52 25.80
N LEU A 591 3.54 -1.28 25.41
CA LEU A 591 2.72 -0.60 24.43
C LEU A 591 3.61 0.15 23.47
N GLN A 592 3.55 -0.22 22.20
CA GLN A 592 4.37 0.43 21.19
C GLN A 592 3.80 0.27 19.80
N ASN A 593 4.13 1.21 18.92
CA ASN A 593 3.59 1.23 17.58
C ASN A 593 4.36 0.33 16.63
N THR A 594 3.65 -0.32 15.72
CA THR A 594 4.25 -1.14 14.69
C THR A 594 3.97 -0.55 13.31
N ILE A 595 4.57 -1.14 12.29
CA ILE A 595 4.30 -0.72 10.91
C ILE A 595 2.89 -1.10 10.49
N TYR A 596 2.16 -1.75 11.38
CA TYR A 596 0.84 -2.26 11.05
C TYR A 596 -0.24 -1.62 11.91
N GLY A 597 0.19 -0.79 12.86
CA GLY A 597 -0.70 -0.27 13.88
C GLY A 597 -0.03 -0.33 15.25
N MET A 598 -0.78 -0.78 16.25
CA MET A 598 -0.28 -0.77 17.63
C MET A 598 -0.19 -2.16 18.24
N TYR A 599 0.72 -2.31 19.19
CA TYR A 599 0.87 -3.55 19.93
C TYR A 599 0.74 -3.28 21.42
N LEU A 600 0.01 -4.14 22.12
CA LEU A 600 -0.20 -3.98 23.56
C LEU A 600 -0.19 -5.33 24.26
N SER A 601 0.74 -5.50 25.18
CA SER A 601 0.82 -6.72 25.96
C SER A 601 0.68 -6.42 27.44
N VAL A 602 -0.08 -7.25 28.13
CA VAL A 602 -0.20 -7.16 29.58
C VAL A 602 0.12 -8.50 30.21
N LYS A 603 1.21 -8.55 30.95
CA LYS A 603 1.67 -9.79 31.56
C LYS A 603 1.82 -9.69 33.07
N GLY A 604 1.90 -10.84 33.73
CA GLY A 604 2.05 -10.88 35.17
C GLY A 604 0.92 -11.57 35.89
N TYR A 605 0.80 -11.33 37.19
CA TYR A 605 -0.25 -11.94 37.98
C TYR A 605 -1.62 -11.49 37.48
N ASN A 606 -2.47 -12.45 37.16
CA ASN A 606 -3.79 -12.19 36.58
C ASN A 606 -4.79 -11.53 37.53
N ASP A 607 -4.49 -11.56 38.82
CA ASP A 607 -5.45 -11.12 39.83
C ASP A 607 -5.99 -9.73 39.56
N LYS A 608 -5.12 -8.73 39.62
CA LYS A 608 -5.53 -7.36 39.39
C LYS A 608 -5.18 -6.90 37.99
N GLN A 609 -5.08 -7.87 37.08
CA GLN A 609 -4.74 -7.61 35.69
C GLN A 609 -5.81 -6.88 34.87
N PRO A 610 -7.09 -7.28 34.98
CA PRO A 610 -8.07 -6.59 34.13
C PRO A 610 -8.26 -5.13 34.48
N ILE A 611 -7.88 -4.73 35.68
CA ILE A 611 -7.95 -3.34 36.09
C ILE A 611 -6.97 -2.49 35.30
N LEU A 612 -5.75 -2.97 35.14
CA LEU A 612 -4.73 -2.24 34.40
C LEU A 612 -5.10 -2.12 32.92
N LEU A 613 -5.47 -3.24 32.32
CA LEU A 613 -5.89 -3.27 30.92
C LEU A 613 -7.01 -2.26 30.67
N LYS A 614 -7.99 -2.25 31.57
CA LYS A 614 -9.11 -1.33 31.47
C LYS A 614 -8.66 0.12 31.46
N LYS A 615 -7.79 0.47 32.40
CA LYS A 615 -7.30 1.84 32.51
C LYS A 615 -6.53 2.25 31.28
N ILE A 616 -5.70 1.34 30.76
CA ILE A 616 -4.92 1.63 29.55
C ILE A 616 -5.82 1.98 28.39
N ILE A 617 -6.78 1.11 28.09
CA ILE A 617 -7.68 1.30 26.96
C ILE A 617 -8.48 2.58 27.13
N GLU A 618 -9.11 2.71 28.30
CA GLU A 618 -9.91 3.88 28.61
C GLU A 618 -9.16 5.20 28.46
N LYS A 619 -7.90 5.25 28.88
CA LYS A 619 -7.11 6.47 28.73
C LYS A 619 -6.60 6.62 27.30
N MET A 620 -6.34 5.50 26.66
CA MET A 620 -5.93 5.50 25.26
C MET A 620 -7.04 6.09 24.39
N ALA A 621 -8.29 5.84 24.77
CA ALA A 621 -9.45 6.27 23.99
C ALA A 621 -9.94 7.67 24.35
N THR A 622 -9.54 8.17 25.50
CA THR A 622 -9.96 9.49 25.97
C THR A 622 -8.78 10.39 26.27
N PHE A 623 -7.68 10.16 25.59
CA PHE A 623 -6.41 10.82 25.89
C PHE A 623 -6.48 12.34 25.75
N GLU A 624 -5.91 13.03 26.74
CA GLU A 624 -5.76 14.48 26.69
C GLU A 624 -4.29 14.79 26.89
N ILE A 625 -3.73 15.61 26.00
CA ILE A 625 -2.28 15.74 25.94
C ILE A 625 -1.80 16.97 26.67
N ASP A 626 -0.91 16.78 27.63
CA ASP A 626 -0.24 17.91 28.26
C ASP A 626 0.78 18.43 27.28
N GLU A 627 0.66 19.72 26.94
CA GLU A 627 1.41 20.29 25.84
C GLU A 627 2.89 20.41 26.16
N LYS A 628 3.20 20.64 27.43
CA LYS A 628 4.59 20.66 27.88
C LYS A 628 5.23 19.28 27.70
N ARG A 629 4.48 18.23 28.03
CA ARG A 629 4.95 16.87 27.86
C ARG A 629 5.18 16.56 26.39
N PHE A 630 4.24 16.99 25.55
CA PHE A 630 4.33 16.80 24.11
C PHE A 630 5.63 17.34 23.50
N GLU A 631 5.93 18.59 23.82
CA GLU A 631 7.10 19.23 23.23
C GLU A 631 8.43 18.62 23.71
N ILE A 632 8.46 18.11 24.94
CA ILE A 632 9.68 17.51 25.47
C ILE A 632 9.96 16.16 24.84
N ILE A 633 8.95 15.29 24.88
CA ILE A 633 9.05 13.97 24.26
C ILE A 633 9.43 14.06 22.78
N LYS A 634 8.87 15.05 22.10
CA LYS A 634 9.19 15.30 20.69
C LYS A 634 10.68 15.58 20.53
N GLU A 635 11.20 16.49 21.36
CA GLU A 635 12.62 16.82 21.34
C GLU A 635 13.49 15.58 21.52
N ALA A 636 13.11 14.73 22.47
CA ALA A 636 13.85 13.50 22.74
C ALA A 636 13.82 12.55 21.54
N TYR A 637 12.70 12.52 20.84
CA TYR A 637 12.52 11.62 19.71
C TYR A 637 13.33 12.09 18.53
N MET A 638 13.33 13.39 18.30
CA MET A 638 14.23 14.03 17.34
C MET A 638 15.67 13.57 17.55
N ARG A 639 16.12 13.68 18.80
CA ARG A 639 17.45 13.22 19.17
C ARG A 639 17.63 11.74 18.92
N SER A 640 16.70 10.95 19.45
CA SER A 640 16.70 9.50 19.29
C SER A 640 16.84 9.06 17.84
N LEU A 641 16.14 9.75 16.95
CA LEU A 641 16.26 9.48 15.52
C LEU A 641 17.64 9.86 15.02
N ASN A 642 18.04 11.08 15.34
CA ASN A 642 19.37 11.57 15.02
C ASN A 642 20.45 10.59 15.41
N ASN A 643 20.33 10.02 16.61
CA ASN A 643 21.40 9.25 17.22
C ASN A 643 21.62 7.88 16.58
N PHE A 644 20.74 7.47 15.68
CA PHE A 644 20.95 6.23 14.96
C PHE A 644 22.25 6.23 14.18
N ARG A 645 22.74 7.43 13.87
CA ARG A 645 23.99 7.58 13.13
C ARG A 645 25.18 7.12 13.96
N ALA A 646 24.96 6.86 15.24
CA ALA A 646 26.03 6.44 16.13
C ALA A 646 25.83 5.01 16.67
N GLU A 647 24.88 4.27 16.13
CA GLU A 647 24.78 2.85 16.45
C GLU A 647 25.86 2.07 15.71
N GLN A 648 25.94 0.78 15.97
CA GLN A 648 27.02 -0.05 15.44
C GLN A 648 26.87 -0.28 13.95
N PRO A 649 28.00 -0.39 13.24
CA PRO A 649 28.04 -0.65 11.80
C PRO A 649 27.20 -1.84 11.36
N HIS A 650 27.25 -2.93 12.12
CA HIS A 650 26.48 -4.11 11.78
C HIS A 650 24.98 -3.86 11.99
N GLN A 651 24.62 -2.93 12.87
CA GLN A 651 23.23 -2.57 13.03
C GLN A 651 22.77 -1.70 11.87
N HIS A 652 23.69 -0.91 11.34
CA HIS A 652 23.41 -0.10 10.16
C HIS A 652 23.13 -1.04 8.98
N ALA A 653 24.01 -2.00 8.80
CA ALA A 653 23.86 -3.03 7.76
C ALA A 653 22.50 -3.70 7.85
N MET A 654 22.18 -4.23 9.02
CA MET A 654 20.88 -4.86 9.25
C MET A 654 19.74 -3.91 8.92
N TYR A 655 19.87 -2.67 9.34
CA TYR A 655 18.87 -1.65 9.12
C TYR A 655 18.62 -1.40 7.63
N TYR A 656 19.69 -1.14 6.88
CA TYR A 656 19.59 -0.91 5.44
C TYR A 656 18.95 -2.08 4.69
N LEU A 657 19.39 -3.29 4.99
CA LEU A 657 18.80 -4.48 4.36
C LEU A 657 17.29 -4.53 4.59
N ARG A 658 16.90 -4.41 5.85
CA ARG A 658 15.49 -4.39 6.23
C ARG A 658 14.74 -3.28 5.48
N LEU A 659 15.42 -2.16 5.24
CA LEU A 659 14.85 -1.08 4.42
C LEU A 659 14.72 -1.49 2.97
N LEU A 660 15.74 -2.19 2.46
CA LEU A 660 15.79 -2.59 1.07
C LEU A 660 14.79 -3.67 0.69
N MET A 661 14.52 -4.57 1.63
CA MET A 661 13.83 -5.81 1.29
C MET A 661 12.35 -5.79 1.65
N THR A 662 11.90 -4.74 2.33
CA THR A 662 10.49 -4.62 2.65
C THR A 662 9.81 -3.63 1.69
N GLU A 663 8.61 -3.99 1.26
CA GLU A 663 7.86 -3.21 0.29
C GLU A 663 7.66 -1.76 0.75
N VAL A 664 7.27 -1.58 2.00
CA VAL A 664 7.09 -0.24 2.54
C VAL A 664 7.88 -0.09 3.84
N ALA A 665 8.76 0.91 3.86
CA ALA A 665 9.57 1.20 5.04
C ALA A 665 10.13 2.60 4.97
N TRP A 666 9.77 3.43 5.95
CA TRP A 666 10.29 4.79 6.01
C TRP A 666 11.64 4.79 6.71
N THR A 667 12.57 5.60 6.20
CA THR A 667 13.91 5.66 6.76
C THR A 667 13.97 6.73 7.83
N LYS A 668 15.05 6.75 8.60
CA LYS A 668 15.23 7.73 9.67
C LYS A 668 15.14 9.16 9.15
N ASP A 669 15.79 9.42 8.01
CA ASP A 669 15.85 10.77 7.46
C ASP A 669 14.48 11.25 7.00
N GLU A 670 13.69 10.35 6.43
CA GLU A 670 12.31 10.67 6.10
C GLU A 670 11.54 11.06 7.37
N LEU A 671 11.72 10.27 8.41
CA LEU A 671 11.01 10.49 9.68
C LEU A 671 11.40 11.79 10.36
N LYS A 672 12.70 12.05 10.51
CA LYS A 672 13.11 13.25 11.21
C LYS A 672 12.84 14.50 10.38
N GLU A 673 12.71 14.34 9.07
CA GLU A 673 12.37 15.48 8.22
C GLU A 673 10.89 15.80 8.45
N ALA A 674 10.08 14.75 8.40
CA ALA A 674 8.65 14.84 8.67
C ALA A 674 8.29 15.24 10.10
N LEU A 675 9.26 15.16 11.01
CA LEU A 675 8.96 15.35 12.43
C LEU A 675 8.87 16.80 12.86
N ASP A 676 9.62 17.69 12.21
CA ASP A 676 9.53 19.12 12.51
C ASP A 676 8.20 19.71 12.05
N ASP A 677 7.27 18.84 11.66
CA ASP A 677 5.99 19.25 11.09
C ASP A 677 4.85 18.71 11.92
N VAL A 678 5.19 17.96 12.96
CA VAL A 678 4.17 17.42 13.85
C VAL A 678 3.86 18.44 14.93
N THR A 679 2.73 19.11 14.79
CA THR A 679 2.30 20.11 15.77
C THR A 679 1.29 19.51 16.71
N LEU A 680 1.09 20.16 17.85
CA LEU A 680 0.12 19.70 18.83
C LEU A 680 -1.30 19.59 18.26
N PRO A 681 -1.80 20.65 17.57
CA PRO A 681 -3.13 20.47 16.96
C PRO A 681 -3.21 19.32 15.97
N ARG A 682 -2.18 19.16 15.14
CA ARG A 682 -2.17 18.10 14.13
C ARG A 682 -2.20 16.70 14.74
N LEU A 683 -1.53 16.54 15.88
CA LEU A 683 -1.50 15.23 16.55
C LEU A 683 -2.80 14.93 17.29
N LYS A 684 -3.35 15.94 17.94
CA LYS A 684 -4.61 15.79 18.65
C LYS A 684 -5.73 15.37 17.70
N ALA A 685 -5.66 15.83 16.46
CA ALA A 685 -6.57 15.39 15.40
C ALA A 685 -6.27 13.96 14.93
N PHE A 686 -4.99 13.59 14.92
CA PHE A 686 -4.56 12.27 14.47
C PHE A 686 -5.14 11.13 15.30
N ILE A 687 -5.08 11.27 16.62
CA ILE A 687 -5.49 10.20 17.54
C ILE A 687 -6.91 9.68 17.28
N PRO A 688 -7.92 10.57 17.20
CA PRO A 688 -9.27 10.04 16.98
C PRO A 688 -9.40 9.39 15.61
N GLN A 689 -8.56 9.79 14.67
CA GLN A 689 -8.54 9.24 13.32
C GLN A 689 -8.03 7.80 13.35
N LEU A 690 -6.93 7.59 14.04
CA LEU A 690 -6.33 6.28 14.23
C LEU A 690 -7.29 5.25 14.83
N LEU A 691 -7.98 5.65 15.88
CA LEU A 691 -8.88 4.76 16.63
C LEU A 691 -10.24 4.56 15.97
N SER A 692 -10.56 5.37 14.97
CA SER A 692 -11.88 5.36 14.35
C SER A 692 -12.23 4.01 13.71
N ARG A 693 -11.30 3.43 12.97
CA ARG A 693 -11.51 2.11 12.42
C ARG A 693 -10.35 1.19 12.77
N LEU A 694 -10.65 0.07 13.42
CA LEU A 694 -9.60 -0.87 13.83
C LEU A 694 -10.04 -2.31 13.65
N HIS A 695 -9.06 -3.20 13.59
CA HIS A 695 -9.28 -4.63 13.76
C HIS A 695 -8.32 -5.12 14.81
N ILE A 696 -8.74 -6.09 15.62
CA ILE A 696 -7.92 -6.55 16.73
C ILE A 696 -7.72 -8.05 16.74
N GLU A 697 -6.47 -8.49 16.60
CA GLU A 697 -6.14 -9.88 16.77
C GLU A 697 -5.45 -10.04 18.11
N ALA A 698 -6.01 -10.89 18.96
CA ALA A 698 -5.50 -11.07 20.31
C ALA A 698 -5.20 -12.53 20.64
N LEU A 699 -4.23 -12.72 21.52
CA LEU A 699 -3.98 -14.01 22.15
C LEU A 699 -4.06 -13.87 23.65
N LEU A 700 -5.06 -14.49 24.27
CA LEU A 700 -5.14 -14.50 25.72
C LEU A 700 -4.74 -15.88 26.20
N HIS A 701 -3.78 -15.93 27.11
CA HIS A 701 -3.10 -17.18 27.45
C HIS A 701 -2.58 -17.15 28.88
N GLY A 702 -2.99 -18.13 29.67
CA GLY A 702 -2.53 -18.22 31.05
C GLY A 702 -3.59 -18.79 31.97
N ASN A 703 -3.63 -18.29 33.20
CA ASN A 703 -4.62 -18.77 34.16
C ASN A 703 -5.95 -18.02 34.07
N ILE A 704 -6.64 -18.19 32.94
CA ILE A 704 -7.98 -17.65 32.79
C ILE A 704 -8.87 -18.61 32.03
N THR A 705 -10.17 -18.54 32.29
CA THR A 705 -11.14 -19.39 31.62
C THR A 705 -11.61 -18.75 30.32
N LYS A 706 -12.21 -19.58 29.46
CA LYS A 706 -12.74 -19.16 28.16
C LYS A 706 -13.63 -17.94 28.26
N GLN A 707 -14.53 -17.95 29.22
CA GLN A 707 -15.45 -16.83 29.43
C GLN A 707 -14.81 -15.59 30.06
N ALA A 708 -13.77 -15.78 30.87
CA ALA A 708 -12.98 -14.66 31.34
C ALA A 708 -12.30 -13.96 30.18
N ALA A 709 -11.76 -14.77 29.26
CA ALA A 709 -11.05 -14.26 28.10
C ALA A 709 -11.97 -13.44 27.23
N LEU A 710 -13.11 -14.01 26.87
CA LEU A 710 -14.11 -13.31 26.05
C LEU A 710 -14.54 -12.00 26.69
N GLY A 711 -14.72 -12.01 28.01
CA GLY A 711 -15.08 -10.81 28.73
C GLY A 711 -14.01 -9.74 28.62
N ILE A 712 -12.75 -10.14 28.71
CA ILE A 712 -11.64 -9.21 28.62
C ILE A 712 -11.61 -8.57 27.23
N MET A 713 -11.72 -9.40 26.21
CA MET A 713 -11.64 -8.93 24.84
C MET A 713 -12.83 -8.05 24.46
N GLN A 714 -14.02 -8.40 24.94
CA GLN A 714 -15.19 -7.56 24.76
C GLN A 714 -15.04 -6.22 25.49
N MET A 715 -14.48 -6.26 26.69
CA MET A 715 -14.26 -5.06 27.49
C MET A 715 -13.42 -4.06 26.72
N VAL A 716 -12.40 -4.57 26.04
CA VAL A 716 -11.53 -3.72 25.24
C VAL A 716 -12.31 -3.06 24.10
N GLU A 717 -13.02 -3.87 23.31
CA GLU A 717 -13.88 -3.37 22.24
C GLU A 717 -14.84 -2.29 22.71
N ASP A 718 -15.62 -2.62 23.74
CA ASP A 718 -16.63 -1.73 24.28
C ASP A 718 -16.05 -0.37 24.65
N THR A 719 -14.91 -0.38 25.33
CA THR A 719 -14.27 0.85 25.76
C THR A 719 -13.83 1.68 24.57
N LEU A 720 -13.43 1.00 23.50
CA LEU A 720 -13.09 1.68 22.25
C LEU A 720 -14.33 2.20 21.55
N ILE A 721 -15.34 1.35 21.42
CA ILE A 721 -16.59 1.73 20.77
C ILE A 721 -17.26 2.92 21.45
N GLU A 722 -17.41 2.82 22.77
CA GLU A 722 -18.04 3.89 23.54
C GLU A 722 -17.29 5.21 23.43
N HIS A 723 -16.05 5.22 23.90
CA HIS A 723 -15.27 6.45 24.00
C HIS A 723 -14.68 6.95 22.68
N ALA A 724 -14.54 6.07 21.69
CA ALA A 724 -13.90 6.48 20.44
C ALA A 724 -14.67 6.10 19.18
N HIS A 725 -15.92 5.69 19.34
CA HIS A 725 -16.80 5.34 18.22
C HIS A 725 -16.11 4.49 17.15
N THR A 726 -15.44 3.42 17.60
CA THR A 726 -14.65 2.57 16.74
C THR A 726 -15.50 1.64 15.89
N LYS A 727 -15.13 1.47 14.62
CA LYS A 727 -15.85 0.57 13.73
C LYS A 727 -14.86 -0.38 13.06
N PRO A 728 -15.32 -1.57 12.65
CA PRO A 728 -14.45 -2.58 12.04
C PRO A 728 -13.74 -2.09 10.78
N LEU A 729 -12.53 -2.59 10.54
CA LEU A 729 -11.91 -2.41 9.24
C LEU A 729 -12.54 -3.36 8.25
N LEU A 730 -12.39 -3.08 6.96
CA LEU A 730 -12.81 -4.02 5.94
C LEU A 730 -11.69 -5.03 5.79
N PRO A 731 -12.02 -6.27 5.42
CA PRO A 731 -10.99 -7.33 5.40
C PRO A 731 -9.82 -7.02 4.48
N SER A 732 -10.11 -6.44 3.32
CA SER A 732 -9.08 -6.04 2.37
C SER A 732 -8.17 -4.93 2.90
N GLN A 733 -8.57 -4.28 3.99
CA GLN A 733 -7.78 -3.20 4.54
C GLN A 733 -6.67 -3.79 5.38
N LEU A 734 -6.88 -5.01 5.84
CA LEU A 734 -5.86 -5.74 6.57
C LEU A 734 -4.81 -6.23 5.57
N VAL A 735 -3.85 -5.39 5.26
CA VAL A 735 -2.77 -5.75 4.36
C VAL A 735 -1.47 -5.93 5.12
N ARG A 736 -0.81 -7.06 4.90
CA ARG A 736 0.57 -7.24 5.35
C ARG A 736 1.50 -6.94 4.19
N TYR A 737 2.72 -6.47 4.50
CA TYR A 737 3.64 -6.02 3.45
C TYR A 737 4.44 -7.19 2.87
N ARG A 738 4.97 -6.98 1.66
CA ARG A 738 5.69 -8.03 0.95
C ARG A 738 7.20 -7.80 0.93
N GLU A 739 7.95 -8.88 0.73
CA GLU A 739 9.40 -8.78 0.52
C GLU A 739 9.73 -8.72 -0.97
N VAL A 740 10.73 -7.91 -1.32
CA VAL A 740 11.23 -7.82 -2.68
C VAL A 740 11.73 -9.15 -3.22
N GLN A 741 11.40 -9.46 -4.48
CA GLN A 741 11.83 -10.69 -5.11
C GLN A 741 13.00 -10.49 -6.07
N LEU A 742 14.19 -10.90 -5.65
CA LEU A 742 15.39 -10.70 -6.45
C LEU A 742 15.46 -11.73 -7.59
N PRO A 743 16.04 -11.34 -8.73
CA PRO A 743 16.15 -12.18 -9.93
C PRO A 743 17.15 -13.32 -9.80
N ASP A 744 16.94 -14.38 -10.58
CA ASP A 744 17.93 -15.45 -10.74
C ASP A 744 19.31 -14.91 -11.11
N ARG A 745 20.32 -15.29 -10.31
CA ARG A 745 21.73 -15.00 -10.56
C ARG A 745 22.11 -13.54 -10.35
N GLY A 746 21.17 -12.75 -9.86
CA GLY A 746 21.45 -11.35 -9.59
C GLY A 746 22.30 -11.12 -8.36
N TRP A 747 23.13 -10.08 -8.40
CA TRP A 747 23.87 -9.64 -7.22
C TRP A 747 23.84 -8.12 -7.09
N PHE A 748 23.27 -7.64 -5.99
CA PHE A 748 23.16 -6.21 -5.75
C PHE A 748 23.93 -5.79 -4.51
N VAL A 749 24.60 -4.64 -4.59
CA VAL A 749 25.33 -4.10 -3.45
C VAL A 749 24.87 -2.69 -3.12
N TYR A 750 24.68 -2.42 -1.83
CA TYR A 750 24.32 -1.08 -1.37
C TYR A 750 25.39 -0.60 -0.40
N GLN A 751 25.93 0.58 -0.65
CA GLN A 751 27.07 1.05 0.11
C GLN A 751 26.78 2.34 0.88
N GLN A 752 27.20 2.34 2.14
CA GLN A 752 27.03 3.49 3.02
C GLN A 752 28.21 3.58 3.97
N ARG A 753 28.44 4.76 4.52
CA ARG A 753 29.54 4.95 5.46
C ARG A 753 28.95 5.20 6.84
N ASN A 754 29.57 4.60 7.86
CA ASN A 754 29.18 4.88 9.24
C ASN A 754 30.13 5.95 9.75
N GLU A 755 29.60 7.14 10.01
CA GLU A 755 30.44 8.30 10.28
C GLU A 755 31.04 8.32 11.69
N VAL A 756 30.53 7.49 12.59
CA VAL A 756 30.99 7.51 13.98
C VAL A 756 32.00 6.41 14.28
N HIS A 757 31.64 5.16 14.05
CA HIS A 757 32.51 4.03 14.39
C HIS A 757 33.55 3.76 13.32
N ASN A 758 34.80 3.65 13.73
CA ASN A 758 35.90 3.35 12.81
C ASN A 758 36.03 1.86 12.57
N ASN A 759 34.88 1.18 12.54
CA ASN A 759 34.86 -0.23 12.21
C ASN A 759 33.84 -0.37 11.10
N SER A 760 34.01 -1.35 10.22
CA SER A 760 33.08 -1.49 9.11
C SER A 760 32.15 -2.68 9.33
N GLY A 761 31.03 -2.68 8.64
CA GLY A 761 30.08 -3.78 8.75
C GLY A 761 29.60 -4.28 7.41
N ILE A 762 28.99 -5.45 7.42
CA ILE A 762 28.49 -6.08 6.22
C ILE A 762 27.39 -7.08 6.56
N GLU A 763 26.31 -7.06 5.80
CA GLU A 763 25.39 -8.18 5.79
C GLU A 763 25.24 -8.71 4.39
N ILE A 764 25.33 -10.02 4.26
CA ILE A 764 25.18 -10.68 2.98
C ILE A 764 23.95 -11.56 3.04
N TYR A 765 23.01 -11.36 2.12
CA TYR A 765 21.76 -12.09 2.18
C TYR A 765 21.58 -12.93 0.93
N TYR A 766 21.55 -14.25 1.11
CA TYR A 766 21.32 -15.15 -0.01
C TYR A 766 19.87 -15.60 0.05
N GLN A 767 18.99 -14.83 -0.58
CA GLN A 767 17.57 -15.10 -0.58
C GLN A 767 17.27 -16.42 -1.27
N THR A 768 16.43 -17.25 -0.65
CA THR A 768 16.16 -18.57 -1.21
C THR A 768 14.77 -18.65 -1.84
N ASP A 769 13.73 -18.64 -1.00
CA ASP A 769 12.36 -18.69 -1.50
C ASP A 769 11.38 -18.52 -0.35
N MET A 770 10.08 -18.64 -0.66
CA MET A 770 9.02 -18.53 0.33
C MET A 770 9.17 -19.59 1.40
N GLN A 771 8.58 -19.36 2.56
CA GLN A 771 8.62 -20.35 3.62
C GLN A 771 7.64 -21.48 3.35
N SER A 772 8.12 -22.69 3.56
CA SER A 772 7.37 -23.90 3.31
C SER A 772 7.99 -24.96 4.20
N THR A 773 7.27 -26.04 4.47
CA THR A 773 7.78 -27.06 5.37
C THR A 773 9.12 -27.56 4.86
N SER A 774 9.22 -27.71 3.54
CA SER A 774 10.46 -28.16 2.92
C SER A 774 11.53 -27.08 2.91
N GLU A 775 11.20 -25.94 2.34
CA GLU A 775 12.15 -24.84 2.20
C GLU A 775 12.68 -24.35 3.54
N ASN A 776 11.87 -24.47 4.58
CA ASN A 776 12.30 -24.11 5.93
C ASN A 776 13.42 -25.01 6.43
N MET A 777 13.16 -26.31 6.45
CA MET A 777 14.13 -27.27 6.95
C MET A 777 15.38 -27.37 6.11
N PHE A 778 15.27 -27.17 4.80
CA PHE A 778 16.44 -27.10 3.94
C PHE A 778 17.41 -26.03 4.43
N LEU A 779 16.88 -24.82 4.64
CA LEU A 779 17.68 -23.70 5.14
C LEU A 779 18.19 -23.96 6.54
N GLU A 780 17.28 -24.27 7.46
CA GLU A 780 17.63 -24.48 8.86
C GLU A 780 18.66 -25.58 9.06
N LEU A 781 18.56 -26.67 8.31
CA LEU A 781 19.55 -27.75 8.41
C LEU A 781 20.90 -27.31 7.88
N PHE A 782 20.90 -26.68 6.70
CA PHE A 782 22.14 -26.15 6.15
C PHE A 782 22.76 -25.15 7.11
N ALA A 783 21.92 -24.27 7.64
CA ALA A 783 22.35 -23.28 8.61
C ALA A 783 23.02 -23.94 9.81
N GLN A 784 22.41 -25.02 10.29
CA GLN A 784 22.95 -25.76 11.42
C GLN A 784 24.34 -26.28 11.13
N ILE A 785 24.51 -26.89 9.97
CA ILE A 785 25.78 -27.50 9.61
C ILE A 785 26.90 -26.46 9.52
N ILE A 786 26.58 -25.30 8.96
CA ILE A 786 27.57 -24.24 8.81
C ILE A 786 27.67 -23.35 10.05
N SER A 787 26.69 -23.47 10.95
CA SER A 787 26.58 -22.55 12.10
C SER A 787 27.90 -22.36 12.85
N GLU A 788 28.45 -23.46 13.34
CA GLU A 788 29.70 -23.40 14.09
C GLU A 788 30.93 -23.22 13.19
N PRO A 789 31.06 -24.01 12.10
CA PRO A 789 32.16 -23.79 11.16
C PRO A 789 32.35 -22.34 10.72
N ALA A 790 31.25 -21.63 10.47
CA ALA A 790 31.32 -20.23 10.07
C ALA A 790 32.03 -19.39 11.11
N PHE A 791 31.61 -19.55 12.35
CA PHE A 791 32.23 -18.86 13.48
C PHE A 791 33.70 -19.24 13.62
N ASN A 792 34.00 -20.53 13.45
CA ASN A 792 35.38 -21.00 13.58
C ASN A 792 36.31 -20.48 12.49
N THR A 793 35.86 -20.53 11.24
CA THR A 793 36.66 -20.03 10.13
C THR A 793 36.80 -18.52 10.13
N LEU A 794 35.67 -17.82 10.15
CA LEU A 794 35.66 -16.39 9.94
C LEU A 794 36.17 -15.60 11.15
N ARG A 795 36.04 -16.18 12.34
CA ARG A 795 36.56 -15.52 13.54
C ARG A 795 37.79 -16.21 14.11
N THR A 796 37.65 -17.43 14.59
CA THR A 796 38.75 -18.07 15.31
C THR A 796 40.00 -18.20 14.43
N LYS A 797 39.86 -18.74 13.24
CA LYS A 797 40.98 -18.87 12.32
C LYS A 797 41.35 -17.55 11.63
N GLU A 798 40.44 -17.00 10.82
CA GLU A 798 40.77 -15.83 10.00
C GLU A 798 40.72 -14.50 10.76
N GLN A 799 40.06 -14.48 11.91
CA GLN A 799 40.04 -13.34 12.82
C GLN A 799 39.55 -12.04 12.21
N LEU A 800 38.53 -12.13 11.36
CA LEU A 800 37.97 -10.95 10.70
C LEU A 800 37.34 -9.97 11.69
N GLY A 801 36.82 -10.47 12.80
CA GLY A 801 36.22 -9.59 13.79
C GLY A 801 35.64 -10.32 14.99
N TYR A 802 35.13 -9.56 15.95
CA TYR A 802 34.56 -10.13 17.16
C TYR A 802 33.15 -10.60 16.88
N ILE A 803 32.42 -9.82 16.10
CA ILE A 803 31.06 -10.17 15.74
C ILE A 803 31.05 -10.90 14.40
N VAL A 804 30.65 -12.16 14.47
CA VAL A 804 30.50 -12.98 13.28
C VAL A 804 29.24 -13.80 13.47
N PHE A 805 28.28 -13.60 12.58
CA PHE A 805 26.99 -14.26 12.70
C PHE A 805 26.53 -14.82 11.37
N SER A 806 26.02 -16.05 11.42
CA SER A 806 25.33 -16.64 10.29
C SER A 806 24.01 -17.16 10.79
N GLY A 807 23.21 -17.71 9.89
CA GLY A 807 21.91 -18.25 10.28
C GLY A 807 20.82 -17.85 9.33
N PRO A 808 19.60 -18.36 9.57
CA PRO A 808 18.42 -18.00 8.77
C PRO A 808 18.04 -16.54 8.93
N ARG A 809 17.34 -16.01 7.93
CA ARG A 809 16.72 -14.71 8.02
C ARG A 809 15.28 -14.83 7.55
N ARG A 810 14.34 -14.36 8.36
CA ARG A 810 12.94 -14.51 8.03
C ARG A 810 12.20 -13.19 8.07
N ALA A 811 11.62 -12.80 6.94
CA ALA A 811 10.81 -11.60 6.86
C ALA A 811 9.70 -11.75 5.81
N ASN A 812 8.51 -11.28 6.16
CA ASN A 812 7.39 -11.20 5.23
C ASN A 812 7.04 -12.51 4.55
N GLY A 813 7.31 -13.63 5.24
CA GLY A 813 7.07 -14.95 4.70
C GLY A 813 8.14 -15.43 3.74
N ILE A 814 9.23 -14.66 3.64
CA ILE A 814 10.33 -15.03 2.77
C ILE A 814 11.52 -15.36 3.64
N GLN A 815 12.43 -16.19 3.15
CA GLN A 815 13.59 -16.55 3.93
C GLN A 815 14.85 -16.66 3.09
N GLY A 816 15.98 -16.76 3.78
CA GLY A 816 17.26 -16.95 3.13
C GLY A 816 18.37 -17.00 4.15
N LEU A 817 19.59 -17.24 3.68
CA LEU A 817 20.75 -17.29 4.55
C LEU A 817 21.37 -15.91 4.64
N ARG A 818 21.82 -15.53 5.84
CA ARG A 818 22.47 -14.24 6.02
C ARG A 818 23.77 -14.36 6.78
N PHE A 819 24.76 -13.57 6.38
CA PHE A 819 25.98 -13.42 7.14
C PHE A 819 26.10 -11.99 7.63
N ILE A 820 26.47 -11.82 8.89
CA ILE A 820 26.74 -10.48 9.42
C ILE A 820 28.12 -10.46 10.06
N ILE A 821 28.95 -9.52 9.62
CA ILE A 821 30.30 -9.39 10.15
C ILE A 821 30.63 -7.93 10.40
N GLN A 822 31.19 -7.64 11.56
CA GLN A 822 31.73 -6.31 11.82
C GLN A 822 33.23 -6.47 11.92
N SER A 823 33.96 -5.72 11.10
CA SER A 823 35.36 -6.03 10.88
C SER A 823 36.22 -4.80 10.61
N GLU A 824 37.51 -4.96 10.88
CA GLU A 824 38.49 -3.92 10.64
C GLU A 824 38.82 -3.82 9.15
N LYS A 825 38.73 -4.95 8.46
CA LYS A 825 38.98 -5.04 7.03
C LYS A 825 37.80 -4.50 6.23
N PRO A 826 38.03 -4.10 4.97
CA PRO A 826 36.93 -3.59 4.14
C PRO A 826 35.92 -4.68 3.80
N PRO A 827 34.68 -4.29 3.50
CA PRO A 827 33.60 -5.25 3.22
C PRO A 827 33.83 -6.02 1.94
N HIS A 828 34.34 -5.33 0.91
CA HIS A 828 34.61 -5.95 -0.37
C HIS A 828 35.52 -7.17 -0.20
N TYR A 829 36.31 -7.14 0.86
CA TYR A 829 37.18 -8.26 1.23
C TYR A 829 36.44 -9.31 2.04
N LEU A 830 35.61 -8.86 2.97
CA LEU A 830 34.79 -9.76 3.78
C LEU A 830 33.94 -10.64 2.89
N GLU A 831 33.47 -10.08 1.79
CA GLU A 831 32.73 -10.81 0.77
C GLU A 831 33.55 -11.98 0.26
N SER A 832 34.79 -11.69 -0.07
CA SER A 832 35.71 -12.69 -0.61
C SER A 832 35.94 -13.84 0.35
N ARG A 833 35.98 -13.54 1.65
CA ARG A 833 36.24 -14.57 2.65
C ARG A 833 35.01 -15.41 2.95
N VAL A 834 33.84 -14.80 2.87
CA VAL A 834 32.59 -15.51 3.07
C VAL A 834 32.32 -16.47 1.92
N GLU A 835 32.54 -15.99 0.70
CA GLU A 835 32.35 -16.80 -0.49
C GLU A 835 33.34 -17.95 -0.48
N ALA A 836 34.53 -17.66 0.05
CA ALA A 836 35.57 -18.68 0.19
C ALA A 836 35.14 -19.74 1.18
N PHE A 837 34.53 -19.30 2.28
CA PHE A 837 34.01 -20.22 3.28
C PHE A 837 32.91 -21.12 2.74
N LEU A 838 32.05 -20.57 1.89
CA LEU A 838 30.92 -21.32 1.35
C LEU A 838 31.36 -22.53 0.55
N ILE A 839 32.45 -22.39 -0.19
CA ILE A 839 33.00 -23.52 -0.94
C ILE A 839 33.56 -24.56 0.02
N THR A 840 34.23 -24.08 1.06
CA THR A 840 34.74 -24.95 2.13
C THR A 840 33.64 -25.85 2.69
N MET A 841 32.43 -25.31 2.79
CA MET A 841 31.29 -26.06 3.31
C MET A 841 30.83 -27.10 2.30
N GLU A 842 30.77 -26.70 1.04
CA GLU A 842 30.34 -27.59 -0.04
C GLU A 842 31.22 -28.84 -0.09
N LYS A 843 32.52 -28.65 0.09
CA LYS A 843 33.45 -29.77 0.14
C LYS A 843 33.32 -30.58 1.43
N SER A 844 33.13 -29.91 2.55
CA SER A 844 33.08 -30.58 3.85
C SER A 844 31.77 -31.30 4.10
N ILE A 845 30.73 -30.96 3.34
CA ILE A 845 29.47 -31.67 3.44
C ILE A 845 29.63 -32.96 2.65
N GLU A 846 30.38 -32.88 1.56
CA GLU A 846 30.71 -34.06 0.76
C GLU A 846 31.65 -35.02 1.48
N ASP A 847 32.55 -34.47 2.30
CA ASP A 847 33.48 -35.28 3.09
C ASP A 847 32.86 -35.87 4.35
N MET A 848 31.95 -35.13 4.99
CA MET A 848 31.37 -35.55 6.27
C MET A 848 30.60 -36.86 6.16
N THR A 849 30.73 -37.70 7.18
CA THR A 849 30.13 -39.03 7.16
C THR A 849 28.62 -38.94 7.28
N GLU A 850 27.94 -40.04 6.95
CA GLU A 850 26.49 -40.10 7.04
C GLU A 850 26.04 -39.99 8.49
N GLU A 851 26.77 -40.64 9.37
CA GLU A 851 26.42 -40.64 10.79
C GLU A 851 26.70 -39.27 11.40
N ALA A 852 27.66 -38.54 10.82
CA ALA A 852 27.95 -37.17 11.25
C ALA A 852 26.81 -36.27 10.84
N PHE A 853 26.20 -36.58 9.71
CA PHE A 853 25.09 -35.82 9.17
C PHE A 853 23.88 -35.91 10.09
N GLN A 854 23.55 -37.12 10.50
CA GLN A 854 22.40 -37.34 11.40
C GLN A 854 22.61 -36.71 12.77
N LYS A 855 23.87 -36.42 13.11
CA LYS A 855 24.18 -35.71 14.34
C LYS A 855 23.57 -34.32 14.29
N HIS A 856 23.71 -33.67 13.13
CA HIS A 856 23.17 -32.33 12.94
C HIS A 856 21.66 -32.32 12.85
N ILE A 857 21.07 -33.34 12.25
CA ILE A 857 19.61 -33.48 12.21
C ILE A 857 19.06 -33.60 13.62
N GLN A 858 19.65 -34.49 14.41
CA GLN A 858 19.30 -34.65 15.81
C GLN A 858 19.45 -33.33 16.55
N ALA A 859 20.57 -32.65 16.31
CA ALA A 859 20.87 -31.38 16.97
C ALA A 859 19.80 -30.34 16.69
N LEU A 860 19.52 -30.09 15.42
CA LEU A 860 18.44 -29.19 15.02
C LEU A 860 17.11 -29.63 15.62
N ALA A 861 16.87 -30.94 15.61
CA ALA A 861 15.63 -31.50 16.16
C ALA A 861 15.50 -31.17 17.64
N ILE A 862 16.55 -31.48 18.41
CA ILE A 862 16.57 -31.15 19.82
C ILE A 862 16.36 -29.66 20.06
N ARG A 863 16.85 -28.84 19.14
CA ARG A 863 16.78 -27.40 19.32
C ARG A 863 15.38 -26.91 19.03
N ARG A 864 14.76 -27.47 18.01
CA ARG A 864 13.42 -27.09 17.61
C ARG A 864 12.34 -27.66 18.51
N LEU A 865 12.60 -28.82 19.12
CA LEU A 865 11.60 -29.50 19.93
C LEU A 865 11.70 -29.15 21.41
N ASP A 866 12.60 -28.22 21.73
CA ASP A 866 12.82 -27.81 23.11
C ASP A 866 11.55 -27.21 23.71
N LYS A 867 11.06 -27.79 24.79
CA LYS A 867 9.80 -27.36 25.39
C LYS A 867 9.98 -26.08 26.19
N PRO A 868 9.07 -25.11 26.01
CA PRO A 868 9.09 -23.88 26.79
C PRO A 868 9.02 -24.17 28.29
N LYS A 869 9.79 -23.42 29.08
CA LYS A 869 9.85 -23.66 30.52
C LYS A 869 8.98 -22.66 31.28
N LYS A 870 8.84 -21.45 30.75
CA LYS A 870 7.92 -20.48 31.35
C LYS A 870 6.77 -20.13 30.40
N LEU A 871 5.65 -19.71 30.98
CA LEU A 871 4.47 -19.32 30.22
C LEU A 871 4.78 -18.36 29.09
N SER A 872 5.37 -17.22 29.45
CA SER A 872 5.75 -16.18 28.49
C SER A 872 6.42 -16.71 27.23
N ALA A 873 7.18 -17.79 27.36
CA ALA A 873 7.92 -18.35 26.25
C ALA A 873 7.02 -19.19 25.34
N GLU A 874 6.04 -19.85 25.94
CA GLU A 874 5.04 -20.58 25.16
C GLU A 874 4.16 -19.59 24.42
N SER A 875 3.86 -18.46 25.07
CA SER A 875 3.08 -17.39 24.47
C SER A 875 3.78 -16.85 23.23
N ALA A 876 5.08 -16.63 23.34
CA ALA A 876 5.85 -16.07 22.23
C ALA A 876 5.79 -16.98 21.01
N LYS A 877 5.80 -18.28 21.23
CA LYS A 877 5.75 -19.25 20.13
C LYS A 877 4.43 -19.16 19.40
N TYR A 878 3.34 -19.08 20.16
CA TYR A 878 2.02 -18.94 19.58
C TYR A 878 1.86 -17.58 18.93
N TRP A 879 2.27 -16.53 19.65
CA TRP A 879 2.15 -15.17 19.14
C TRP A 879 2.96 -15.00 17.86
N GLY A 880 4.06 -15.73 17.77
CA GLY A 880 4.86 -15.76 16.55
C GLY A 880 4.04 -16.18 15.36
N GLU A 881 3.23 -17.22 15.55
CA GLU A 881 2.39 -17.77 14.49
C GLU A 881 1.26 -16.82 14.12
N ILE A 882 0.79 -16.04 15.08
CA ILE A 882 -0.36 -15.18 14.89
C ILE A 882 -0.04 -13.90 14.11
N ILE A 883 1.05 -13.23 14.44
CA ILE A 883 1.42 -12.02 13.68
C ILE A 883 1.94 -12.40 12.30
N SER A 884 2.67 -13.50 12.23
CA SER A 884 3.19 -14.03 10.96
C SER A 884 2.12 -14.43 9.96
N GLN A 885 0.86 -14.44 10.40
CA GLN A 885 -0.28 -14.82 9.57
C GLN A 885 -0.22 -16.29 9.14
N GLN A 886 0.67 -17.07 9.77
CA GLN A 886 0.85 -18.49 9.42
C GLN A 886 0.03 -19.46 10.26
N TYR A 887 -0.25 -19.09 11.50
CA TYR A 887 -1.14 -19.85 12.38
C TYR A 887 -0.83 -21.35 12.47
N ASN A 888 0.45 -21.70 12.30
CA ASN A 888 0.87 -23.11 12.33
C ASN A 888 1.35 -23.52 13.71
N PHE A 889 0.41 -23.85 14.60
CA PHE A 889 0.73 -24.10 16.00
C PHE A 889 1.46 -25.42 16.27
N ASP A 890 1.34 -26.38 15.36
CA ASP A 890 2.02 -27.66 15.53
C ASP A 890 3.29 -27.71 14.70
N ARG A 891 3.75 -26.54 14.28
CA ARG A 891 4.90 -26.42 13.37
C ARG A 891 6.10 -27.28 13.74
N ASP A 892 6.52 -27.20 14.99
CA ASP A 892 7.73 -27.88 15.44
C ASP A 892 7.69 -29.40 15.27
N ASN A 893 6.53 -30.01 15.41
CA ASN A 893 6.46 -31.46 15.24
C ASN A 893 6.39 -31.88 13.77
N THR A 894 5.50 -31.24 13.01
CA THR A 894 5.42 -31.47 11.57
C THR A 894 6.76 -31.21 10.88
N GLU A 895 7.31 -30.03 11.08
CA GLU A 895 8.56 -29.64 10.43
C GLU A 895 9.74 -30.52 10.82
N VAL A 896 9.88 -30.84 12.11
CA VAL A 896 10.95 -31.75 12.55
C VAL A 896 10.76 -33.14 11.94
N ALA A 897 9.52 -33.59 11.85
CA ALA A 897 9.22 -34.89 11.25
C ALA A 897 9.75 -34.96 9.83
N TYR A 898 9.53 -33.90 9.05
CA TYR A 898 10.02 -33.82 7.69
C TYR A 898 11.55 -33.77 7.63
N LEU A 899 12.15 -33.04 8.56
CA LEU A 899 13.59 -32.88 8.63
C LEU A 899 14.33 -34.22 8.70
N LYS A 900 13.86 -35.10 9.56
CA LYS A 900 14.48 -36.40 9.79
C LYS A 900 14.53 -37.29 8.54
N THR A 901 14.03 -36.80 7.42
CA THR A 901 13.96 -37.59 6.20
C THR A 901 14.91 -37.06 5.12
N LEU A 902 15.61 -35.97 5.44
CA LEU A 902 16.53 -35.38 4.47
C LEU A 902 17.84 -36.12 4.37
N THR A 903 18.32 -36.31 3.15
CA THR A 903 19.59 -36.95 2.90
C THR A 903 20.68 -35.91 2.62
N LYS A 904 21.93 -36.36 2.69
CA LYS A 904 23.07 -35.53 2.34
C LYS A 904 22.92 -34.94 0.94
N GLU A 905 22.48 -35.77 -0.01
CA GLU A 905 22.20 -35.32 -1.37
C GLU A 905 21.21 -34.15 -1.42
N ASP A 906 20.09 -34.30 -0.73
CA ASP A 906 19.08 -33.24 -0.64
C ASP A 906 19.66 -31.87 -0.31
N ILE A 907 20.68 -31.84 0.54
CA ILE A 907 21.30 -30.59 0.93
C ILE A 907 22.29 -30.12 -0.14
N ILE A 908 23.13 -31.02 -0.61
CA ILE A 908 24.05 -30.72 -1.70
C ILE A 908 23.34 -30.06 -2.88
N LYS A 909 22.25 -30.69 -3.32
CA LYS A 909 21.44 -30.12 -4.40
C LYS A 909 20.95 -28.72 -4.05
N PHE A 910 20.31 -28.59 -2.89
CA PHE A 910 19.84 -27.30 -2.41
C PHE A 910 20.93 -26.24 -2.42
N TYR A 911 22.14 -26.62 -2.07
CA TYR A 911 23.25 -25.67 -2.06
C TYR A 911 23.61 -25.25 -3.48
N LYS A 912 23.72 -26.24 -4.36
CA LYS A 912 24.14 -26.01 -5.74
C LYS A 912 23.12 -25.23 -6.56
N GLU A 913 21.86 -25.23 -6.13
CA GLU A 913 20.83 -24.57 -6.92
C GLU A 913 20.43 -23.21 -6.34
N MET A 914 20.70 -23.00 -5.05
CA MET A 914 20.32 -21.75 -4.40
C MET A 914 21.49 -20.92 -3.89
N LEU A 915 22.53 -21.59 -3.40
CA LEU A 915 23.58 -20.93 -2.65
C LEU A 915 24.92 -20.85 -3.38
N ALA A 916 25.27 -21.90 -4.12
CA ALA A 916 26.59 -22.00 -4.76
C ALA A 916 26.94 -20.77 -5.58
N VAL A 917 28.23 -20.49 -5.71
CA VAL A 917 28.73 -19.27 -6.33
C VAL A 917 28.16 -19.02 -7.73
N ASP A 918 27.76 -20.09 -8.41
CA ASP A 918 27.15 -19.97 -9.72
C ASP A 918 25.90 -20.84 -9.75
N ALA A 919 25.11 -20.73 -8.68
CA ALA A 919 23.82 -21.41 -8.64
C ALA A 919 22.89 -20.79 -9.65
N PRO A 920 22.11 -21.63 -10.35
CA PRO A 920 21.10 -21.19 -11.32
C PRO A 920 20.09 -20.23 -10.70
N ARG A 921 19.83 -20.38 -9.40
CA ARG A 921 18.81 -19.58 -8.74
C ARG A 921 19.34 -18.81 -7.55
N ARG A 922 20.54 -18.25 -7.65
CA ARG A 922 21.13 -17.57 -6.52
C ARG A 922 20.69 -16.10 -6.50
N HIS A 923 20.03 -15.73 -5.41
CA HIS A 923 19.62 -14.34 -5.20
C HIS A 923 20.45 -13.74 -4.08
N LYS A 924 21.32 -12.79 -4.41
CA LYS A 924 22.28 -12.28 -3.44
C LYS A 924 22.29 -10.76 -3.40
N VAL A 925 21.92 -10.22 -2.25
CA VAL A 925 22.07 -8.79 -1.99
C VAL A 925 23.03 -8.60 -0.83
N SER A 926 23.84 -7.55 -0.88
CA SER A 926 24.81 -7.29 0.18
C SER A 926 24.84 -5.83 0.58
N VAL A 927 24.88 -5.60 1.89
CA VAL A 927 24.97 -4.25 2.42
C VAL A 927 26.38 -4.01 2.92
N HIS A 928 27.02 -2.96 2.42
CA HIS A 928 28.37 -2.63 2.85
C HIS A 928 28.37 -1.33 3.64
N VAL A 929 28.60 -1.43 4.94
CA VAL A 929 28.76 -0.24 5.75
C VAL A 929 30.24 0.02 6.00
N LEU A 930 30.69 1.21 5.63
CA LEU A 930 32.12 1.52 5.64
C LEU A 930 32.56 2.16 6.95
N ALA A 931 33.80 1.90 7.34
CA ALA A 931 34.39 2.52 8.51
C ALA A 931 34.49 4.04 8.32
N ARG A 932 34.62 4.76 9.42
CA ARG A 932 34.74 6.22 9.43
C ARG A 932 35.58 6.80 8.28
N GLU A 933 36.71 6.16 7.96
CA GLU A 933 37.55 6.60 6.84
C GLU A 933 37.95 5.46 5.90
N MET A 934 37.30 5.39 4.72
CA MET A 934 37.58 4.32 3.77
C MET A 934 37.40 4.76 2.32
N ASP A 935 37.28 3.78 1.43
CA ASP A 935 37.02 4.01 0.00
C ASP A 935 35.98 5.08 -0.27
N ILE A 949 47.24 -16.28 0.30
CA ILE A 949 48.32 -16.69 1.18
C ILE A 949 48.02 -18.05 1.83
N ASN A 950 48.06 -18.08 3.17
CA ASN A 950 47.78 -19.30 3.91
C ASN A 950 46.29 -19.43 4.22
N LEU A 951 45.47 -18.88 3.32
CA LEU A 951 44.02 -18.87 3.47
C LEU A 951 43.37 -19.64 2.34
N SER A 952 42.20 -20.21 2.60
CA SER A 952 41.47 -20.98 1.59
C SER A 952 41.10 -20.14 0.38
N GLN A 953 41.00 -20.81 -0.77
CA GLN A 953 40.80 -20.16 -2.07
C GLN A 953 39.45 -19.44 -2.21
N ALA A 954 39.51 -18.12 -2.40
CA ALA A 954 38.33 -17.31 -2.68
C ALA A 954 37.98 -17.36 -4.17
N PRO A 955 36.69 -17.53 -4.49
CA PRO A 955 36.27 -17.65 -5.89
C PRO A 955 36.21 -16.31 -6.62
N ALA A 956 36.20 -16.36 -7.95
CA ALA A 956 36.02 -15.17 -8.76
C ALA A 956 34.54 -14.81 -8.81
N LEU A 957 34.22 -13.59 -8.38
CA LEU A 957 32.83 -13.16 -8.23
C LEU A 957 32.29 -12.39 -9.43
N PRO A 958 30.97 -12.49 -9.65
CA PRO A 958 30.24 -11.67 -10.63
C PRO A 958 30.37 -10.18 -10.35
N GLN A 959 29.94 -9.39 -11.34
CA GLN A 959 30.04 -7.95 -11.30
C GLN A 959 28.72 -7.37 -10.72
N PRO A 960 28.77 -6.82 -9.47
CA PRO A 960 27.51 -6.44 -8.82
C PRO A 960 26.83 -5.27 -9.47
N GLU A 961 25.52 -5.15 -9.31
CA GLU A 961 24.82 -3.95 -9.71
C GLU A 961 24.65 -3.10 -8.47
N VAL A 962 25.36 -1.98 -8.41
CA VAL A 962 25.36 -1.15 -7.22
C VAL A 962 24.04 -0.40 -7.09
N ILE A 963 23.38 -0.57 -5.93
CA ILE A 963 22.14 0.14 -5.67
C ILE A 963 22.41 1.59 -5.34
N GLN A 964 21.84 2.50 -6.12
CA GLN A 964 22.01 3.93 -5.89
C GLN A 964 20.80 4.61 -5.27
N ASN A 965 19.62 4.04 -5.48
CA ASN A 965 18.40 4.60 -4.91
C ASN A 965 17.53 3.47 -4.37
N MET A 966 17.21 3.54 -3.09
CA MET A 966 16.43 2.49 -2.45
C MET A 966 15.03 2.35 -3.08
N THR A 967 14.41 3.46 -3.44
CA THR A 967 13.10 3.41 -4.09
C THR A 967 13.17 2.90 -5.54
N GLU A 968 14.00 3.55 -6.35
CA GLU A 968 14.21 3.14 -7.75
C GLU A 968 14.52 1.65 -7.86
N PHE A 969 15.29 1.15 -6.91
CA PHE A 969 15.62 -0.27 -6.83
C PHE A 969 14.38 -1.15 -6.69
N LYS A 970 13.55 -0.84 -5.71
CA LYS A 970 12.36 -1.63 -5.41
C LYS A 970 11.32 -1.58 -6.51
N ARG A 971 11.15 -0.44 -7.15
CA ARG A 971 10.15 -0.29 -8.19
C ARG A 971 10.44 -1.21 -9.37
N GLY A 972 11.72 -1.41 -9.67
CA GLY A 972 12.11 -2.26 -10.78
C GLY A 972 12.25 -3.73 -10.46
N LEU A 973 11.50 -4.21 -9.48
CA LEU A 973 11.57 -5.62 -9.10
C LEU A 973 10.21 -6.19 -8.72
N PRO A 974 10.02 -7.50 -8.93
CA PRO A 974 8.75 -8.10 -8.51
C PRO A 974 8.67 -8.21 -6.99
N LEU A 975 7.46 -8.40 -6.48
CA LEU A 975 7.27 -8.63 -5.05
C LEU A 975 6.78 -10.05 -4.84
N PHE A 976 7.26 -10.70 -3.79
CA PHE A 976 6.81 -12.03 -3.46
C PHE A 976 5.32 -12.06 -3.11
N PRO A 977 4.71 -13.25 -3.18
CA PRO A 977 3.36 -13.42 -2.64
C PRO A 977 3.43 -13.45 -1.13
N LEU A 978 2.29 -13.24 -0.46
CA LEU A 978 2.21 -13.49 0.97
C LEU A 978 1.86 -14.95 1.24
N VAL A 979 2.23 -15.45 2.41
CA VAL A 979 2.05 -16.87 2.73
C VAL A 979 0.58 -17.19 3.04
N LYS A 980 0.20 -18.45 2.82
CA LYS A 980 -1.15 -18.96 3.10
C LYS A 980 -1.25 -19.45 4.54
N PRO A 981 -2.36 -19.10 5.22
CA PRO A 981 -2.59 -19.57 6.60
C PRO A 981 -2.69 -21.08 6.74
N HIS A 982 -3.04 -21.54 7.94
CA HIS A 982 -3.03 -22.95 8.31
C HIS A 982 -1.65 -23.57 8.09
N ASN B 14 -19.33 19.58 -69.23
CA ASN B 14 -19.95 18.94 -70.38
C ASN B 14 -20.62 17.62 -70.01
N ASN B 15 -20.14 17.00 -68.94
CA ASN B 15 -20.60 15.68 -68.49
C ASN B 15 -22.11 15.60 -68.21
N PRO B 16 -22.79 14.65 -68.87
CA PRO B 16 -24.23 14.39 -68.74
C PRO B 16 -24.60 13.68 -67.45
N ALA B 17 -23.59 13.13 -66.76
CA ALA B 17 -23.83 12.37 -65.54
C ALA B 17 -23.88 13.31 -64.34
N ILE B 18 -23.44 14.54 -64.55
CA ILE B 18 -23.50 15.56 -63.51
C ILE B 18 -24.56 16.59 -63.89
N LYS B 19 -25.51 16.83 -63.00
CA LYS B 19 -26.57 17.78 -63.29
C LYS B 19 -26.19 19.19 -62.88
N ARG B 20 -25.49 19.31 -61.74
CA ARG B 20 -25.14 20.63 -61.23
C ARG B 20 -23.89 20.55 -60.36
N ILE B 21 -22.95 21.45 -60.58
CA ILE B 21 -21.84 21.63 -59.65
C ILE B 21 -22.01 22.94 -58.90
N GLY B 22 -21.52 22.99 -57.66
CA GLY B 22 -21.62 24.19 -56.85
C GLY B 22 -20.33 24.98 -56.89
N ASN B 23 -19.26 24.31 -56.49
CA ASN B 23 -17.88 24.82 -56.57
C ASN B 23 -17.58 26.12 -55.82
N HIS B 24 -18.49 26.57 -54.98
CA HIS B 24 -18.18 27.64 -54.03
C HIS B 24 -18.82 27.31 -52.69
N ILE B 25 -18.18 26.39 -51.98
CA ILE B 25 -18.67 25.89 -50.70
C ILE B 25 -18.12 26.70 -49.55
N THR B 26 -18.98 27.46 -48.88
CA THR B 26 -18.53 28.31 -47.79
C THR B 26 -17.91 27.45 -46.69
N LYS B 27 -16.73 27.85 -46.22
CA LYS B 27 -16.00 27.07 -45.23
C LYS B 27 -15.34 28.00 -44.20
N SER B 28 -14.86 27.39 -43.11
CA SER B 28 -14.16 28.12 -42.07
C SER B 28 -12.94 28.83 -42.62
N PRO B 29 -12.70 30.06 -42.17
CA PRO B 29 -11.56 30.83 -42.69
C PRO B 29 -10.21 30.18 -42.36
N GLU B 30 -10.22 29.23 -41.44
CA GLU B 30 -9.02 28.49 -41.04
C GLU B 30 -8.91 27.14 -41.74
N ASP B 31 -9.96 26.77 -42.45
CA ASP B 31 -10.07 25.44 -43.05
C ASP B 31 -9.23 25.34 -44.32
N LYS B 32 -8.25 24.45 -44.32
CA LYS B 32 -7.33 24.33 -45.44
C LYS B 32 -7.75 23.26 -46.43
N ARG B 33 -8.64 22.37 -46.02
CA ARG B 33 -9.19 21.36 -46.91
C ARG B 33 -9.99 22.04 -47.99
N GLU B 34 -10.10 21.43 -49.16
CA GLU B 34 -10.85 22.05 -50.25
C GLU B 34 -12.08 21.24 -50.61
N TYR B 35 -13.15 21.95 -50.93
CA TYR B 35 -14.47 21.36 -51.07
C TYR B 35 -15.11 21.67 -52.42
N ARG B 36 -15.73 20.65 -53.00
CA ARG B 36 -16.62 20.85 -54.13
C ARG B 36 -17.90 20.08 -53.93
N GLY B 37 -19.04 20.75 -54.05
CA GLY B 37 -20.32 20.07 -54.00
C GLY B 37 -20.87 19.91 -55.40
N LEU B 38 -21.69 18.89 -55.59
CA LEU B 38 -22.34 18.67 -56.88
C LEU B 38 -23.56 17.76 -56.79
N GLU B 39 -24.42 17.85 -57.80
CA GLU B 39 -25.56 16.95 -57.93
C GLU B 39 -25.43 16.08 -59.17
N LEU B 40 -25.72 14.80 -59.02
CA LEU B 40 -25.63 13.87 -60.13
C LEU B 40 -26.89 13.90 -60.99
N ALA B 41 -26.82 13.23 -62.13
CA ALA B 41 -27.98 13.09 -63.01
C ALA B 41 -29.14 12.44 -62.28
N ASN B 42 -28.83 11.40 -61.49
CA ASN B 42 -29.84 10.64 -60.78
C ASN B 42 -30.30 11.29 -59.46
N GLY B 43 -29.80 12.49 -59.19
CA GLY B 43 -30.32 13.28 -58.08
C GLY B 43 -29.61 13.10 -56.75
N ILE B 44 -28.54 12.30 -56.74
CA ILE B 44 -27.71 12.18 -55.55
C ILE B 44 -26.92 13.46 -55.32
N LYS B 45 -27.09 14.03 -54.14
CA LYS B 45 -26.34 15.21 -53.72
C LYS B 45 -25.00 14.77 -53.17
N VAL B 46 -23.93 15.43 -53.60
CA VAL B 46 -22.58 14.96 -53.29
C VAL B 46 -21.68 16.09 -52.79
N LEU B 47 -20.97 15.84 -51.69
CA LEU B 47 -19.91 16.74 -51.27
C LEU B 47 -18.56 16.04 -51.36
N LEU B 48 -17.61 16.69 -52.02
CA LEU B 48 -16.28 16.13 -52.18
C LEU B 48 -15.29 16.94 -51.37
N ILE B 49 -14.55 16.25 -50.51
CA ILE B 49 -13.55 16.92 -49.68
C ILE B 49 -12.16 16.43 -50.04
N SER B 50 -11.31 17.36 -50.47
CA SER B 50 -9.94 17.02 -50.82
C SER B 50 -8.96 17.52 -49.77
N ASP B 51 -8.44 16.57 -48.98
CA ASP B 51 -7.43 16.90 -47.99
C ASP B 51 -6.15 16.16 -48.36
N PRO B 52 -5.25 16.85 -49.07
CA PRO B 52 -3.99 16.29 -49.60
C PRO B 52 -3.08 15.71 -48.51
N THR B 53 -3.35 16.02 -47.24
CA THR B 53 -2.50 15.56 -46.16
C THR B 53 -3.07 14.38 -45.38
N THR B 54 -4.37 14.16 -45.48
CA THR B 54 -5.04 13.20 -44.61
C THR B 54 -4.40 11.81 -44.73
N ASP B 55 -4.30 11.13 -43.59
CA ASP B 55 -3.64 9.84 -43.54
C ASP B 55 -4.64 8.73 -43.81
N LYS B 56 -5.89 8.99 -43.44
CA LYS B 56 -7.00 8.12 -43.81
C LYS B 56 -8.01 8.84 -44.69
N SER B 57 -8.43 8.17 -45.76
CA SER B 57 -9.53 8.66 -46.58
C SER B 57 -10.83 8.07 -46.02
N SER B 58 -11.96 8.68 -46.35
CA SER B 58 -13.24 8.20 -45.85
C SER B 58 -14.41 8.58 -46.74
N ALA B 59 -15.50 7.82 -46.66
CA ALA B 59 -16.73 8.15 -47.38
C ALA B 59 -17.97 7.70 -46.63
N ALA B 60 -19.08 8.37 -46.90
CA ALA B 60 -20.35 8.03 -46.26
C ALA B 60 -21.54 8.27 -47.17
N LEU B 61 -22.62 7.53 -46.94
CA LEU B 61 -23.87 7.74 -47.65
C LEU B 61 -25.03 7.78 -46.66
N ASP B 62 -25.91 8.76 -46.83
CA ASP B 62 -27.11 8.87 -46.01
C ASP B 62 -28.37 8.72 -46.86
N VAL B 63 -29.17 7.70 -46.55
CA VAL B 63 -30.47 7.52 -47.19
C VAL B 63 -31.55 8.14 -46.32
N HIS B 64 -32.42 8.95 -46.90
CA HIS B 64 -33.41 9.66 -46.11
C HIS B 64 -34.63 8.78 -45.81
N ILE B 65 -34.38 7.50 -45.55
CA ILE B 65 -35.41 6.59 -45.06
C ILE B 65 -34.92 5.93 -43.77
N GLY B 66 -35.83 5.72 -42.82
CA GLY B 66 -35.47 5.12 -41.55
C GLY B 66 -36.56 4.29 -40.94
N SER B 67 -36.45 4.04 -39.63
CA SER B 67 -37.37 3.16 -38.93
C SER B 67 -38.83 3.58 -39.01
N LEU B 68 -39.07 4.89 -39.17
CA LEU B 68 -40.43 5.39 -39.32
C LEU B 68 -41.15 4.80 -40.53
N SER B 69 -40.39 4.48 -41.57
CA SER B 69 -40.95 3.91 -42.79
C SER B 69 -40.98 2.38 -42.78
N ASP B 70 -40.84 1.78 -41.60
CA ASP B 70 -40.95 0.34 -41.46
C ASP B 70 -42.37 -0.09 -41.81
N PRO B 71 -42.52 -1.26 -42.46
CA PRO B 71 -43.87 -1.79 -42.57
C PRO B 71 -44.42 -2.09 -41.19
N PRO B 72 -45.72 -1.88 -40.97
CA PRO B 72 -46.28 -2.03 -39.62
C PRO B 72 -46.28 -3.46 -39.12
N ASN B 73 -46.33 -4.43 -40.03
CA ASN B 73 -46.34 -5.83 -39.64
C ASN B 73 -44.94 -6.44 -39.45
N ILE B 74 -43.91 -5.74 -39.93
CA ILE B 74 -42.53 -6.20 -39.72
C ILE B 74 -41.69 -5.14 -39.03
N ALA B 75 -41.89 -4.99 -37.73
CA ALA B 75 -41.18 -3.97 -36.95
C ALA B 75 -39.67 -4.17 -36.99
N GLY B 76 -38.95 -3.09 -37.28
CA GLY B 76 -37.50 -3.13 -37.29
C GLY B 76 -36.86 -3.50 -38.62
N LEU B 77 -37.67 -3.59 -39.67
CA LEU B 77 -37.18 -3.96 -41.00
C LEU B 77 -36.06 -3.06 -41.54
N SER B 78 -36.21 -1.75 -41.37
CA SER B 78 -35.24 -0.82 -41.95
C SER B 78 -33.92 -0.85 -41.19
N HIS B 79 -33.98 -1.13 -39.90
CA HIS B 79 -32.78 -1.32 -39.10
C HIS B 79 -32.11 -2.62 -39.48
N PHE B 80 -32.90 -3.67 -39.54
CA PHE B 80 -32.43 -4.99 -39.94
C PHE B 80 -31.72 -4.93 -41.29
N LEU B 81 -32.26 -4.15 -42.21
CA LEU B 81 -31.69 -3.99 -43.54
C LEU B 81 -30.27 -3.44 -43.47
N GLU B 82 -30.01 -2.51 -42.60
CA GLU B 82 -28.68 -1.96 -42.53
C GLU B 82 -27.68 -2.95 -42.04
N HIS B 83 -28.06 -3.81 -41.12
CA HIS B 83 -27.19 -4.90 -40.71
C HIS B 83 -26.82 -5.78 -41.89
N MET B 84 -27.78 -6.00 -42.78
CA MET B 84 -27.63 -6.94 -43.89
C MET B 84 -26.72 -6.46 -45.01
N LEU B 85 -26.77 -5.17 -45.33
CA LEU B 85 -25.99 -4.62 -46.45
C LEU B 85 -24.49 -4.86 -46.31
N PHE B 86 -24.04 -5.16 -45.10
CA PHE B 86 -22.62 -5.42 -44.84
C PHE B 86 -22.21 -6.84 -45.23
N LEU B 87 -23.18 -7.73 -45.31
CA LEU B 87 -22.90 -9.15 -45.42
C LEU B 87 -22.88 -9.67 -46.85
N GLY B 88 -22.43 -8.85 -47.79
CA GLY B 88 -22.19 -9.32 -49.14
C GLY B 88 -23.03 -8.70 -50.23
N THR B 89 -22.40 -8.46 -51.36
CA THR B 89 -23.05 -7.87 -52.52
C THR B 89 -22.82 -8.77 -53.72
N LYS B 90 -23.34 -8.42 -54.88
CA LYS B 90 -23.19 -9.29 -56.03
C LYS B 90 -21.79 -9.26 -56.63
N LYS B 91 -21.22 -8.07 -56.78
CA LYS B 91 -19.86 -7.96 -57.29
C LYS B 91 -18.85 -8.52 -56.30
N TYR B 92 -19.15 -8.39 -55.02
CA TYR B 92 -18.30 -8.91 -53.96
C TYR B 92 -19.11 -9.77 -53.03
N PRO B 93 -19.25 -11.07 -53.36
CA PRO B 93 -20.19 -11.94 -52.67
C PRO B 93 -19.64 -12.63 -51.44
N LYS B 94 -18.33 -12.57 -51.20
CA LYS B 94 -17.80 -13.16 -49.98
C LYS B 94 -18.39 -12.40 -48.80
N GLU B 95 -19.11 -13.13 -47.96
CA GLU B 95 -19.90 -12.55 -46.89
C GLU B 95 -19.22 -11.43 -46.11
N ASN B 96 -17.92 -11.55 -45.86
CA ASN B 96 -17.21 -10.52 -45.10
C ASN B 96 -16.12 -9.83 -45.92
N GLU B 97 -16.25 -9.87 -47.24
CA GLU B 97 -15.29 -9.24 -48.13
C GLU B 97 -15.11 -7.76 -47.83
N TYR B 98 -16.22 -7.09 -47.56
CA TYR B 98 -16.18 -5.68 -47.21
C TYR B 98 -15.40 -5.45 -45.93
N SER B 99 -15.98 -5.93 -44.83
CA SER B 99 -15.36 -5.91 -43.51
C SER B 99 -13.88 -6.22 -43.49
N GLN B 100 -13.46 -7.21 -44.28
CA GLN B 100 -12.08 -7.69 -44.24
C GLN B 100 -11.13 -6.79 -45.01
N PHE B 101 -11.60 -6.22 -46.11
CA PHE B 101 -10.79 -5.29 -46.88
C PHE B 101 -10.40 -4.09 -46.01
N LEU B 102 -11.35 -3.59 -45.24
CA LEU B 102 -11.08 -2.44 -44.38
C LEU B 102 -10.10 -2.83 -43.28
N SER B 103 -10.21 -4.06 -42.79
CA SER B 103 -9.34 -4.55 -41.74
C SER B 103 -7.90 -4.71 -42.23
N GLU B 104 -7.75 -5.19 -43.46
CA GLU B 104 -6.44 -5.40 -44.05
C GLU B 104 -5.80 -4.10 -44.56
N HIS B 105 -6.59 -3.04 -44.62
CA HIS B 105 -6.05 -1.75 -45.05
C HIS B 105 -6.39 -0.67 -44.03
N ALA B 106 -6.45 -1.08 -42.77
CA ALA B 106 -6.50 -0.15 -41.64
C ALA B 106 -7.75 0.70 -41.63
N GLY B 107 -8.85 0.16 -42.13
CA GLY B 107 -10.10 0.89 -42.13
C GLY B 107 -11.03 0.46 -41.02
N SER B 108 -12.18 1.11 -40.94
CA SER B 108 -13.24 0.72 -40.01
C SER B 108 -14.57 1.20 -40.55
N SER B 109 -15.66 0.55 -40.15
CA SER B 109 -16.98 0.89 -40.66
C SER B 109 -18.05 0.77 -39.60
N ASN B 110 -19.18 1.43 -39.85
CA ASN B 110 -20.37 1.34 -39.01
C ASN B 110 -21.57 2.03 -39.63
N ALA B 111 -22.74 1.85 -39.03
CA ALA B 111 -23.95 2.51 -39.50
C ALA B 111 -24.95 2.76 -38.37
N PHE B 112 -25.91 3.64 -38.60
CA PHE B 112 -27.02 3.81 -37.67
C PHE B 112 -28.34 4.07 -38.39
N THR B 113 -29.44 3.94 -37.66
CA THR B 113 -30.75 4.10 -38.22
C THR B 113 -31.68 4.94 -37.39
N SER B 114 -31.84 6.19 -37.74
CA SER B 114 -32.80 7.06 -37.07
C SER B 114 -34.17 6.95 -37.73
N GLY B 115 -35.10 7.77 -37.25
CA GLY B 115 -36.46 7.79 -37.74
C GLY B 115 -36.57 7.99 -39.25
N GLU B 116 -35.74 8.87 -39.79
CA GLU B 116 -35.80 9.21 -41.20
C GLU B 116 -34.48 9.04 -41.92
N HIS B 117 -33.51 8.40 -41.28
CA HIS B 117 -32.21 8.23 -41.90
C HIS B 117 -31.59 6.87 -41.65
N THR B 118 -31.01 6.31 -42.71
CA THR B 118 -30.11 5.18 -42.56
C THR B 118 -28.78 5.63 -43.12
N ASN B 119 -27.74 5.59 -42.30
CA ASN B 119 -26.48 6.26 -42.60
C ASN B 119 -25.30 5.30 -42.54
N TYR B 120 -24.53 5.22 -43.63
CA TYR B 120 -23.42 4.26 -43.72
C TYR B 120 -22.10 4.98 -43.90
N TYR B 121 -21.11 4.64 -43.09
CA TYR B 121 -19.82 5.29 -43.21
C TYR B 121 -18.61 4.37 -43.04
N PHE B 122 -17.48 4.75 -43.63
CA PHE B 122 -16.24 4.04 -43.42
C PHE B 122 -15.05 4.98 -43.53
N ASP B 123 -13.90 4.53 -43.07
CA ASP B 123 -12.63 5.18 -43.41
C ASP B 123 -11.63 4.10 -43.80
N VAL B 124 -10.60 4.46 -44.55
CA VAL B 124 -9.63 3.49 -45.02
C VAL B 124 -8.28 4.17 -45.18
N SER B 125 -7.21 3.39 -45.30
CA SER B 125 -5.89 3.93 -45.62
C SER B 125 -6.02 4.71 -46.93
N HIS B 126 -5.51 5.95 -46.92
CA HIS B 126 -5.77 6.91 -47.98
C HIS B 126 -5.48 6.46 -49.42
N GLU B 127 -4.61 5.45 -49.60
CA GLU B 127 -4.27 5.01 -50.94
C GLU B 127 -5.13 3.85 -51.44
N HIS B 128 -6.08 3.40 -50.62
CA HIS B 128 -7.00 2.35 -51.04
C HIS B 128 -8.44 2.82 -50.99
N LEU B 129 -8.64 4.12 -51.19
CA LEU B 129 -9.98 4.69 -51.21
C LEU B 129 -10.87 4.08 -52.28
N GLU B 130 -10.35 3.92 -53.50
CA GLU B 130 -11.15 3.37 -54.58
C GLU B 130 -11.70 1.99 -54.26
N GLY B 131 -10.81 1.08 -53.86
CA GLY B 131 -11.21 -0.27 -53.50
C GLY B 131 -12.30 -0.28 -52.45
N ALA B 132 -12.08 0.47 -51.37
CA ALA B 132 -13.06 0.55 -50.30
C ALA B 132 -14.38 1.16 -50.76
N LEU B 133 -14.29 2.23 -51.56
CA LEU B 133 -15.48 2.94 -52.01
C LEU B 133 -16.27 2.11 -53.00
N ASP B 134 -15.56 1.33 -53.82
CA ASP B 134 -16.21 0.44 -54.76
C ASP B 134 -17.06 -0.60 -54.04
N ARG B 135 -16.45 -1.27 -53.07
CA ARG B 135 -17.13 -2.28 -52.27
C ARG B 135 -18.29 -1.66 -51.49
N PHE B 136 -18.12 -0.39 -51.14
CA PHE B 136 -19.10 0.33 -50.34
C PHE B 136 -20.31 0.71 -51.20
N ALA B 137 -20.04 1.10 -52.45
CA ALA B 137 -21.11 1.52 -53.36
C ALA B 137 -22.03 0.37 -53.74
N GLN B 138 -21.53 -0.86 -53.60
CA GLN B 138 -22.29 -2.03 -53.99
C GLN B 138 -23.46 -2.28 -53.04
N PHE B 139 -23.35 -1.75 -51.83
CA PHE B 139 -24.43 -1.83 -50.85
C PHE B 139 -25.74 -1.31 -51.42
N PHE B 140 -25.60 -0.34 -52.31
CA PHE B 140 -26.73 0.46 -52.77
C PHE B 140 -27.14 0.05 -54.17
N LEU B 141 -26.55 -1.05 -54.64
CA LEU B 141 -26.79 -1.50 -56.00
C LEU B 141 -27.29 -2.94 -56.03
N SER B 142 -26.58 -3.84 -55.36
CA SER B 142 -26.87 -5.27 -55.47
C SER B 142 -26.54 -6.05 -54.21
N PRO B 143 -27.21 -5.75 -53.09
CA PRO B 143 -26.92 -6.55 -51.90
C PRO B 143 -27.50 -7.95 -52.06
N LEU B 144 -26.92 -8.94 -51.40
CA LEU B 144 -27.36 -10.30 -51.61
C LEU B 144 -28.56 -10.65 -50.74
N PHE B 145 -28.52 -10.22 -49.48
CA PHE B 145 -29.47 -10.70 -48.48
C PHE B 145 -29.51 -12.22 -48.51
N ASP B 146 -28.34 -12.83 -48.36
CA ASP B 146 -28.22 -14.28 -48.36
C ASP B 146 -29.24 -14.89 -47.42
N GLU B 147 -29.90 -15.96 -47.87
CA GLU B 147 -30.97 -16.55 -47.08
C GLU B 147 -30.37 -17.09 -45.80
N SER B 148 -29.17 -17.66 -45.92
CA SER B 148 -28.43 -18.20 -44.79
C SER B 148 -28.00 -17.10 -43.84
N ALA B 149 -27.59 -15.97 -44.41
CA ALA B 149 -27.10 -14.85 -43.63
C ALA B 149 -28.25 -14.10 -42.98
N LYS B 150 -29.37 -14.01 -43.67
CA LYS B 150 -30.58 -13.42 -43.11
C LYS B 150 -30.94 -14.10 -41.81
N ASP B 151 -30.78 -15.42 -41.79
CA ASP B 151 -31.12 -16.24 -40.64
C ASP B 151 -30.22 -15.99 -39.44
N ARG B 152 -28.94 -15.75 -39.71
CA ARG B 152 -27.95 -15.58 -38.66
C ARG B 152 -28.01 -14.22 -37.99
N GLU B 153 -27.85 -13.16 -38.78
CA GLU B 153 -27.70 -11.81 -38.26
C GLU B 153 -29.00 -11.31 -37.59
N VAL B 154 -30.09 -12.05 -37.72
CA VAL B 154 -31.30 -11.73 -36.98
C VAL B 154 -31.00 -11.78 -35.49
N ASN B 155 -30.11 -12.70 -35.13
CA ASN B 155 -29.70 -12.87 -33.74
C ASN B 155 -28.89 -11.69 -33.23
N ALA B 156 -28.04 -11.13 -34.08
CA ALA B 156 -27.28 -9.95 -33.73
C ALA B 156 -28.22 -8.82 -33.32
N VAL B 157 -29.29 -8.64 -34.08
CA VAL B 157 -30.29 -7.62 -33.78
C VAL B 157 -31.04 -7.93 -32.49
N ASP B 158 -31.49 -9.18 -32.36
CA ASP B 158 -32.19 -9.60 -31.15
C ASP B 158 -31.31 -9.44 -29.92
N SER B 159 -30.04 -9.78 -30.07
CA SER B 159 -29.06 -9.57 -29.01
C SER B 159 -28.91 -8.09 -28.70
N GLU B 160 -29.01 -7.26 -29.73
CA GLU B 160 -28.93 -5.82 -29.57
C GLU B 160 -30.12 -5.30 -28.77
N HIS B 161 -31.32 -5.74 -29.13
CA HIS B 161 -32.53 -5.37 -28.40
C HIS B 161 -32.43 -5.79 -26.94
N GLU B 162 -31.91 -6.99 -26.71
CA GLU B 162 -31.76 -7.53 -25.37
C GLU B 162 -30.91 -6.61 -24.50
N LYS B 163 -29.76 -6.21 -25.03
CA LYS B 163 -28.91 -5.20 -24.42
C LYS B 163 -29.72 -3.98 -23.95
N ASN B 164 -30.69 -3.57 -24.74
CA ASN B 164 -31.45 -2.35 -24.47
C ASN B 164 -32.68 -2.52 -23.60
N VAL B 165 -33.12 -3.76 -23.40
CA VAL B 165 -34.36 -4.00 -22.67
C VAL B 165 -34.30 -3.43 -21.25
N MET B 166 -33.20 -3.69 -20.56
CA MET B 166 -33.06 -3.26 -19.17
C MET B 166 -32.36 -1.90 -19.04
N ASN B 167 -32.20 -1.21 -20.16
CA ASN B 167 -31.63 0.14 -20.15
C ASN B 167 -32.74 1.16 -19.96
N ASP B 168 -32.64 1.95 -18.91
CA ASP B 168 -33.67 2.92 -18.56
C ASP B 168 -33.90 3.98 -19.64
N ALA B 169 -32.84 4.37 -20.33
CA ALA B 169 -32.94 5.42 -21.34
C ALA B 169 -33.77 4.97 -22.54
N TRP B 170 -33.58 3.72 -22.96
CA TRP B 170 -34.36 3.14 -24.05
C TRP B 170 -35.81 2.91 -23.64
N ARG B 171 -36.02 2.35 -22.46
CA ARG B 171 -37.36 2.12 -21.93
C ARG B 171 -38.21 3.38 -21.97
N LEU B 172 -37.64 4.50 -21.51
CA LEU B 172 -38.34 5.79 -21.56
C LEU B 172 -38.57 6.22 -22.98
N PHE B 173 -37.50 6.21 -23.78
CA PHE B 173 -37.55 6.49 -25.20
C PHE B 173 -38.74 5.84 -25.89
N GLN B 174 -38.94 4.55 -25.63
CA GLN B 174 -40.01 3.81 -26.28
C GLN B 174 -41.36 4.07 -25.62
N LEU B 175 -41.35 4.27 -24.31
CA LEU B 175 -42.58 4.55 -23.58
C LEU B 175 -43.27 5.81 -24.09
N GLU B 176 -42.50 6.88 -24.32
CA GLU B 176 -43.05 8.09 -24.92
C GLU B 176 -43.74 7.76 -26.25
N LYS B 177 -43.03 7.04 -27.11
CA LYS B 177 -43.58 6.63 -28.40
C LYS B 177 -44.90 5.88 -28.25
N ALA B 178 -45.00 5.10 -27.18
CA ALA B 178 -46.16 4.24 -26.96
C ALA B 178 -47.31 4.90 -26.19
N THR B 179 -47.23 6.20 -25.96
CA THR B 179 -48.29 6.90 -25.22
C THR B 179 -48.95 7.99 -26.05
N GLY B 180 -48.38 8.28 -27.21
CA GLY B 180 -49.03 9.13 -28.18
C GLY B 180 -49.94 8.30 -29.08
N ASN B 181 -50.35 8.90 -30.19
CA ASN B 181 -51.20 8.23 -31.17
C ASN B 181 -50.64 6.89 -31.65
N PRO B 182 -51.36 5.79 -31.37
CA PRO B 182 -50.96 4.46 -31.81
C PRO B 182 -50.96 4.31 -33.32
N LYS B 183 -51.80 5.09 -34.00
CA LYS B 183 -51.91 5.03 -35.44
C LYS B 183 -50.71 5.70 -36.11
N HIS B 184 -50.00 6.53 -35.34
CA HIS B 184 -48.91 7.33 -35.88
C HIS B 184 -47.65 6.48 -36.04
N PRO B 185 -46.94 6.65 -37.17
CA PRO B 185 -45.66 5.97 -37.40
C PRO B 185 -44.66 6.18 -36.28
N PHE B 186 -44.79 7.31 -35.58
CA PHE B 186 -43.96 7.61 -34.41
C PHE B 186 -44.01 6.53 -33.35
N SER B 187 -45.15 5.83 -33.28
CA SER B 187 -45.37 4.81 -32.26
C SER B 187 -44.56 3.53 -32.50
N LYS B 188 -43.93 3.44 -33.67
CA LYS B 188 -43.25 2.22 -34.10
C LYS B 188 -42.08 1.79 -33.22
N PHE B 189 -41.87 0.48 -33.16
CA PHE B 189 -40.72 -0.10 -32.51
C PHE B 189 -39.59 -0.15 -33.55
N GLY B 190 -38.56 0.66 -33.33
CA GLY B 190 -37.50 0.83 -34.31
C GLY B 190 -36.51 -0.30 -34.39
N THR B 191 -35.99 -0.74 -33.25
CA THR B 191 -34.94 -1.75 -33.20
C THR B 191 -35.34 -3.04 -33.88
N GLY B 192 -36.47 -3.59 -33.48
CA GLY B 192 -36.89 -4.90 -33.94
C GLY B 192 -36.19 -5.98 -33.14
N ASN B 193 -36.77 -7.17 -33.14
CA ASN B 193 -36.15 -8.32 -32.48
C ASN B 193 -36.50 -9.61 -33.21
N LYS B 194 -36.11 -10.73 -32.64
CA LYS B 194 -36.27 -12.02 -33.31
C LYS B 194 -37.74 -12.35 -33.54
N TYR B 195 -38.61 -11.89 -32.65
CA TYR B 195 -40.04 -12.11 -32.82
C TYR B 195 -40.58 -11.31 -34.00
N THR B 196 -40.23 -10.02 -34.04
CA THR B 196 -40.76 -9.13 -35.08
C THR B 196 -40.15 -9.37 -36.45
N LEU B 197 -38.97 -9.99 -36.47
CA LEU B 197 -38.21 -10.14 -37.72
C LEU B 197 -38.11 -11.58 -38.19
N GLU B 198 -38.47 -12.53 -37.34
CA GLU B 198 -38.44 -13.93 -37.75
C GLU B 198 -39.71 -14.69 -37.35
N THR B 199 -39.92 -14.86 -36.05
CA THR B 199 -41.02 -15.68 -35.55
C THR B 199 -42.39 -15.27 -36.07
N ARG B 200 -42.77 -14.02 -35.80
CA ARG B 200 -44.08 -13.53 -36.23
C ARG B 200 -44.21 -13.44 -37.76
N PRO B 201 -43.16 -12.98 -38.48
CA PRO B 201 -43.30 -12.99 -39.94
C PRO B 201 -43.53 -14.38 -40.54
N ASN B 202 -42.97 -15.43 -39.94
CA ASN B 202 -43.21 -16.77 -40.43
C ASN B 202 -44.64 -17.20 -40.16
N GLN B 203 -45.06 -17.05 -38.91
CA GLN B 203 -46.45 -17.22 -38.50
C GLN B 203 -47.45 -16.61 -39.48
N GLU B 204 -47.12 -15.44 -40.03
CA GLU B 204 -48.03 -14.75 -40.93
C GLU B 204 -47.67 -14.99 -42.39
N GLY B 205 -46.84 -15.99 -42.63
CA GLY B 205 -46.51 -16.40 -43.99
C GLY B 205 -45.70 -15.40 -44.79
N ILE B 206 -45.20 -14.36 -44.12
CA ILE B 206 -44.36 -13.36 -44.76
C ILE B 206 -42.96 -13.90 -45.06
N ASP B 207 -42.39 -13.53 -46.20
CA ASP B 207 -41.01 -13.87 -46.54
C ASP B 207 -40.10 -12.66 -46.34
N VAL B 208 -39.35 -12.67 -45.25
CA VAL B 208 -38.59 -11.50 -44.83
C VAL B 208 -37.50 -11.07 -45.82
N ARG B 209 -36.80 -12.04 -46.40
CA ARG B 209 -35.75 -11.72 -47.36
C ARG B 209 -36.27 -10.94 -48.56
N GLN B 210 -37.49 -11.25 -48.97
CA GLN B 210 -38.05 -10.57 -50.12
C GLN B 210 -38.70 -9.26 -49.70
N GLU B 211 -39.11 -9.20 -48.44
CA GLU B 211 -39.49 -7.93 -47.82
C GLU B 211 -38.30 -6.97 -47.69
N LEU B 212 -37.12 -7.52 -47.42
CA LEU B 212 -35.91 -6.70 -47.38
C LEU B 212 -35.68 -6.12 -48.76
N LEU B 213 -35.66 -7.01 -49.75
CA LEU B 213 -35.51 -6.63 -51.15
C LEU B 213 -36.57 -5.62 -51.58
N LYS B 214 -37.83 -5.89 -51.23
CA LYS B 214 -38.91 -4.95 -51.51
C LYS B 214 -38.62 -3.58 -50.93
N PHE B 215 -38.22 -3.54 -49.67
CA PHE B 215 -37.92 -2.28 -49.00
C PHE B 215 -36.74 -1.58 -49.67
N HIS B 216 -35.67 -2.33 -49.89
CA HIS B 216 -34.46 -1.78 -50.48
C HIS B 216 -34.76 -1.20 -51.85
N SER B 217 -35.45 -1.98 -52.67
CA SER B 217 -35.79 -1.55 -54.02
C SER B 217 -36.77 -0.39 -54.02
N ALA B 218 -37.65 -0.35 -53.03
CA ALA B 218 -38.65 0.70 -52.93
C ALA B 218 -38.06 2.04 -52.49
N TYR B 219 -37.17 2.00 -51.51
CA TYR B 219 -36.81 3.21 -50.79
C TYR B 219 -35.36 3.66 -50.94
N TYR B 220 -34.44 2.72 -51.18
CA TYR B 220 -33.06 3.12 -51.43
C TYR B 220 -32.90 3.64 -52.85
N SER B 221 -33.61 4.72 -53.14
CA SER B 221 -33.52 5.39 -54.43
C SER B 221 -32.49 6.51 -54.37
N SER B 222 -31.85 6.76 -55.51
CA SER B 222 -30.81 7.77 -55.60
C SER B 222 -31.25 9.15 -55.16
N ASN B 223 -32.50 9.52 -55.44
CA ASN B 223 -33.00 10.84 -55.08
C ASN B 223 -33.15 11.04 -53.57
N LEU B 224 -33.01 9.95 -52.82
CA LEU B 224 -33.10 10.00 -51.37
C LEU B 224 -31.73 9.82 -50.74
N MET B 225 -30.69 9.88 -51.57
CA MET B 225 -29.33 9.67 -51.09
C MET B 225 -28.47 10.92 -51.15
N ALA B 226 -27.59 11.04 -50.16
CA ALA B 226 -26.54 12.06 -50.16
C ALA B 226 -25.20 11.37 -49.90
N VAL B 227 -24.15 11.83 -50.56
CA VAL B 227 -22.86 11.17 -50.48
C VAL B 227 -21.73 12.14 -50.19
N VAL B 228 -20.90 11.81 -49.21
CA VAL B 228 -19.68 12.57 -48.96
C VAL B 228 -18.46 11.68 -49.12
N VAL B 229 -17.48 12.17 -49.86
CA VAL B 229 -16.24 11.44 -50.07
C VAL B 229 -15.06 12.34 -49.77
N LEU B 230 -14.16 11.85 -48.92
CA LEU B 230 -13.00 12.62 -48.48
C LEU B 230 -11.73 11.83 -48.75
N GLY B 231 -10.78 12.46 -49.42
CA GLY B 231 -9.54 11.78 -49.75
C GLY B 231 -8.37 12.70 -50.01
N ARG B 232 -7.23 12.09 -50.31
CA ARG B 232 -6.02 12.82 -50.61
C ARG B 232 -6.07 13.30 -52.06
N GLU B 233 -6.81 12.55 -52.87
CA GLU B 233 -6.98 12.85 -54.30
C GLU B 233 -7.53 14.26 -54.56
N SER B 234 -7.14 14.83 -55.69
CA SER B 234 -7.65 16.13 -56.12
C SER B 234 -9.16 16.15 -56.27
N LEU B 235 -9.75 17.34 -56.27
CA LEU B 235 -11.19 17.51 -56.45
C LEU B 235 -11.72 16.92 -57.76
N ASP B 236 -10.99 17.15 -58.85
CA ASP B 236 -11.39 16.59 -60.14
C ASP B 236 -11.39 15.07 -60.17
N ASP B 237 -10.33 14.46 -59.65
CA ASP B 237 -10.26 13.00 -59.56
C ASP B 237 -11.39 12.43 -58.72
N LEU B 238 -11.67 13.08 -57.60
CA LEU B 238 -12.74 12.64 -56.71
C LEU B 238 -14.08 12.66 -57.43
N THR B 239 -14.28 13.69 -58.24
CA THR B 239 -15.48 13.79 -59.07
C THR B 239 -15.70 12.53 -59.91
N ASN B 240 -14.78 12.27 -60.84
CA ASN B 240 -14.85 11.11 -61.73
C ASN B 240 -15.03 9.80 -60.98
N LEU B 241 -14.36 9.69 -59.84
CA LEU B 241 -14.41 8.48 -59.04
C LEU B 241 -15.82 8.24 -58.50
N VAL B 242 -16.44 9.29 -57.99
CA VAL B 242 -17.81 9.21 -57.48
C VAL B 242 -18.80 8.96 -58.61
N VAL B 243 -18.62 9.67 -59.71
CA VAL B 243 -19.49 9.53 -60.88
C VAL B 243 -19.44 8.11 -61.43
N LYS B 244 -18.23 7.56 -61.54
CA LYS B 244 -18.06 6.18 -61.96
C LYS B 244 -18.89 5.22 -61.13
N LEU B 245 -18.76 5.31 -59.81
CA LEU B 245 -19.32 4.32 -58.91
C LEU B 245 -20.79 4.53 -58.52
N PHE B 246 -21.28 5.75 -58.59
CA PHE B 246 -22.59 6.05 -58.01
C PHE B 246 -23.66 6.53 -58.99
N SER B 247 -23.28 6.85 -60.22
CA SER B 247 -24.26 7.32 -61.20
C SER B 247 -25.12 6.18 -61.74
N GLU B 248 -24.68 4.95 -61.47
CA GLU B 248 -25.46 3.77 -61.83
C GLU B 248 -26.66 3.53 -60.92
N VAL B 249 -26.59 4.07 -59.70
CA VAL B 249 -27.67 3.91 -58.72
C VAL B 249 -29.00 4.39 -59.28
N GLU B 250 -30.04 3.57 -59.12
CA GLU B 250 -31.33 3.81 -59.75
C GLU B 250 -32.17 4.85 -59.02
N ASN B 251 -32.95 5.60 -59.79
CA ASN B 251 -33.80 6.67 -59.28
C ASN B 251 -35.29 6.34 -59.34
N LYS B 252 -35.79 5.61 -58.35
CA LYS B 252 -37.19 5.25 -58.29
C LYS B 252 -38.06 6.46 -57.93
N ASN B 253 -37.39 7.59 -57.73
CA ASN B 253 -38.01 8.90 -57.57
C ASN B 253 -39.05 8.85 -56.45
N VAL B 254 -38.60 8.45 -55.26
CA VAL B 254 -39.48 8.26 -54.12
C VAL B 254 -39.90 9.57 -53.49
N PRO B 255 -41.20 9.72 -53.22
CA PRO B 255 -41.66 10.89 -52.48
C PRO B 255 -41.12 10.88 -51.07
N LEU B 256 -40.56 12.01 -50.63
CA LEU B 256 -39.98 12.07 -49.30
C LEU B 256 -41.10 12.20 -48.28
N PRO B 257 -41.13 11.27 -47.31
CA PRO B 257 -42.21 11.18 -46.32
C PRO B 257 -42.31 12.41 -45.45
N GLU B 258 -43.52 12.85 -45.17
CA GLU B 258 -43.68 13.89 -44.17
C GLU B 258 -44.67 13.42 -43.13
N PHE B 259 -44.56 13.99 -41.93
CA PHE B 259 -45.40 13.58 -40.82
C PHE B 259 -46.00 14.83 -40.21
N PRO B 260 -46.99 15.42 -40.90
CA PRO B 260 -47.52 16.74 -40.55
C PRO B 260 -48.35 16.72 -39.29
N GLU B 261 -49.01 15.59 -39.04
CA GLU B 261 -49.88 15.46 -37.89
C GLU B 261 -49.08 15.01 -36.68
N HIS B 262 -48.98 15.88 -35.69
CA HIS B 262 -48.24 15.57 -34.46
C HIS B 262 -48.81 14.33 -33.77
N PRO B 263 -47.92 13.42 -33.35
CA PRO B 263 -48.31 12.19 -32.65
C PRO B 263 -49.00 12.46 -31.33
N PHE B 264 -48.77 13.65 -30.79
CA PHE B 264 -49.47 14.09 -29.59
C PHE B 264 -50.64 15.00 -29.94
N GLN B 265 -51.85 14.54 -29.63
CA GLN B 265 -53.04 15.27 -30.03
C GLN B 265 -53.75 15.70 -28.76
N GLU B 266 -54.95 16.24 -28.86
CA GLU B 266 -55.63 16.72 -27.66
C GLU B 266 -55.85 15.68 -26.55
N GLU B 267 -56.16 14.44 -26.91
CA GLU B 267 -56.29 13.40 -25.88
C GLU B 267 -54.97 13.09 -25.17
N HIS B 268 -53.84 13.36 -25.83
CA HIS B 268 -52.54 12.97 -25.29
C HIS B 268 -51.88 14.07 -24.46
N LEU B 269 -52.55 15.21 -24.35
CA LEU B 269 -52.02 16.33 -23.58
C LEU B 269 -52.62 16.45 -22.20
N LYS B 270 -52.00 17.27 -21.35
CA LYS B 270 -52.32 17.39 -19.93
C LYS B 270 -52.35 16.01 -19.28
N GLN B 271 -51.33 15.21 -19.55
CA GLN B 271 -51.30 13.85 -19.04
C GLN B 271 -50.09 13.64 -18.14
N LEU B 272 -50.27 12.78 -17.14
CA LEU B 272 -49.23 12.52 -16.16
C LEU B 272 -48.82 11.06 -16.22
N TYR B 273 -47.54 10.78 -16.04
CA TYR B 273 -47.06 9.41 -16.12
C TYR B 273 -46.18 9.07 -14.93
N LYS B 274 -46.53 7.99 -14.23
CA LYS B 274 -45.74 7.50 -13.11
C LYS B 274 -45.02 6.25 -13.57
N ILE B 275 -43.70 6.31 -13.62
CA ILE B 275 -42.91 5.25 -14.26
C ILE B 275 -41.89 4.62 -13.32
N VAL B 276 -41.86 3.28 -13.29
CA VAL B 276 -40.87 2.55 -12.53
C VAL B 276 -39.58 2.34 -13.31
N PRO B 277 -38.45 2.81 -12.77
CA PRO B 277 -37.13 2.66 -13.39
C PRO B 277 -36.49 1.32 -13.05
N ILE B 278 -35.39 1.00 -13.72
CA ILE B 278 -34.60 -0.18 -13.38
C ILE B 278 -33.58 0.17 -12.31
N LYS B 279 -32.77 1.18 -12.60
CA LYS B 279 -31.85 1.72 -11.60
C LYS B 279 -32.64 2.53 -10.59
N ASP B 280 -31.99 2.94 -9.50
CA ASP B 280 -32.65 3.83 -8.56
C ASP B 280 -32.35 5.26 -9.00
N ILE B 281 -33.22 5.78 -9.85
CA ILE B 281 -33.06 7.14 -10.35
C ILE B 281 -34.35 7.93 -10.15
N ARG B 282 -34.22 9.25 -10.09
CA ARG B 282 -35.37 10.11 -9.88
C ARG B 282 -35.38 11.20 -10.94
N ASN B 283 -36.37 11.15 -11.82
CA ASN B 283 -36.43 12.10 -12.92
C ASN B 283 -37.82 12.65 -13.19
N LEU B 284 -37.86 13.87 -13.71
CA LEU B 284 -39.10 14.51 -14.11
C LEU B 284 -38.98 14.93 -15.56
N TYR B 285 -39.97 14.57 -16.37
CA TYR B 285 -39.91 14.89 -17.78
C TYR B 285 -41.11 15.72 -18.21
N VAL B 286 -40.83 16.92 -18.66
CA VAL B 286 -41.86 17.82 -19.15
C VAL B 286 -41.70 17.99 -20.65
N THR B 287 -42.80 17.86 -21.37
CA THR B 287 -42.75 17.80 -22.82
C THR B 287 -43.85 18.67 -23.42
N PHE B 288 -43.50 19.39 -24.48
CA PHE B 288 -44.46 20.20 -25.20
C PHE B 288 -44.38 19.86 -26.67
N PRO B 289 -45.50 19.44 -27.25
CA PRO B 289 -45.52 19.23 -28.69
C PRO B 289 -45.44 20.56 -29.43
N ILE B 290 -44.51 20.67 -30.37
CA ILE B 290 -44.37 21.89 -31.14
C ILE B 290 -44.31 21.57 -32.63
N PRO B 291 -44.68 22.54 -33.48
CA PRO B 291 -44.52 22.38 -34.93
C PRO B 291 -43.06 22.16 -35.33
N ASP B 292 -42.84 21.70 -36.56
CA ASP B 292 -41.49 21.43 -37.02
C ASP B 292 -40.77 22.74 -37.31
N LEU B 293 -39.74 23.03 -36.53
CA LEU B 293 -39.06 24.32 -36.60
C LEU B 293 -37.84 24.29 -37.50
N GLN B 294 -37.60 23.16 -38.16
CA GLN B 294 -36.40 23.00 -38.99
C GLN B 294 -36.27 24.09 -40.04
N LYS B 295 -37.34 24.36 -40.79
CA LYS B 295 -37.27 25.35 -41.86
C LYS B 295 -36.91 26.75 -41.34
N TYR B 296 -37.16 26.99 -40.06
CA TYR B 296 -36.74 28.23 -39.43
C TYR B 296 -35.31 28.15 -38.89
N TYR B 297 -34.45 27.41 -39.57
CA TYR B 297 -33.10 27.17 -39.08
C TYR B 297 -32.26 28.44 -39.07
N LYS B 298 -32.61 29.38 -39.93
CA LYS B 298 -31.82 30.59 -40.10
C LYS B 298 -31.92 31.51 -38.89
N SER B 299 -32.99 31.35 -38.13
CA SER B 299 -33.20 32.12 -36.91
C SER B 299 -33.07 31.27 -35.66
N ASN B 300 -33.53 30.02 -35.78
CA ASN B 300 -33.47 29.05 -34.70
C ASN B 300 -34.14 29.55 -33.42
N PRO B 301 -35.47 29.74 -33.45
CA PRO B 301 -36.17 30.16 -32.25
C PRO B 301 -36.09 29.11 -31.16
N GLY B 302 -36.10 27.84 -31.57
CA GLY B 302 -35.96 26.73 -30.64
C GLY B 302 -34.68 26.79 -29.84
N HIS B 303 -33.58 27.03 -30.53
CA HIS B 303 -32.28 27.13 -29.88
C HIS B 303 -32.24 28.31 -28.91
N TYR B 304 -32.89 29.40 -29.28
CA TYR B 304 -32.92 30.60 -28.46
C TYR B 304 -33.56 30.35 -27.11
N LEU B 305 -34.74 29.76 -27.12
CA LEU B 305 -35.47 29.45 -25.89
C LEU B 305 -34.79 28.32 -25.13
N GLY B 306 -34.15 27.43 -25.87
CA GLY B 306 -33.34 26.39 -25.27
C GLY B 306 -32.23 26.99 -24.43
N HIS B 307 -31.56 28.00 -24.97
CA HIS B 307 -30.45 28.65 -24.29
C HIS B 307 -30.87 29.30 -22.98
N LEU B 308 -32.07 29.87 -22.95
CA LEU B 308 -32.54 30.59 -21.77
C LEU B 308 -33.08 29.65 -20.71
N ILE B 309 -34.12 28.90 -21.06
CA ILE B 309 -34.65 27.87 -20.16
C ILE B 309 -33.54 26.94 -19.66
N GLY B 310 -32.61 26.59 -20.55
CA GLY B 310 -31.55 25.66 -20.22
C GLY B 310 -30.39 26.25 -19.45
N HIS B 311 -30.34 27.59 -19.39
CA HIS B 311 -29.22 28.29 -18.77
C HIS B 311 -29.01 27.88 -17.32
N GLU B 312 -27.77 27.87 -16.88
CA GLU B 312 -27.42 27.46 -15.53
C GLU B 312 -26.76 28.57 -14.72
N GLY B 313 -26.80 29.79 -15.25
CA GLY B 313 -26.18 30.92 -14.62
C GLY B 313 -27.02 31.53 -13.52
N PRO B 314 -26.46 32.56 -12.84
CA PRO B 314 -27.15 33.39 -11.86
C PRO B 314 -28.58 33.75 -12.24
N GLY B 315 -29.54 33.37 -11.41
CA GLY B 315 -30.93 33.76 -11.59
C GLY B 315 -31.67 32.89 -12.58
N SER B 316 -31.05 31.79 -13.00
CA SER B 316 -31.68 30.84 -13.91
C SER B 316 -32.71 29.98 -13.22
N LEU B 317 -33.57 29.35 -14.01
CA LEU B 317 -34.57 28.41 -13.51
C LEU B 317 -33.93 27.29 -12.71
N LEU B 318 -32.81 26.77 -13.20
CA LEU B 318 -32.11 25.69 -12.50
C LEU B 318 -31.59 26.15 -11.15
N SER B 319 -30.89 27.28 -11.16
CA SER B 319 -30.34 27.87 -9.94
C SER B 319 -31.34 27.84 -8.81
N GLU B 320 -32.56 28.30 -9.07
CA GLU B 320 -33.56 28.27 -8.02
C GLU B 320 -34.08 26.88 -7.63
N LEU B 321 -34.34 26.01 -8.59
CA LEU B 321 -34.77 24.65 -8.25
C LEU B 321 -33.68 23.98 -7.40
N LYS B 322 -32.43 24.36 -7.65
CA LYS B 322 -31.30 23.92 -6.83
C LYS B 322 -31.37 24.46 -5.40
N SER B 323 -31.65 25.76 -5.28
CA SER B 323 -31.73 26.44 -3.99
C SER B 323 -32.76 25.79 -3.08
N LYS B 324 -33.94 25.51 -3.64
CA LYS B 324 -35.00 24.82 -2.93
C LYS B 324 -34.64 23.37 -2.60
N GLY B 325 -33.46 22.93 -3.04
CA GLY B 325 -33.02 21.56 -2.82
C GLY B 325 -33.85 20.53 -3.54
N TRP B 326 -34.39 20.92 -4.70
CA TRP B 326 -35.30 20.06 -5.44
C TRP B 326 -34.66 19.32 -6.61
N VAL B 327 -33.74 19.97 -7.31
CA VAL B 327 -33.09 19.32 -8.44
C VAL B 327 -31.57 19.48 -8.42
N ASN B 328 -30.89 18.65 -9.21
CA ASN B 328 -29.44 18.71 -9.32
C ASN B 328 -29.00 19.17 -10.72
N THR B 329 -29.75 18.75 -11.73
CA THR B 329 -29.41 19.00 -13.13
C THR B 329 -30.65 19.32 -13.93
N LEU B 330 -30.51 20.18 -14.94
CA LEU B 330 -31.62 20.48 -15.83
C LEU B 330 -31.16 20.49 -17.28
N VAL B 331 -32.02 19.97 -18.15
CA VAL B 331 -31.79 20.02 -19.58
C VAL B 331 -33.05 20.54 -20.26
N GLY B 332 -32.91 21.57 -21.06
CA GLY B 332 -34.05 22.13 -21.75
C GLY B 332 -33.73 22.56 -23.16
N GLY B 333 -34.74 22.54 -24.02
CA GLY B 333 -34.58 22.98 -25.39
C GLY B 333 -35.39 22.15 -26.36
N GLN B 334 -35.22 22.42 -27.65
CA GLN B 334 -35.95 21.70 -28.67
C GLN B 334 -35.35 20.32 -28.90
N LYS B 335 -36.24 19.34 -29.07
CA LYS B 335 -35.85 17.97 -29.28
C LYS B 335 -36.28 17.51 -30.66
N GLU B 336 -35.35 16.98 -31.45
CA GLU B 336 -35.67 16.51 -32.79
C GLU B 336 -36.81 15.50 -32.78
N GLY B 337 -37.65 15.57 -33.80
CA GLY B 337 -38.77 14.65 -33.95
C GLY B 337 -38.72 13.99 -35.32
N ALA B 338 -39.50 14.52 -36.25
CA ALA B 338 -39.36 14.17 -37.66
C ALA B 338 -39.84 15.32 -38.53
N ARG B 339 -39.81 15.13 -39.84
CA ARG B 339 -40.32 16.15 -40.76
C ARG B 339 -41.79 16.37 -40.50
N GLY B 340 -42.11 17.45 -39.81
CA GLY B 340 -43.50 17.77 -39.51
C GLY B 340 -43.80 17.92 -38.03
N PHE B 341 -42.94 17.38 -37.16
CA PHE B 341 -43.13 17.60 -35.74
C PHE B 341 -41.83 17.60 -34.93
N MET B 342 -41.84 18.38 -33.85
CA MET B 342 -40.73 18.47 -32.91
C MET B 342 -41.27 18.51 -31.49
N PHE B 343 -40.37 18.50 -30.52
CA PHE B 343 -40.76 18.65 -29.13
C PHE B 343 -39.93 19.73 -28.46
N PHE B 344 -40.48 20.33 -27.42
CA PHE B 344 -39.68 21.13 -26.51
C PHE B 344 -39.72 20.47 -25.15
N ILE B 345 -38.56 20.20 -24.58
CA ILE B 345 -38.53 19.52 -23.31
C ILE B 345 -37.85 20.33 -22.21
N ILE B 346 -38.28 20.08 -20.98
CA ILE B 346 -37.57 20.53 -19.80
C ILE B 346 -37.46 19.32 -18.89
N ASN B 347 -36.23 18.88 -18.64
CA ASN B 347 -36.02 17.67 -17.86
C ASN B 347 -35.05 17.89 -16.73
N VAL B 348 -35.50 17.58 -15.53
CA VAL B 348 -34.67 17.71 -14.34
C VAL B 348 -34.60 16.36 -13.64
N ASP B 349 -33.50 16.11 -12.94
CA ASP B 349 -33.45 14.98 -12.02
C ASP B 349 -33.98 15.46 -10.68
N LEU B 350 -34.46 14.54 -9.86
CA LEU B 350 -35.09 14.92 -8.61
C LEU B 350 -34.31 14.45 -7.39
N THR B 351 -34.30 15.28 -6.35
CA THR B 351 -33.82 14.86 -5.05
C THR B 351 -34.94 14.12 -4.34
N GLU B 352 -34.68 13.66 -3.12
CA GLU B 352 -35.73 13.06 -2.31
C GLU B 352 -36.86 14.05 -2.12
N GLU B 353 -36.47 15.29 -1.78
CA GLU B 353 -37.41 16.35 -1.51
C GLU B 353 -38.18 16.75 -2.77
N GLY B 354 -37.44 16.92 -3.87
CA GLY B 354 -38.03 17.29 -5.14
C GLY B 354 -39.15 16.37 -5.58
N LEU B 355 -39.01 15.09 -5.26
CA LEU B 355 -40.01 14.09 -5.62
C LEU B 355 -41.37 14.41 -5.01
N LEU B 356 -41.37 15.03 -3.84
CA LEU B 356 -42.60 15.39 -3.16
C LEU B 356 -43.07 16.78 -3.55
N HIS B 357 -42.27 17.49 -4.32
CA HIS B 357 -42.61 18.83 -4.79
C HIS B 357 -42.61 18.94 -6.31
N VAL B 358 -43.17 17.94 -6.98
CA VAL B 358 -43.19 17.94 -8.44
C VAL B 358 -44.13 19.01 -8.99
N GLU B 359 -45.28 19.18 -8.37
CA GLU B 359 -46.22 20.21 -8.77
C GLU B 359 -45.61 21.59 -8.60
N ASP B 360 -44.88 21.78 -7.51
CA ASP B 360 -44.18 23.04 -7.26
C ASP B 360 -43.10 23.32 -8.29
N ILE B 361 -42.26 22.32 -8.55
CA ILE B 361 -41.17 22.45 -9.52
C ILE B 361 -41.68 22.91 -10.87
N ILE B 362 -42.73 22.26 -11.38
CA ILE B 362 -43.33 22.66 -12.64
C ILE B 362 -43.86 24.09 -12.61
N LEU B 363 -44.54 24.46 -11.53
CA LEU B 363 -44.98 25.84 -11.36
C LEU B 363 -43.80 26.80 -11.56
N HIS B 364 -42.70 26.53 -10.87
CA HIS B 364 -41.48 27.29 -11.07
C HIS B 364 -41.03 27.31 -12.52
N MET B 365 -41.22 26.19 -13.21
CA MET B 365 -40.89 26.12 -14.64
C MET B 365 -41.74 27.09 -15.44
N PHE B 366 -43.04 27.08 -15.18
CA PHE B 366 -43.96 27.95 -15.90
C PHE B 366 -43.83 29.43 -15.56
N GLN B 367 -43.44 29.77 -14.34
CA GLN B 367 -43.26 31.19 -14.05
C GLN B 367 -41.96 31.72 -14.64
N TYR B 368 -41.01 30.83 -14.92
CA TYR B 368 -39.80 31.26 -15.62
C TYR B 368 -40.16 31.49 -17.07
N ILE B 369 -40.90 30.55 -17.64
CA ILE B 369 -41.39 30.69 -19.00
C ILE B 369 -42.24 31.95 -19.09
N GLN B 370 -42.97 32.24 -18.03
CA GLN B 370 -43.78 33.46 -17.95
C GLN B 370 -42.90 34.71 -17.90
N LYS B 371 -41.81 34.63 -17.14
CA LYS B 371 -40.83 35.71 -17.11
C LYS B 371 -40.34 36.04 -18.51
N LEU B 372 -40.06 35.00 -19.28
CA LEU B 372 -39.58 35.15 -20.65
C LEU B 372 -40.61 35.89 -21.48
N ARG B 373 -41.87 35.52 -21.28
CA ARG B 373 -42.97 36.08 -22.04
C ARG B 373 -43.16 37.58 -21.81
N ALA B 374 -43.05 38.00 -20.56
CA ALA B 374 -43.27 39.40 -20.19
C ALA B 374 -42.12 40.33 -20.56
N GLU B 375 -40.93 39.77 -20.73
CA GLU B 375 -39.76 40.56 -21.08
C GLU B 375 -39.64 40.71 -22.58
N GLY B 376 -40.23 39.76 -23.29
CA GLY B 376 -40.17 39.74 -24.73
C GLY B 376 -38.82 39.23 -25.20
N PRO B 377 -38.71 38.91 -26.49
CA PRO B 377 -37.43 38.45 -27.05
C PRO B 377 -36.32 39.48 -26.88
N GLN B 378 -35.16 39.02 -26.44
CA GLN B 378 -34.01 39.88 -26.19
C GLN B 378 -33.00 39.71 -27.30
N GLU B 379 -32.86 40.72 -28.15
CA GLU B 379 -31.95 40.62 -29.29
C GLU B 379 -30.50 40.46 -28.90
N TRP B 380 -30.05 41.21 -27.89
CA TRP B 380 -28.65 41.15 -27.47
C TRP B 380 -28.26 39.73 -27.08
N VAL B 381 -29.23 38.95 -26.66
CA VAL B 381 -28.99 37.56 -26.29
C VAL B 381 -28.72 36.74 -27.53
N PHE B 382 -29.60 36.87 -28.52
CA PHE B 382 -29.40 36.28 -29.83
C PHE B 382 -28.10 36.75 -30.48
N GLN B 383 -27.90 38.06 -30.47
CA GLN B 383 -26.69 38.67 -31.03
C GLN B 383 -25.44 38.06 -30.41
N GLU B 384 -25.50 37.79 -29.10
CA GLU B 384 -24.42 37.09 -28.41
C GLU B 384 -24.23 35.71 -29.00
N LEU B 385 -25.33 34.98 -29.12
CA LEU B 385 -25.33 33.62 -29.64
C LEU B 385 -24.82 33.56 -31.08
N LYS B 386 -25.15 34.57 -31.88
CA LYS B 386 -24.68 34.63 -33.25
C LYS B 386 -23.17 34.76 -33.31
N ASP B 387 -22.64 35.59 -32.41
CA ASP B 387 -21.22 35.92 -32.41
C ASP B 387 -20.34 34.81 -31.84
N LEU B 388 -20.85 34.12 -30.82
CA LEU B 388 -20.11 33.00 -30.26
C LEU B 388 -19.97 31.88 -31.30
N ASN B 389 -21.07 31.56 -31.95
CA ASN B 389 -21.07 30.59 -33.05
C ASN B 389 -20.06 30.97 -34.11
N ALA B 390 -20.12 32.23 -34.54
CA ALA B 390 -19.18 32.77 -35.52
C ALA B 390 -17.73 32.48 -35.17
N VAL B 391 -17.38 32.64 -33.90
CA VAL B 391 -16.03 32.37 -33.45
C VAL B 391 -15.76 30.87 -33.39
N ALA B 392 -16.67 30.15 -32.74
CA ALA B 392 -16.56 28.69 -32.63
C ALA B 392 -16.37 28.03 -33.98
N PHE B 393 -17.03 28.58 -34.99
CA PHE B 393 -16.97 28.05 -36.34
C PHE B 393 -15.65 28.44 -37.00
N ARG B 394 -15.21 29.66 -36.72
CA ARG B 394 -13.98 30.19 -37.29
C ARG B 394 -12.76 29.38 -36.86
N PHE B 395 -12.72 29.01 -35.58
CA PHE B 395 -11.57 28.33 -35.02
C PHE B 395 -11.92 26.88 -34.70
N LYS B 396 -12.63 26.26 -35.64
CA LYS B 396 -13.11 24.90 -35.50
C LYS B 396 -11.95 23.93 -35.52
N ASP B 397 -12.00 22.90 -34.68
CA ASP B 397 -11.00 21.85 -34.72
C ASP B 397 -11.22 21.01 -35.96
N LYS B 398 -10.14 20.54 -36.58
CA LYS B 398 -10.29 19.67 -37.74
C LYS B 398 -10.80 18.31 -37.27
N GLU B 399 -11.83 17.81 -37.95
CA GLU B 399 -12.52 16.62 -37.52
C GLU B 399 -11.88 15.35 -38.07
N ARG B 400 -12.08 14.24 -37.38
CA ARG B 400 -11.71 12.94 -37.93
C ARG B 400 -12.58 12.67 -39.15
N PRO B 401 -11.96 12.19 -40.24
CA PRO B 401 -12.60 12.00 -41.54
C PRO B 401 -13.91 11.23 -41.49
N ARG B 402 -13.94 10.13 -40.75
CA ARG B 402 -15.11 9.27 -40.72
C ARG B 402 -16.36 9.97 -40.19
N GLY B 403 -16.24 10.60 -39.04
CA GLY B 403 -17.36 11.26 -38.42
C GLY B 403 -17.77 12.52 -39.16
N TYR B 404 -16.82 13.10 -39.88
CA TYR B 404 -17.05 14.33 -40.61
C TYR B 404 -17.93 14.05 -41.83
N THR B 405 -17.51 13.09 -42.64
CA THR B 405 -18.27 12.68 -43.82
C THR B 405 -19.68 12.23 -43.46
N SER B 406 -19.77 11.33 -42.48
CA SER B 406 -21.05 10.81 -42.02
C SER B 406 -22.02 11.90 -41.60
N LYS B 407 -21.58 12.76 -40.69
CA LYS B 407 -22.38 13.89 -40.24
C LYS B 407 -22.87 14.77 -41.39
N ILE B 408 -21.98 15.06 -42.33
CA ILE B 408 -22.30 15.96 -43.43
C ILE B 408 -23.25 15.31 -44.42
N ALA B 409 -23.01 14.03 -44.72
CA ALA B 409 -23.93 13.23 -45.54
C ALA B 409 -25.36 13.35 -45.04
N GLY B 410 -25.52 13.43 -43.73
CA GLY B 410 -26.83 13.57 -43.12
C GLY B 410 -27.51 14.90 -43.38
N ILE B 411 -26.73 15.98 -43.36
CA ILE B 411 -27.31 17.31 -43.41
C ILE B 411 -27.37 17.87 -44.82
N LEU B 412 -26.82 17.13 -45.79
CA LEU B 412 -26.95 17.49 -47.20
C LEU B 412 -28.41 17.45 -47.63
N HIS B 413 -29.22 16.71 -46.88
CA HIS B 413 -30.65 16.59 -47.16
C HIS B 413 -31.43 17.82 -46.76
N TYR B 414 -30.82 18.71 -45.97
CA TYR B 414 -31.54 19.82 -45.37
C TYR B 414 -31.08 21.19 -45.87
N TYR B 415 -29.94 21.22 -46.57
CA TYR B 415 -29.35 22.49 -46.98
C TYR B 415 -28.80 22.39 -48.39
N PRO B 416 -28.87 23.51 -49.15
CA PRO B 416 -28.22 23.59 -50.46
C PRO B 416 -26.73 23.31 -50.34
N LEU B 417 -26.14 22.78 -51.41
CA LEU B 417 -24.77 22.27 -51.38
C LEU B 417 -23.79 23.27 -50.78
N GLU B 418 -23.93 24.52 -51.20
CA GLU B 418 -23.03 25.60 -50.79
C GLU B 418 -23.11 25.92 -49.30
N GLU B 419 -24.22 25.56 -48.66
CA GLU B 419 -24.45 26.01 -47.28
C GLU B 419 -24.27 24.96 -46.19
N VAL B 420 -23.86 23.74 -46.56
CA VAL B 420 -23.85 22.64 -45.60
C VAL B 420 -22.85 22.82 -44.45
N LEU B 421 -21.68 23.35 -44.75
CA LEU B 421 -20.64 23.53 -43.73
C LEU B 421 -21.03 24.55 -42.67
N THR B 422 -21.75 25.60 -43.07
CA THR B 422 -22.14 26.65 -42.15
C THR B 422 -23.48 26.38 -41.46
N ALA B 423 -24.26 25.47 -42.05
CA ALA B 423 -25.69 25.39 -41.77
C ALA B 423 -26.08 25.16 -40.32
N GLU B 424 -25.46 24.19 -39.68
CA GLU B 424 -25.82 23.87 -38.30
C GLU B 424 -24.93 24.57 -37.27
N TYR B 425 -24.10 25.50 -37.73
CA TYR B 425 -23.27 26.30 -36.85
C TYR B 425 -23.72 27.76 -36.77
N LEU B 426 -23.98 28.37 -37.91
CA LEU B 426 -24.22 29.81 -37.95
C LEU B 426 -25.68 30.23 -37.91
N LEU B 427 -26.00 31.13 -36.99
CA LEU B 427 -27.30 31.76 -36.91
C LEU B 427 -27.22 33.07 -37.64
N GLU B 428 -28.30 33.50 -38.28
CA GLU B 428 -28.20 34.67 -39.17
C GLU B 428 -29.19 35.77 -38.86
N GLU B 429 -30.47 35.42 -38.83
CA GLU B 429 -31.56 36.40 -38.69
C GLU B 429 -32.26 36.31 -37.33
N PHE B 430 -32.28 37.40 -36.56
CA PHE B 430 -33.07 37.41 -35.33
C PHE B 430 -34.56 37.62 -35.62
N ARG B 431 -35.37 36.66 -35.23
CA ARG B 431 -36.80 36.66 -35.54
C ARG B 431 -37.68 36.57 -34.30
N PRO B 432 -37.93 37.70 -33.64
CA PRO B 432 -38.72 37.77 -32.40
C PRO B 432 -40.14 37.24 -32.54
N ASP B 433 -40.67 37.21 -33.77
CA ASP B 433 -42.05 36.76 -34.00
C ASP B 433 -42.15 35.24 -33.88
N LEU B 434 -41.14 34.54 -34.37
CA LEU B 434 -41.11 33.10 -34.34
C LEU B 434 -40.85 32.62 -32.92
N ILE B 435 -40.15 33.44 -32.16
CA ILE B 435 -39.86 33.13 -30.76
C ILE B 435 -41.13 33.17 -29.93
N GLU B 436 -41.87 34.27 -29.96
CA GLU B 436 -43.14 34.34 -29.24
C GLU B 436 -44.12 33.27 -29.72
N MET B 437 -43.96 32.80 -30.94
CA MET B 437 -44.88 31.79 -31.47
C MET B 437 -44.56 30.42 -30.88
N VAL B 438 -43.27 30.18 -30.63
CA VAL B 438 -42.85 28.93 -30.01
C VAL B 438 -43.10 28.98 -28.51
N LEU B 439 -42.84 30.14 -27.93
CA LEU B 439 -43.06 30.37 -26.51
C LEU B 439 -44.55 30.23 -26.18
N ASP B 440 -45.37 30.51 -27.18
CA ASP B 440 -46.82 30.38 -27.05
C ASP B 440 -47.26 28.93 -26.96
N LYS B 441 -46.38 28.03 -27.39
CA LYS B 441 -46.69 26.60 -27.39
C LYS B 441 -46.40 25.97 -26.04
N LEU B 442 -45.54 26.63 -25.27
CA LEU B 442 -45.13 26.13 -23.97
C LEU B 442 -46.13 26.53 -22.89
N ARG B 443 -47.32 25.95 -22.94
CA ARG B 443 -48.41 26.25 -22.02
C ARG B 443 -48.93 25.00 -21.35
N PRO B 444 -49.49 25.13 -20.12
CA PRO B 444 -49.98 23.99 -19.34
C PRO B 444 -50.99 23.12 -20.08
N GLU B 445 -51.90 23.73 -20.83
CA GLU B 445 -52.87 22.97 -21.61
C GLU B 445 -52.21 22.19 -22.74
N ASN B 446 -50.89 22.35 -22.88
CA ASN B 446 -50.14 21.68 -23.92
C ASN B 446 -48.94 20.94 -23.35
N VAL B 447 -49.08 20.49 -22.11
CA VAL B 447 -47.97 19.82 -21.43
C VAL B 447 -48.19 18.31 -21.31
N ARG B 448 -47.09 17.56 -21.32
CA ARG B 448 -47.09 16.17 -20.87
C ARG B 448 -46.06 16.04 -19.75
N VAL B 449 -46.43 15.36 -18.67
CA VAL B 449 -45.52 15.22 -17.54
C VAL B 449 -45.24 13.76 -17.21
N ALA B 450 -43.97 13.42 -17.04
CA ALA B 450 -43.58 12.06 -16.65
C ALA B 450 -42.68 12.06 -15.43
N ILE B 451 -43.04 11.26 -14.43
CA ILE B 451 -42.24 11.12 -13.22
C ILE B 451 -41.66 9.73 -13.11
N VAL B 452 -40.34 9.63 -13.09
CA VAL B 452 -39.67 8.34 -12.98
C VAL B 452 -39.10 8.15 -11.59
N SER B 453 -39.56 7.13 -10.87
CA SER B 453 -39.15 6.92 -9.49
C SER B 453 -39.44 5.50 -9.02
N LYS B 454 -38.52 4.96 -8.23
CA LYS B 454 -38.67 3.63 -7.64
C LYS B 454 -39.88 3.53 -6.72
N SER B 455 -40.37 4.67 -6.26
CA SER B 455 -41.45 4.71 -5.26
C SER B 455 -42.81 4.38 -5.86
N PHE B 456 -42.84 4.11 -7.15
CA PHE B 456 -44.06 3.69 -7.83
C PHE B 456 -44.13 2.17 -7.95
N GLU B 457 -43.17 1.48 -7.34
CA GLU B 457 -43.16 0.02 -7.32
C GLU B 457 -44.45 -0.53 -6.74
N GLY B 458 -45.11 -1.39 -7.51
CA GLY B 458 -46.37 -1.99 -7.10
C GLY B 458 -47.60 -1.13 -7.28
N LYS B 459 -47.40 0.18 -7.41
CA LYS B 459 -48.53 1.11 -7.53
C LYS B 459 -48.91 1.41 -8.97
N THR B 460 -48.30 0.70 -9.92
CA THR B 460 -48.59 0.88 -11.33
C THR B 460 -49.56 -0.18 -11.82
N ASP B 461 -50.21 0.08 -12.95
CA ASP B 461 -51.22 -0.84 -13.46
C ASP B 461 -51.07 -1.12 -14.94
N ARG B 462 -50.01 -0.59 -15.55
CA ARG B 462 -49.87 -0.72 -16.99
C ARG B 462 -48.48 -1.20 -17.38
N THR B 463 -48.40 -1.91 -18.50
CA THR B 463 -47.14 -2.47 -18.98
C THR B 463 -46.95 -2.16 -20.46
N GLU B 464 -45.77 -1.66 -20.80
CA GLU B 464 -45.41 -1.37 -22.19
C GLU B 464 -44.81 -2.61 -22.83
N GLU B 465 -45.25 -2.93 -24.05
CA GLU B 465 -45.01 -4.23 -24.66
C GLU B 465 -43.55 -4.67 -24.79
N TRP B 466 -42.78 -3.84 -25.48
CA TRP B 466 -41.47 -4.23 -25.95
C TRP B 466 -40.38 -4.24 -24.89
N TYR B 467 -40.53 -3.40 -23.88
CA TYR B 467 -39.51 -3.31 -22.83
C TYR B 467 -40.02 -3.82 -21.48
N GLY B 468 -41.32 -4.00 -21.35
CA GLY B 468 -41.88 -4.45 -20.09
C GLY B 468 -42.04 -3.35 -19.07
N THR B 469 -41.79 -2.10 -19.49
CA THR B 469 -41.85 -0.93 -18.62
C THR B 469 -43.15 -0.85 -17.84
N GLN B 470 -43.03 -0.51 -16.56
CA GLN B 470 -44.20 -0.44 -15.67
C GLN B 470 -44.60 1.00 -15.41
N TYR B 471 -45.79 1.39 -15.81
CA TYR B 471 -46.21 2.77 -15.62
C TYR B 471 -47.69 2.93 -15.26
N LYS B 472 -48.08 4.17 -15.06
CA LYS B 472 -49.46 4.53 -14.74
C LYS B 472 -49.81 5.83 -15.44
N GLN B 473 -51.01 5.91 -16.01
CA GLN B 473 -51.39 7.10 -16.77
C GLN B 473 -52.53 7.81 -16.05
N GLU B 474 -52.40 9.13 -15.91
CA GLU B 474 -53.41 9.93 -15.23
C GLU B 474 -53.64 11.25 -15.94
N ALA B 475 -54.88 11.75 -15.89
CA ALA B 475 -55.16 13.10 -16.32
C ALA B 475 -54.78 14.09 -15.23
N ILE B 476 -54.15 15.19 -15.59
CA ILE B 476 -53.80 16.20 -14.62
C ILE B 476 -55.03 17.02 -14.28
N PRO B 477 -55.39 17.08 -12.99
CA PRO B 477 -56.60 17.77 -12.54
C PRO B 477 -56.61 19.23 -12.95
N ASP B 478 -57.77 19.74 -13.33
CA ASP B 478 -57.87 21.10 -13.84
C ASP B 478 -57.46 22.11 -12.78
N GLU B 479 -57.79 21.81 -11.52
CA GLU B 479 -57.30 22.58 -10.40
C GLU B 479 -55.79 22.84 -10.51
N VAL B 480 -55.06 21.82 -10.96
CA VAL B 480 -53.62 21.90 -11.08
C VAL B 480 -53.18 22.65 -12.34
N ILE B 481 -53.83 22.36 -13.46
CA ILE B 481 -53.57 23.08 -14.69
C ILE B 481 -53.83 24.57 -14.53
N LYS B 482 -55.03 24.91 -14.07
CA LYS B 482 -55.41 26.29 -13.78
C LYS B 482 -54.37 27.00 -12.92
N LYS B 483 -53.94 26.34 -11.85
CA LYS B 483 -52.99 26.92 -10.92
C LYS B 483 -51.63 27.16 -11.57
N TRP B 484 -51.30 26.39 -12.59
CA TRP B 484 -50.10 26.62 -13.39
C TRP B 484 -50.29 27.77 -14.36
N GLN B 485 -51.47 27.81 -14.96
CA GLN B 485 -51.81 28.85 -15.93
C GLN B 485 -51.70 30.26 -15.36
N ASN B 486 -52.01 30.42 -14.08
CA ASN B 486 -51.91 31.71 -13.42
C ASN B 486 -50.55 31.94 -12.78
N ALA B 487 -49.49 31.55 -13.48
CA ALA B 487 -48.14 31.72 -12.97
C ALA B 487 -47.72 33.18 -12.98
N ASP B 488 -47.76 33.82 -11.81
CA ASP B 488 -47.25 35.17 -11.65
C ASP B 488 -45.73 35.19 -11.73
N LEU B 489 -45.15 36.38 -11.84
CA LEU B 489 -43.70 36.52 -11.87
C LEU B 489 -43.03 36.16 -10.55
N ASN B 490 -41.81 35.65 -10.66
CA ASN B 490 -40.99 35.37 -9.50
C ASN B 490 -39.74 36.25 -9.57
N GLY B 491 -39.41 36.91 -8.48
CA GLY B 491 -38.29 37.82 -8.48
C GLY B 491 -36.97 37.12 -8.24
N LYS B 492 -36.99 35.81 -8.35
CA LYS B 492 -35.77 35.03 -8.22
C LYS B 492 -35.20 34.71 -9.60
N PHE B 493 -36.05 34.87 -10.62
CA PHE B 493 -35.68 34.57 -12.00
C PHE B 493 -35.28 35.82 -12.75
N LYS B 494 -34.02 35.86 -13.19
CA LYS B 494 -33.58 36.90 -14.08
C LYS B 494 -33.03 36.30 -15.35
N LEU B 495 -33.02 37.08 -16.41
CA LEU B 495 -32.35 36.67 -17.62
C LEU B 495 -30.85 36.68 -17.34
N PRO B 496 -30.07 35.98 -18.16
CA PRO B 496 -28.62 35.98 -17.90
C PRO B 496 -28.00 37.34 -18.11
N THR B 497 -26.92 37.64 -17.38
CA THR B 497 -26.19 38.86 -17.63
C THR B 497 -25.29 38.64 -18.83
N LYS B 498 -24.59 39.69 -19.26
CA LYS B 498 -23.62 39.55 -20.35
C LYS B 498 -22.60 38.48 -20.05
N ASN B 499 -22.35 37.62 -21.02
CA ASN B 499 -21.33 36.61 -20.86
C ASN B 499 -19.97 37.26 -20.89
N GLU B 500 -19.27 37.25 -19.75
CA GLU B 500 -17.98 37.93 -19.64
C GLU B 500 -16.80 37.04 -19.98
N PHE B 501 -17.04 35.80 -20.36
CA PHE B 501 -15.93 34.91 -20.65
C PHE B 501 -15.65 34.79 -22.13
N ILE B 502 -16.38 35.55 -22.93
CA ILE B 502 -16.16 35.55 -24.37
C ILE B 502 -14.75 36.05 -24.66
N PRO B 503 -13.97 35.25 -25.41
CA PRO B 503 -12.59 35.62 -25.72
C PRO B 503 -12.52 36.77 -26.71
N THR B 504 -11.50 37.61 -26.59
CA THR B 504 -11.35 38.76 -27.48
C THR B 504 -10.02 38.71 -28.22
N ASN B 505 -9.02 38.12 -27.57
CA ASN B 505 -7.68 38.03 -28.13
C ASN B 505 -7.43 36.65 -28.74
N PHE B 506 -7.30 36.61 -30.07
CA PHE B 506 -7.14 35.36 -30.79
C PHE B 506 -5.78 35.27 -31.43
N GLU B 507 -4.86 36.09 -30.92
CA GLU B 507 -3.52 36.19 -31.46
C GLU B 507 -2.75 34.88 -31.33
N ILE B 508 -2.19 34.41 -32.43
CA ILE B 508 -1.34 33.24 -32.42
C ILE B 508 0.10 33.68 -32.18
N LEU B 509 0.61 33.38 -30.99
CA LEU B 509 1.94 33.83 -30.61
C LEU B 509 2.99 33.20 -31.52
N PRO B 510 3.98 33.99 -31.96
CA PRO B 510 5.01 33.52 -32.88
C PRO B 510 5.79 32.36 -32.29
N LEU B 511 6.20 31.42 -33.13
CA LEU B 511 6.88 30.22 -32.67
C LEU B 511 8.29 30.53 -32.16
N GLU B 512 8.53 30.22 -30.90
CA GLU B 512 9.79 30.57 -30.24
C GLU B 512 11.01 29.88 -30.84
N LYS B 513 12.19 30.46 -30.60
CA LYS B 513 13.43 29.93 -31.15
C LYS B 513 13.81 28.57 -30.58
N GLU B 514 13.73 28.45 -29.25
CA GLU B 514 14.07 27.20 -28.58
C GLU B 514 12.85 26.30 -28.40
N ALA B 515 11.97 26.30 -29.39
CA ALA B 515 10.76 25.50 -29.33
C ALA B 515 11.02 24.08 -29.81
N THR B 516 10.29 23.12 -29.24
CA THR B 516 10.57 21.71 -29.47
C THR B 516 9.43 20.95 -30.14
N PRO B 517 9.76 19.95 -30.96
CA PRO B 517 8.83 19.01 -31.59
C PRO B 517 7.99 18.25 -30.57
N TYR B 518 8.62 17.84 -29.48
CA TYR B 518 7.97 17.10 -28.42
C TYR B 518 7.93 17.91 -27.13
N PRO B 519 7.11 17.50 -26.14
CA PRO B 519 7.10 18.29 -24.91
C PRO B 519 8.42 18.23 -24.16
N ALA B 520 8.90 19.39 -23.74
CA ALA B 520 10.14 19.46 -22.98
C ALA B 520 9.83 19.64 -21.50
N LEU B 521 10.66 19.05 -20.65
CA LEU B 521 10.53 19.24 -19.21
C LEU B 521 11.20 20.54 -18.79
N ILE B 522 10.39 21.54 -18.46
CA ILE B 522 10.90 22.88 -18.28
C ILE B 522 10.90 23.33 -16.82
N LYS B 523 10.36 22.52 -15.95
CA LYS B 523 10.43 22.81 -14.53
C LYS B 523 10.40 21.48 -13.78
N ASP B 524 11.37 21.29 -12.89
CA ASP B 524 11.55 19.99 -12.27
C ASP B 524 11.91 20.14 -10.79
N THR B 525 10.88 20.38 -9.98
CA THR B 525 11.06 20.62 -8.56
C THR B 525 10.41 19.50 -7.74
N ALA B 526 10.74 19.43 -6.46
CA ALA B 526 10.13 18.48 -5.53
C ALA B 526 8.63 18.71 -5.47
N MET B 527 8.24 19.97 -5.66
CA MET B 527 6.85 20.36 -5.62
C MET B 527 6.16 19.94 -6.91
N SER B 528 6.85 20.05 -8.03
CA SER B 528 6.19 19.89 -9.32
C SER B 528 7.10 19.60 -10.52
N LYS B 529 6.57 18.82 -11.46
CA LYS B 529 7.26 18.48 -12.70
C LYS B 529 6.43 18.92 -13.90
N LEU B 530 6.95 19.88 -14.66
CA LEU B 530 6.16 20.55 -15.70
C LEU B 530 6.62 20.21 -17.11
N TRP B 531 5.70 19.68 -17.91
CA TRP B 531 5.95 19.40 -19.31
C TRP B 531 5.29 20.45 -20.20
N PHE B 532 6.03 20.92 -21.20
CA PHE B 532 5.54 22.00 -22.05
C PHE B 532 5.87 21.82 -23.53
N LYS B 533 4.89 22.11 -24.39
CA LYS B 533 5.13 22.20 -25.81
C LYS B 533 4.26 23.27 -26.44
N GLN B 534 4.90 24.22 -27.14
CA GLN B 534 4.16 25.20 -27.92
C GLN B 534 3.62 24.55 -29.18
N ASP B 535 2.33 24.73 -29.44
CA ASP B 535 1.66 24.14 -30.59
C ASP B 535 2.31 24.57 -31.90
N ASP B 536 2.83 23.61 -32.66
CA ASP B 536 3.44 23.92 -33.95
C ASP B 536 2.68 23.36 -35.15
N LYS B 537 1.51 22.77 -34.92
CA LYS B 537 0.79 22.11 -36.02
C LYS B 537 -0.50 22.79 -36.43
N PHE B 538 -1.33 23.15 -35.45
CA PHE B 538 -2.71 23.56 -35.75
C PHE B 538 -2.93 25.07 -35.71
N PHE B 539 -2.17 25.77 -34.86
CA PHE B 539 -2.18 27.24 -34.83
C PHE B 539 -3.56 27.85 -34.60
N LEU B 540 -4.26 27.36 -33.59
CA LEU B 540 -5.53 27.93 -33.17
C LEU B 540 -5.35 28.57 -31.80
N PRO B 541 -6.14 29.63 -31.51
CA PRO B 541 -5.98 30.37 -30.24
C PRO B 541 -6.45 29.58 -29.04
N LYS B 542 -6.03 28.32 -28.95
CA LYS B 542 -6.47 27.42 -27.90
C LYS B 542 -5.27 26.87 -27.14
N ALA B 543 -5.54 26.33 -25.96
CA ALA B 543 -4.49 25.67 -25.20
C ALA B 543 -5.07 24.57 -24.32
N ASN B 544 -4.26 23.56 -24.03
CA ASN B 544 -4.67 22.50 -23.14
C ASN B 544 -3.79 22.47 -21.90
N LEU B 545 -4.42 22.67 -20.75
CA LEU B 545 -3.69 22.67 -19.50
C LEU B 545 -4.08 21.44 -18.69
N ASN B 546 -3.16 20.49 -18.58
CA ASN B 546 -3.45 19.25 -17.88
C ASN B 546 -2.66 19.16 -16.59
N PHE B 547 -3.32 18.71 -15.53
CA PHE B 547 -2.71 18.62 -14.21
C PHE B 547 -3.05 17.33 -13.49
N GLU B 548 -2.04 16.68 -12.95
CA GLU B 548 -2.25 15.56 -12.07
C GLU B 548 -1.71 15.91 -10.70
N PHE B 549 -2.58 15.97 -9.70
CA PHE B 549 -2.14 16.22 -8.33
C PHE B 549 -2.01 14.90 -7.59
N PHE B 550 -0.79 14.60 -7.13
CA PHE B 550 -0.55 13.38 -6.39
C PHE B 550 -0.75 13.57 -4.90
N SER B 551 -1.65 12.79 -4.31
CA SER B 551 -1.69 12.62 -2.88
C SER B 551 -2.07 11.18 -2.55
N PRO B 552 -1.37 10.57 -1.59
CA PRO B 552 -1.70 9.20 -1.18
C PRO B 552 -3.04 9.13 -0.48
N PHE B 553 -3.46 10.26 0.09
CA PHE B 553 -4.67 10.34 0.88
C PHE B 553 -5.95 10.29 0.08
N ALA B 554 -5.81 10.28 -1.25
CA ALA B 554 -6.97 10.21 -2.11
C ALA B 554 -7.52 8.79 -2.19
N TYR B 555 -6.67 7.80 -1.96
CA TYR B 555 -7.08 6.41 -2.12
C TYR B 555 -6.65 5.49 -0.99
N VAL B 556 -6.15 6.05 0.11
CA VAL B 556 -5.62 5.24 1.22
C VAL B 556 -6.61 4.19 1.72
N ASP B 557 -7.90 4.55 1.79
CA ASP B 557 -8.91 3.58 2.19
C ASP B 557 -10.21 4.00 1.50
N PRO B 558 -11.26 3.15 1.56
CA PRO B 558 -12.49 3.52 0.83
C PRO B 558 -13.13 4.80 1.34
N LEU B 559 -13.17 4.97 2.66
CA LEU B 559 -13.73 6.18 3.26
C LEU B 559 -13.06 7.43 2.70
N HIS B 560 -11.75 7.38 2.54
CA HIS B 560 -11.01 8.51 1.98
C HIS B 560 -11.29 8.66 0.49
N SER B 561 -11.28 7.55 -0.23
CA SER B 561 -11.67 7.54 -1.64
C SER B 561 -13.03 8.19 -1.85
N ASN B 562 -13.98 7.84 -1.01
CA ASN B 562 -15.30 8.46 -1.02
C ASN B 562 -15.26 9.96 -0.86
N MET B 563 -14.43 10.44 0.06
CA MET B 563 -14.32 11.86 0.33
C MET B 563 -13.61 12.57 -0.78
N ALA B 564 -12.54 11.96 -1.27
CA ALA B 564 -11.83 12.45 -2.44
C ALA B 564 -12.81 12.75 -3.56
N TYR B 565 -13.78 11.86 -3.75
CA TYR B 565 -14.80 12.04 -4.77
C TYR B 565 -15.79 13.15 -4.42
N LEU B 566 -16.44 12.99 -3.28
CA LEU B 566 -17.44 13.94 -2.80
C LEU B 566 -16.94 15.38 -2.80
N TYR B 567 -15.69 15.55 -2.43
CA TYR B 567 -15.10 16.87 -2.30
C TYR B 567 -15.04 17.58 -3.64
N LEU B 568 -14.58 16.87 -4.66
CA LEU B 568 -14.54 17.42 -6.01
C LEU B 568 -15.92 17.63 -6.59
N GLU B 569 -16.84 16.70 -6.31
CA GLU B 569 -18.23 16.84 -6.75
C GLU B 569 -18.88 18.07 -6.14
N LEU B 570 -18.63 18.30 -4.86
CA LEU B 570 -19.18 19.45 -4.18
C LEU B 570 -18.58 20.72 -4.76
N LEU B 571 -17.28 20.69 -5.00
CA LEU B 571 -16.57 21.81 -5.59
C LEU B 571 -17.12 22.19 -6.94
N LYS B 572 -17.17 21.22 -7.85
CA LYS B 572 -17.75 21.41 -9.18
C LYS B 572 -19.14 22.00 -9.11
N ASP B 573 -19.95 21.51 -8.16
CA ASP B 573 -21.31 21.99 -7.98
C ASP B 573 -21.38 23.49 -7.73
N SER B 574 -20.62 23.97 -6.75
CA SER B 574 -20.60 25.39 -6.42
C SER B 574 -20.08 26.22 -7.59
N LEU B 575 -18.94 25.82 -8.13
CA LEU B 575 -18.33 26.49 -9.28
C LEU B 575 -19.24 26.55 -10.51
N ASN B 576 -20.08 25.54 -10.67
CA ASN B 576 -20.93 25.40 -11.86
C ASN B 576 -21.59 26.68 -12.34
N GLU B 577 -22.19 27.43 -11.42
CA GLU B 577 -22.84 28.69 -11.77
C GLU B 577 -21.87 29.64 -12.44
N TYR B 578 -20.68 29.75 -11.87
CA TYR B 578 -19.64 30.62 -12.41
C TYR B 578 -19.06 30.03 -13.70
N ALA B 579 -18.80 28.73 -13.69
CA ALA B 579 -18.10 28.07 -14.79
C ALA B 579 -18.95 27.92 -16.06
N TYR B 580 -20.27 27.84 -15.90
CA TYR B 580 -21.16 27.58 -17.03
C TYR B 580 -21.04 28.64 -18.12
N ALA B 581 -21.04 29.90 -17.72
CA ALA B 581 -20.79 31.01 -18.64
C ALA B 581 -19.54 30.75 -19.48
N ALA B 582 -18.44 30.41 -18.81
CA ALA B 582 -17.18 30.12 -19.49
C ALA B 582 -17.35 28.95 -20.43
N GLU B 583 -18.02 27.90 -19.95
CA GLU B 583 -18.33 26.72 -20.75
C GLU B 583 -18.95 27.08 -22.10
N LEU B 584 -19.89 28.01 -22.05
CA LEU B 584 -20.55 28.50 -23.27
C LEU B 584 -19.59 29.28 -24.14
N ALA B 585 -18.64 29.95 -23.51
CA ALA B 585 -17.68 30.80 -24.21
C ALA B 585 -16.49 30.01 -24.75
N GLY B 586 -16.67 28.71 -24.94
CA GLY B 586 -15.64 27.87 -25.52
C GLY B 586 -14.44 27.64 -24.63
N LEU B 587 -14.60 27.86 -23.34
CA LEU B 587 -13.55 27.59 -22.36
C LEU B 587 -14.13 26.69 -21.28
N SER B 588 -13.58 25.49 -21.15
CA SER B 588 -14.15 24.53 -20.22
C SER B 588 -13.11 23.80 -19.40
N TYR B 589 -13.56 23.16 -18.33
CA TYR B 589 -12.66 22.45 -17.44
C TYR B 589 -13.20 21.10 -17.06
N ASP B 590 -12.30 20.23 -16.60
CA ASP B 590 -12.64 18.85 -16.30
C ASP B 590 -11.87 18.42 -15.08
N LEU B 591 -12.59 18.07 -14.03
CA LEU B 591 -12.00 17.86 -12.72
C LEU B 591 -12.61 16.67 -12.00
N GLN B 592 -11.81 15.64 -11.77
CA GLN B 592 -12.27 14.47 -11.01
C GLN B 592 -11.08 13.73 -10.44
N ASN B 593 -11.33 12.93 -9.41
CA ASN B 593 -10.26 12.26 -8.69
C ASN B 593 -9.77 11.00 -9.39
N THR B 594 -8.48 10.73 -9.23
CA THR B 594 -7.85 9.53 -9.76
C THR B 594 -7.50 8.69 -8.55
N ILE B 595 -7.04 7.46 -8.77
CA ILE B 595 -6.59 6.60 -7.68
C ILE B 595 -5.28 7.10 -7.07
N TYR B 596 -4.76 8.20 -7.62
CA TYR B 596 -3.48 8.75 -7.21
C TYR B 596 -3.63 10.14 -6.64
N GLY B 597 -4.85 10.65 -6.64
CA GLY B 597 -5.08 12.05 -6.32
C GLY B 597 -6.12 12.65 -7.26
N MET B 598 -5.83 13.84 -7.77
CA MET B 598 -6.80 14.58 -8.57
C MET B 598 -6.31 14.85 -9.98
N TYR B 599 -7.26 15.00 -10.89
CA TYR B 599 -6.97 15.37 -12.27
C TYR B 599 -7.72 16.65 -12.59
N LEU B 600 -7.05 17.56 -13.29
CA LEU B 600 -7.67 18.82 -13.65
C LEU B 600 -7.23 19.23 -15.04
N SER B 601 -8.20 19.37 -15.94
CA SER B 601 -7.92 19.81 -17.29
C SER B 601 -8.65 21.08 -17.60
N VAL B 602 -7.96 22.00 -18.27
CA VAL B 602 -8.58 23.22 -18.74
C VAL B 602 -8.31 23.35 -20.23
N LYS B 603 -9.36 23.26 -21.03
CA LYS B 603 -9.22 23.29 -22.48
C LYS B 603 -10.04 24.42 -23.07
N GLY B 604 -9.71 24.81 -24.30
CA GLY B 604 -10.43 25.89 -24.97
C GLY B 604 -9.56 27.08 -25.31
N TYR B 605 -10.19 28.22 -25.56
CA TYR B 605 -9.48 29.45 -25.90
C TYR B 605 -8.58 29.92 -24.76
N ASN B 606 -7.31 30.15 -25.07
CA ASN B 606 -6.32 30.56 -24.08
C ASN B 606 -6.50 31.93 -23.45
N ASP B 607 -7.32 32.77 -24.09
CA ASP B 607 -7.45 34.18 -23.68
C ASP B 607 -7.83 34.36 -22.22
N LYS B 608 -9.00 33.88 -21.83
CA LYS B 608 -9.47 34.04 -20.45
C LYS B 608 -9.20 32.78 -19.64
N GLN B 609 -8.24 31.99 -20.10
CA GLN B 609 -7.97 30.70 -19.48
C GLN B 609 -7.35 30.81 -18.07
N PRO B 610 -6.34 31.67 -17.87
CA PRO B 610 -5.82 31.71 -16.50
C PRO B 610 -6.81 32.26 -15.47
N ILE B 611 -7.83 33.00 -15.92
CA ILE B 611 -8.82 33.52 -14.99
C ILE B 611 -9.64 32.39 -14.38
N LEU B 612 -10.06 31.45 -15.22
CA LEU B 612 -10.83 30.30 -14.74
C LEU B 612 -9.97 29.39 -13.87
N LEU B 613 -8.79 29.06 -14.37
CA LEU B 613 -7.86 28.21 -13.64
C LEU B 613 -7.58 28.71 -12.23
N LYS B 614 -7.32 30.02 -12.13
CA LYS B 614 -7.08 30.62 -10.82
C LYS B 614 -8.28 30.44 -9.92
N LYS B 615 -9.46 30.71 -10.45
CA LYS B 615 -10.68 30.57 -9.66
C LYS B 615 -10.86 29.14 -9.18
N ILE B 616 -10.60 28.18 -10.06
CA ILE B 616 -10.71 26.77 -9.70
C ILE B 616 -9.80 26.40 -8.53
N ILE B 617 -8.51 26.69 -8.67
CA ILE B 617 -7.54 26.31 -7.65
C ILE B 617 -7.81 26.98 -6.30
N GLU B 618 -7.86 28.29 -6.28
CA GLU B 618 -8.13 29.01 -5.04
C GLU B 618 -9.47 28.61 -4.43
N LYS B 619 -10.45 28.25 -5.25
CA LYS B 619 -11.75 27.85 -4.74
C LYS B 619 -11.65 26.46 -4.12
N MET B 620 -10.87 25.58 -4.72
CA MET B 620 -10.61 24.27 -4.14
C MET B 620 -9.77 24.38 -2.87
N ALA B 621 -8.89 25.39 -2.81
CA ALA B 621 -7.96 25.51 -1.70
C ALA B 621 -8.57 26.24 -0.50
N THR B 622 -9.66 26.97 -0.73
CA THR B 622 -10.34 27.68 0.34
C THR B 622 -11.79 27.25 0.42
N PHE B 623 -12.06 26.04 -0.07
CA PHE B 623 -13.42 25.55 -0.20
C PHE B 623 -14.13 25.41 1.14
N GLU B 624 -15.37 25.90 1.18
CA GLU B 624 -16.24 25.76 2.34
C GLU B 624 -17.60 25.19 1.90
N ILE B 625 -18.06 24.18 2.63
CA ILE B 625 -19.15 23.32 2.16
C ILE B 625 -20.54 23.67 2.66
N ASP B 626 -21.47 23.86 1.73
CA ASP B 626 -22.88 24.00 2.05
C ASP B 626 -23.39 22.61 2.43
N GLU B 627 -23.93 22.46 3.63
CA GLU B 627 -24.26 21.12 4.11
C GLU B 627 -25.50 20.56 3.41
N LYS B 628 -26.41 21.43 3.02
CA LYS B 628 -27.59 20.99 2.26
C LYS B 628 -27.16 20.35 0.95
N ARG B 629 -26.18 20.96 0.30
CA ARG B 629 -25.60 20.40 -0.91
C ARG B 629 -24.96 19.06 -0.61
N PHE B 630 -24.20 19.02 0.48
CA PHE B 630 -23.50 17.82 0.92
C PHE B 630 -24.43 16.63 1.07
N GLU B 631 -25.54 16.80 1.79
CA GLU B 631 -26.45 15.71 2.05
C GLU B 631 -27.07 15.18 0.77
N ILE B 632 -27.27 16.07 -0.19
CA ILE B 632 -27.86 15.69 -1.46
C ILE B 632 -26.89 14.95 -2.38
N ILE B 633 -25.72 15.56 -2.59
CA ILE B 633 -24.67 14.97 -3.41
C ILE B 633 -24.30 13.57 -2.91
N LYS B 634 -24.21 13.43 -1.60
CA LYS B 634 -23.91 12.15 -0.98
C LYS B 634 -24.96 11.10 -1.28
N GLU B 635 -26.22 11.44 -1.03
CA GLU B 635 -27.34 10.55 -1.31
C GLU B 635 -27.36 10.13 -2.77
N ALA B 636 -27.12 11.10 -3.64
CA ALA B 636 -27.10 10.85 -5.08
C ALA B 636 -25.99 9.88 -5.43
N TYR B 637 -24.88 9.99 -4.69
CA TYR B 637 -23.71 9.15 -4.88
C TYR B 637 -23.95 7.76 -4.31
N MET B 638 -24.60 7.70 -3.16
CA MET B 638 -25.09 6.44 -2.57
C MET B 638 -25.81 5.63 -3.63
N ARG B 639 -26.80 6.26 -4.26
CA ARG B 639 -27.56 5.65 -5.35
C ARG B 639 -26.64 5.29 -6.51
N SER B 640 -25.82 6.25 -6.94
CA SER B 640 -24.90 6.07 -8.05
C SER B 640 -24.05 4.81 -7.92
N LEU B 641 -23.58 4.54 -6.71
CA LEU B 641 -22.82 3.33 -6.43
C LEU B 641 -23.70 2.08 -6.51
N ASN B 642 -24.83 2.13 -5.84
CA ASN B 642 -25.84 1.06 -5.88
C ASN B 642 -26.19 0.58 -7.28
N ASN B 643 -26.30 1.52 -8.21
CA ASN B 643 -26.82 1.24 -9.54
C ASN B 643 -25.91 0.45 -10.46
N PHE B 644 -24.64 0.29 -10.09
CA PHE B 644 -23.72 -0.49 -10.91
C PHE B 644 -24.21 -1.93 -11.09
N ARG B 645 -25.05 -2.40 -10.18
CA ARG B 645 -25.57 -3.77 -10.26
C ARG B 645 -26.51 -3.93 -11.45
N ALA B 646 -26.87 -2.79 -12.07
CA ALA B 646 -27.79 -2.79 -13.20
C ALA B 646 -27.12 -2.37 -14.48
N GLU B 647 -25.79 -2.29 -14.45
CA GLU B 647 -25.02 -2.06 -15.67
C GLU B 647 -24.95 -3.35 -16.47
N GLN B 648 -24.38 -3.28 -17.67
CA GLN B 648 -24.35 -4.43 -18.57
C GLN B 648 -23.35 -5.48 -18.10
N PRO B 649 -23.65 -6.77 -18.34
CA PRO B 649 -22.76 -7.88 -18.00
C PRO B 649 -21.34 -7.73 -18.53
N HIS B 650 -21.19 -7.24 -19.76
CA HIS B 650 -19.85 -7.09 -20.31
C HIS B 650 -19.08 -6.01 -19.56
N GLN B 651 -19.79 -5.07 -18.96
CA GLN B 651 -19.16 -4.06 -18.11
C GLN B 651 -18.81 -4.62 -16.74
N HIS B 652 -19.60 -5.57 -16.24
CA HIS B 652 -19.28 -6.24 -14.99
C HIS B 652 -17.99 -7.03 -15.11
N ALA B 653 -17.89 -7.83 -16.17
CA ALA B 653 -16.68 -8.60 -16.44
C ALA B 653 -15.45 -7.71 -16.41
N MET B 654 -15.49 -6.63 -17.19
CA MET B 654 -14.42 -5.66 -17.23
C MET B 654 -14.08 -5.11 -15.85
N TYR B 655 -15.12 -4.79 -15.09
CA TYR B 655 -14.96 -4.23 -13.75
C TYR B 655 -14.24 -5.20 -12.82
N TYR B 656 -14.74 -6.43 -12.75
CA TYR B 656 -14.14 -7.46 -11.91
C TYR B 656 -12.69 -7.74 -12.26
N LEU B 657 -12.41 -7.90 -13.55
CA LEU B 657 -11.04 -8.11 -14.00
C LEU B 657 -10.12 -6.99 -13.52
N ARG B 658 -10.53 -5.75 -13.75
CA ARG B 658 -9.77 -4.59 -13.29
C ARG B 658 -9.54 -4.65 -11.80
N LEU B 659 -10.53 -5.12 -11.06
CA LEU B 659 -10.41 -5.34 -9.63
C LEU B 659 -9.45 -6.48 -9.30
N LEU B 660 -9.52 -7.53 -10.10
CA LEU B 660 -8.72 -8.73 -9.87
C LEU B 660 -7.24 -8.51 -10.13
N MET B 661 -6.93 -7.69 -11.11
CA MET B 661 -5.57 -7.63 -11.65
C MET B 661 -4.72 -6.45 -11.18
N THR B 662 -5.32 -5.50 -10.47
CA THR B 662 -4.54 -4.39 -9.92
C THR B 662 -4.27 -4.58 -8.44
N GLU B 663 -3.08 -4.18 -8.01
CA GLU B 663 -2.60 -4.38 -6.66
C GLU B 663 -3.55 -3.84 -5.59
N VAL B 664 -3.98 -2.59 -5.74
CA VAL B 664 -4.94 -2.02 -4.80
C VAL B 664 -6.11 -1.39 -5.53
N ALA B 665 -7.32 -1.82 -5.17
CA ALA B 665 -8.52 -1.32 -5.80
C ALA B 665 -9.73 -1.57 -4.91
N TRP B 666 -10.42 -0.50 -4.53
CA TRP B 666 -11.61 -0.61 -3.70
C TRP B 666 -12.82 -0.94 -4.54
N THR B 667 -13.68 -1.81 -4.02
CA THR B 667 -14.87 -2.21 -4.74
C THR B 667 -16.03 -1.30 -4.39
N LYS B 668 -17.09 -1.37 -5.21
CA LYS B 668 -18.29 -0.57 -4.97
C LYS B 668 -18.85 -0.84 -3.59
N ASP B 669 -18.90 -2.12 -3.22
CA ASP B 669 -19.51 -2.52 -1.96
C ASP B 669 -18.70 -2.02 -0.76
N GLU B 670 -17.38 -2.07 -0.87
CA GLU B 670 -16.54 -1.47 0.16
C GLU B 670 -16.79 0.03 0.26
N LEU B 671 -16.85 0.70 -0.89
CA LEU B 671 -17.09 2.14 -0.95
C LEU B 671 -18.47 2.51 -0.42
N LYS B 672 -19.49 1.76 -0.82
CA LYS B 672 -20.87 2.09 -0.46
C LYS B 672 -21.14 1.93 1.03
N GLU B 673 -20.39 1.05 1.66
CA GLU B 673 -20.46 0.86 3.10
C GLU B 673 -19.76 2.01 3.83
N ALA B 674 -18.55 2.34 3.37
CA ALA B 674 -17.80 3.45 3.93
C ALA B 674 -18.51 4.79 3.77
N LEU B 675 -19.49 4.84 2.88
CA LEU B 675 -20.15 6.11 2.56
C LEU B 675 -21.23 6.48 3.58
N ASP B 676 -21.89 5.49 4.15
CA ASP B 676 -22.84 5.73 5.23
C ASP B 676 -22.09 6.11 6.52
N ASP B 677 -20.81 6.43 6.37
CA ASP B 677 -19.92 6.79 7.47
C ASP B 677 -19.28 8.15 7.33
N VAL B 678 -19.46 8.78 6.19
CA VAL B 678 -18.83 10.06 5.89
C VAL B 678 -19.73 11.12 6.40
N THR B 679 -19.24 11.92 7.33
CA THR B 679 -20.07 12.94 7.93
C THR B 679 -19.66 14.24 7.35
N LEU B 680 -20.33 15.32 7.74
CA LEU B 680 -20.01 16.66 7.24
C LEU B 680 -18.75 17.20 7.90
N PRO B 681 -18.82 17.35 9.31
CA PRO B 681 -17.57 17.87 9.90
C PRO B 681 -16.36 17.05 9.49
N ARG B 682 -16.60 15.82 9.02
CA ARG B 682 -15.52 14.95 8.60
C ARG B 682 -14.88 15.42 7.30
N LEU B 683 -15.65 15.33 6.20
CA LEU B 683 -15.16 15.76 4.90
C LEU B 683 -14.46 17.11 4.99
N LYS B 684 -14.81 17.88 6.01
CA LYS B 684 -14.22 19.20 6.21
C LYS B 684 -12.79 19.09 6.72
N ALA B 685 -12.55 18.09 7.56
CA ALA B 685 -11.21 17.77 8.04
C ALA B 685 -10.33 17.13 6.98
N PHE B 686 -10.96 16.35 6.11
CA PHE B 686 -10.25 15.64 5.05
C PHE B 686 -9.53 16.55 4.07
N ILE B 687 -10.21 17.59 3.59
CA ILE B 687 -9.69 18.46 2.54
C ILE B 687 -8.32 19.10 2.80
N PRO B 688 -8.13 19.80 3.94
CA PRO B 688 -6.83 20.47 4.12
C PRO B 688 -5.70 19.48 4.25
N GLN B 689 -6.05 18.31 4.78
CA GLN B 689 -5.10 17.23 5.01
C GLN B 689 -4.67 16.70 3.67
N LEU B 690 -5.64 16.52 2.78
CA LEU B 690 -5.37 16.11 1.40
C LEU B 690 -4.43 17.06 0.67
N LEU B 691 -4.70 18.35 0.79
CA LEU B 691 -3.93 19.38 0.09
C LEU B 691 -2.61 19.72 0.76
N SER B 692 -2.42 19.24 1.99
CA SER B 692 -1.25 19.61 2.79
C SER B 692 0.06 19.23 2.13
N ARG B 693 0.13 18.01 1.61
CA ARG B 693 1.29 17.58 0.82
C ARG B 693 0.88 17.01 -0.52
N LEU B 694 1.42 17.60 -1.58
CA LEU B 694 1.13 17.20 -2.94
C LEU B 694 2.37 17.23 -3.83
N HIS B 695 2.30 16.50 -4.94
CA HIS B 695 3.22 16.69 -6.04
C HIS B 695 2.36 16.94 -7.26
N ILE B 696 2.85 17.78 -8.16
CA ILE B 696 2.05 18.19 -9.30
C ILE B 696 2.79 17.95 -10.60
N GLU B 697 2.29 17.02 -11.41
CA GLU B 697 2.82 16.85 -12.74
C GLU B 697 1.85 17.43 -13.76
N ALA B 698 2.34 18.36 -14.57
CA ALA B 698 1.48 19.05 -15.50
C ALA B 698 2.00 18.96 -16.92
N LEU B 699 1.08 18.95 -17.87
CA LEU B 699 1.41 19.12 -19.27
C LEU B 699 0.63 20.31 -19.80
N LEU B 700 1.34 21.37 -20.13
CA LEU B 700 0.72 22.54 -20.74
C LEU B 700 1.08 22.54 -22.20
N HIS B 701 0.07 22.66 -23.06
CA HIS B 701 0.27 22.41 -24.48
C HIS B 701 -0.73 23.21 -25.31
N GLY B 702 -0.20 24.01 -26.24
CA GLY B 702 -1.05 24.79 -27.12
C GLY B 702 -0.42 26.11 -27.48
N ASN B 703 -1.25 27.14 -27.61
CA ASN B 703 -0.79 28.48 -27.92
C ASN B 703 -0.33 29.18 -26.65
N ILE B 704 0.76 28.68 -26.08
CA ILE B 704 1.36 29.24 -24.88
C ILE B 704 2.86 29.32 -25.08
N THR B 705 3.51 30.34 -24.51
CA THR B 705 4.96 30.44 -24.59
C THR B 705 5.59 29.77 -23.37
N LYS B 706 6.87 29.41 -23.49
CA LYS B 706 7.56 28.72 -22.42
C LYS B 706 7.46 29.42 -21.06
N GLN B 707 7.73 30.72 -21.02
CA GLN B 707 7.63 31.42 -19.74
C GLN B 707 6.17 31.73 -19.36
N ALA B 708 5.28 31.84 -20.34
CA ALA B 708 3.86 31.92 -20.01
C ALA B 708 3.44 30.69 -19.22
N ALA B 709 3.92 29.53 -19.67
CA ALA B 709 3.63 28.27 -19.00
C ALA B 709 4.18 28.29 -17.59
N LEU B 710 5.45 28.66 -17.48
CA LEU B 710 6.14 28.77 -16.19
C LEU B 710 5.36 29.67 -15.25
N GLY B 711 4.84 30.77 -15.79
CA GLY B 711 3.99 31.67 -15.03
C GLY B 711 2.70 31.04 -14.53
N ILE B 712 2.08 30.21 -15.36
CA ILE B 712 0.81 29.57 -15.00
C ILE B 712 0.96 28.64 -13.80
N MET B 713 1.95 27.76 -13.87
CA MET B 713 2.14 26.76 -12.83
C MET B 713 2.60 27.42 -11.55
N GLN B 714 3.27 28.54 -11.76
CA GLN B 714 3.70 29.38 -10.66
C GLN B 714 2.49 29.87 -9.89
N MET B 715 1.47 30.31 -10.62
CA MET B 715 0.20 30.70 -10.04
C MET B 715 -0.49 29.55 -9.34
N VAL B 716 -0.44 28.36 -9.95
CA VAL B 716 -1.08 27.18 -9.38
C VAL B 716 -0.45 26.83 -8.04
N GLU B 717 0.87 26.70 -8.04
CA GLU B 717 1.64 26.48 -6.82
C GLU B 717 1.35 27.55 -5.77
N ASP B 718 1.52 28.81 -6.14
CA ASP B 718 1.37 29.93 -5.21
C ASP B 718 0.04 29.94 -4.48
N THR B 719 -1.05 29.79 -5.21
CA THR B 719 -2.38 29.81 -4.61
C THR B 719 -2.58 28.61 -3.69
N LEU B 720 -1.95 27.50 -4.02
CA LEU B 720 -1.99 26.33 -3.14
C LEU B 720 -1.17 26.58 -1.88
N ILE B 721 0.06 27.04 -2.07
CA ILE B 721 0.96 27.32 -0.94
C ILE B 721 0.35 28.35 0.00
N GLU B 722 -0.10 29.48 -0.54
CA GLU B 722 -0.70 30.53 0.28
C GLU B 722 -1.93 30.04 1.02
N HIS B 723 -2.95 29.64 0.27
CA HIS B 723 -4.26 29.30 0.84
C HIS B 723 -4.34 27.94 1.53
N ALA B 724 -3.45 27.01 1.18
CA ALA B 724 -3.55 25.67 1.74
C ALA B 724 -2.24 25.12 2.30
N HIS B 725 -1.26 26.00 2.47
CA HIS B 725 0.04 25.64 3.05
C HIS B 725 0.62 24.34 2.50
N THR B 726 0.61 24.20 1.18
CA THR B 726 1.04 22.97 0.55
C THR B 726 2.56 22.85 0.52
N LYS B 727 3.07 21.68 0.87
CA LYS B 727 4.50 21.40 0.79
C LYS B 727 4.74 20.07 0.06
N PRO B 728 5.91 19.91 -0.58
CA PRO B 728 6.21 18.74 -1.41
C PRO B 728 6.09 17.38 -0.72
N LEU B 729 5.69 16.38 -1.50
CA LEU B 729 5.79 14.99 -1.08
C LEU B 729 7.23 14.53 -1.19
N LEU B 730 7.55 13.44 -0.50
CA LEU B 730 8.86 12.82 -0.66
C LEU B 730 8.83 11.89 -1.87
N PRO B 731 9.97 11.73 -2.55
CA PRO B 731 10.01 10.95 -3.79
C PRO B 731 9.58 9.51 -3.57
N SER B 732 9.99 8.93 -2.44
CA SER B 732 9.62 7.58 -2.07
C SER B 732 8.12 7.42 -1.85
N GLN B 733 7.41 8.53 -1.71
CA GLN B 733 5.98 8.51 -1.45
C GLN B 733 5.14 8.38 -2.72
N LEU B 734 5.69 8.81 -3.85
CA LEU B 734 4.98 8.67 -5.12
C LEU B 734 5.05 7.24 -5.64
N VAL B 735 4.09 6.42 -5.23
CA VAL B 735 4.03 5.04 -5.69
C VAL B 735 2.87 4.81 -6.67
N ARG B 736 3.17 4.20 -7.80
CA ARG B 736 2.16 3.69 -8.72
C ARG B 736 1.91 2.21 -8.44
N TYR B 737 0.71 1.72 -8.74
CA TYR B 737 0.36 0.36 -8.40
C TYR B 737 0.85 -0.65 -9.42
N ARG B 738 0.92 -1.91 -8.99
CA ARG B 738 1.44 -3.00 -9.80
C ARG B 738 0.32 -3.92 -10.27
N GLU B 739 0.56 -4.65 -11.35
CA GLU B 739 -0.38 -5.68 -11.78
C GLU B 739 0.00 -7.02 -11.15
N VAL B 740 -1.01 -7.81 -10.79
CA VAL B 740 -0.79 -9.16 -10.30
C VAL B 740 -0.05 -9.97 -11.34
N GLN B 741 0.93 -10.77 -10.91
CA GLN B 741 1.71 -11.59 -11.83
C GLN B 741 1.25 -13.04 -11.81
N LEU B 742 0.53 -13.44 -12.85
CA LEU B 742 -0.02 -14.79 -12.91
C LEU B 742 1.04 -15.80 -13.31
N PRO B 743 0.95 -17.02 -12.76
CA PRO B 743 1.92 -18.08 -12.98
C PRO B 743 1.87 -18.68 -14.38
N ASP B 744 3.00 -19.23 -14.82
CA ASP B 744 3.07 -20.03 -16.02
C ASP B 744 2.02 -21.15 -16.00
N ARG B 745 1.16 -21.17 -17.02
CA ARG B 745 0.18 -22.24 -17.24
C ARG B 745 -1.00 -22.22 -16.27
N GLY B 746 -1.09 -21.20 -15.42
CA GLY B 746 -2.20 -21.09 -14.50
C GLY B 746 -3.49 -20.67 -15.19
N TRP B 747 -4.62 -21.16 -14.70
CA TRP B 747 -5.91 -20.66 -15.16
C TRP B 747 -6.88 -20.44 -14.01
N PHE B 748 -7.30 -19.20 -13.84
CA PHE B 748 -8.19 -18.80 -12.76
C PHE B 748 -9.52 -18.31 -13.34
N VAL B 749 -10.62 -18.69 -12.70
CA VAL B 749 -11.94 -18.23 -13.10
C VAL B 749 -12.65 -17.54 -11.95
N TYR B 750 -13.29 -16.43 -12.24
CA TYR B 750 -14.06 -15.71 -11.23
C TYR B 750 -15.51 -15.62 -11.69
N GLN B 751 -16.42 -16.00 -10.80
CA GLN B 751 -17.82 -16.15 -11.17
C GLN B 751 -18.72 -15.21 -10.41
N GLN B 752 -19.61 -14.53 -11.12
CA GLN B 752 -20.59 -13.64 -10.52
C GLN B 752 -21.87 -13.60 -11.36
N ARG B 753 -22.95 -13.19 -10.75
CA ARG B 753 -24.22 -13.09 -11.46
C ARG B 753 -24.63 -11.63 -11.62
N ASN B 754 -25.17 -11.29 -12.79
CA ASN B 754 -25.76 -9.98 -12.99
C ASN B 754 -27.26 -10.10 -12.73
N GLU B 755 -27.71 -9.46 -11.65
CA GLU B 755 -29.06 -9.67 -11.14
C GLU B 755 -30.13 -8.98 -11.97
N VAL B 756 -29.72 -8.08 -12.86
CA VAL B 756 -30.68 -7.30 -13.63
C VAL B 756 -30.88 -7.86 -15.04
N HIS B 757 -29.79 -7.94 -15.82
CA HIS B 757 -29.89 -8.35 -17.21
C HIS B 757 -29.88 -9.86 -17.33
N ASN B 758 -30.85 -10.41 -18.06
CA ASN B 758 -30.90 -11.86 -18.30
C ASN B 758 -29.99 -12.25 -19.45
N ASN B 759 -28.83 -11.60 -19.50
CA ASN B 759 -27.81 -11.94 -20.47
C ASN B 759 -26.50 -12.20 -19.73
N SER B 760 -25.62 -13.01 -20.31
CA SER B 760 -24.37 -13.32 -19.62
C SER B 760 -23.22 -12.57 -20.28
N GLY B 761 -22.13 -12.40 -19.53
CA GLY B 761 -20.96 -11.71 -20.04
C GLY B 761 -19.68 -12.44 -19.71
N ILE B 762 -18.59 -12.06 -20.38
CA ILE B 762 -17.30 -12.70 -20.16
C ILE B 762 -16.14 -11.81 -20.61
N GLU B 763 -15.09 -11.75 -19.81
CA GLU B 763 -13.81 -11.27 -20.30
C GLU B 763 -12.74 -12.33 -20.07
N ILE B 764 -11.96 -12.60 -21.11
CA ILE B 764 -10.88 -13.57 -21.03
C ILE B 764 -9.55 -12.86 -21.22
N TYR B 765 -8.64 -13.00 -20.27
CA TYR B 765 -7.42 -12.21 -20.28
C TYR B 765 -6.15 -13.08 -20.36
N TYR B 766 -5.36 -12.86 -21.39
CA TYR B 766 -4.13 -13.57 -21.58
C TYR B 766 -2.90 -12.71 -21.34
N GLN B 767 -2.46 -12.66 -20.13
CA GLN B 767 -1.31 -11.86 -19.72
C GLN B 767 -0.03 -12.34 -20.40
N THR B 768 0.76 -11.40 -20.93
CA THR B 768 1.98 -11.78 -21.64
C THR B 768 3.25 -11.42 -20.87
N ASP B 769 3.54 -10.13 -20.75
CA ASP B 769 4.70 -9.64 -19.99
C ASP B 769 4.67 -8.12 -19.95
N MET B 770 5.71 -7.52 -19.37
CA MET B 770 5.81 -6.08 -19.27
C MET B 770 5.80 -5.43 -20.64
N GLN B 771 5.42 -4.17 -20.70
CA GLN B 771 5.44 -3.47 -21.97
C GLN B 771 6.86 -3.07 -22.35
N SER B 772 7.20 -3.34 -23.60
CA SER B 772 8.51 -3.05 -24.16
C SER B 772 8.30 -3.03 -25.66
N THR B 773 9.21 -2.43 -26.41
CA THR B 773 9.02 -2.29 -27.85
C THR B 773 8.75 -3.62 -28.54
N SER B 774 9.44 -4.67 -28.11
CA SER B 774 9.24 -5.99 -28.71
C SER B 774 7.90 -6.61 -28.29
N GLU B 775 7.69 -6.76 -26.98
CA GLU B 775 6.46 -7.34 -26.46
C GLU B 775 5.23 -6.54 -26.87
N ASN B 776 5.39 -5.24 -27.05
CA ASN B 776 4.30 -4.39 -27.50
C ASN B 776 3.83 -4.76 -28.90
N MET B 777 4.76 -4.70 -29.85
CA MET B 777 4.45 -4.97 -31.24
C MET B 777 4.05 -6.42 -31.50
N PHE B 778 4.64 -7.35 -30.76
CA PHE B 778 4.21 -8.75 -30.85
C PHE B 778 2.72 -8.87 -30.54
N LEU B 779 2.31 -8.27 -29.43
CA LEU B 779 0.91 -8.26 -29.03
C LEU B 779 0.04 -7.49 -30.02
N GLU B 780 0.41 -6.24 -30.25
CA GLU B 780 -0.35 -5.34 -31.11
C GLU B 780 -0.58 -5.90 -32.51
N LEU B 781 0.45 -6.55 -33.07
CA LEU B 781 0.34 -7.16 -34.39
C LEU B 781 -0.57 -8.40 -34.41
N PHE B 782 -0.37 -9.30 -33.46
CA PHE B 782 -1.22 -10.48 -33.37
C PHE B 782 -2.68 -10.08 -33.19
N ALA B 783 -2.92 -9.12 -32.32
CA ALA B 783 -4.26 -8.61 -32.08
C ALA B 783 -4.87 -8.12 -33.38
N GLN B 784 -4.07 -7.42 -34.18
CA GLN B 784 -4.50 -6.92 -35.48
C GLN B 784 -4.94 -8.04 -36.42
N ILE B 785 -4.11 -9.07 -36.52
CA ILE B 785 -4.36 -10.15 -37.47
C ILE B 785 -5.62 -10.93 -37.12
N ILE B 786 -5.85 -11.18 -35.84
CA ILE B 786 -7.03 -11.92 -35.40
C ILE B 786 -8.25 -11.02 -35.23
N SER B 787 -8.04 -9.71 -35.22
CA SER B 787 -9.09 -8.74 -34.93
C SER B 787 -10.38 -8.96 -35.71
N GLU B 788 -10.28 -8.98 -37.03
CA GLU B 788 -11.45 -9.14 -37.88
C GLU B 788 -11.96 -10.59 -37.91
N PRO B 789 -11.07 -11.58 -38.10
CA PRO B 789 -11.54 -12.97 -37.99
C PRO B 789 -12.33 -13.24 -36.71
N ALA B 790 -11.90 -12.68 -35.58
CA ALA B 790 -12.56 -12.86 -34.31
C ALA B 790 -14.02 -12.41 -34.36
N PHE B 791 -14.23 -11.20 -34.85
CA PHE B 791 -15.56 -10.66 -35.01
C PHE B 791 -16.38 -11.53 -35.97
N ASN B 792 -15.76 -11.96 -37.05
CA ASN B 792 -16.44 -12.79 -38.04
C ASN B 792 -16.81 -14.17 -37.51
N THR B 793 -15.88 -14.82 -36.84
CA THR B 793 -16.13 -16.15 -36.31
C THR B 793 -17.13 -16.10 -35.16
N LEU B 794 -16.83 -15.32 -34.13
CA LEU B 794 -17.62 -15.34 -32.90
C LEU B 794 -18.96 -14.63 -33.04
N ARG B 795 -19.06 -13.65 -33.93
CA ARG B 795 -20.35 -12.98 -34.13
C ARG B 795 -20.98 -13.34 -35.47
N THR B 796 -20.33 -12.98 -36.57
CA THR B 796 -20.96 -13.15 -37.88
C THR B 796 -21.35 -14.60 -38.15
N LYS B 797 -20.41 -15.53 -38.01
CA LYS B 797 -20.77 -16.93 -38.18
C LYS B 797 -21.50 -17.54 -36.99
N GLU B 798 -20.84 -17.60 -35.83
CA GLU B 798 -21.38 -18.33 -34.69
C GLU B 798 -22.46 -17.60 -33.91
N GLN B 799 -22.54 -16.28 -34.07
CA GLN B 799 -23.62 -15.48 -33.47
C GLN B 799 -23.73 -15.61 -31.96
N LEU B 800 -22.60 -15.66 -31.27
CA LEU B 800 -22.63 -15.78 -29.82
C LEU B 800 -23.29 -14.56 -29.19
N GLY B 801 -23.17 -13.42 -29.84
CA GLY B 801 -23.78 -12.20 -29.34
C GLY B 801 -23.55 -10.99 -30.21
N TYR B 802 -24.15 -9.88 -29.80
CA TYR B 802 -24.05 -8.63 -30.55
C TYR B 802 -22.72 -7.97 -30.23
N ILE B 803 -22.30 -8.09 -28.98
CA ILE B 803 -21.04 -7.54 -28.53
C ILE B 803 -19.93 -8.60 -28.55
N VAL B 804 -18.93 -8.39 -29.38
CA VAL B 804 -17.77 -9.25 -29.43
C VAL B 804 -16.53 -8.37 -29.61
N PHE B 805 -15.60 -8.48 -28.68
CA PHE B 805 -14.42 -7.61 -28.71
C PHE B 805 -13.13 -8.39 -28.50
N SER B 806 -12.13 -8.08 -29.30
CA SER B 806 -10.78 -8.57 -29.07
C SER B 806 -9.83 -7.39 -29.12
N GLY B 807 -8.55 -7.63 -28.82
CA GLY B 807 -7.57 -6.57 -28.85
C GLY B 807 -6.69 -6.58 -27.62
N PRO B 808 -5.67 -5.70 -27.59
CA PRO B 808 -4.79 -5.53 -26.44
C PRO B 808 -5.48 -5.01 -25.19
N ARG B 809 -4.88 -5.29 -24.03
CA ARG B 809 -5.26 -4.67 -22.77
C ARG B 809 -4.00 -4.20 -22.06
N ARG B 810 -3.98 -2.94 -21.67
CA ARG B 810 -2.79 -2.36 -21.05
C ARG B 810 -3.13 -1.72 -19.71
N ALA B 811 -2.49 -2.19 -18.64
CA ALA B 811 -2.67 -1.64 -17.31
C ALA B 811 -1.39 -1.75 -16.49
N ASN B 812 -1.06 -0.69 -15.75
CA ASN B 812 0.04 -0.70 -14.79
C ASN B 812 1.38 -1.09 -15.40
N GLY B 813 1.54 -0.84 -16.69
CA GLY B 813 2.74 -1.20 -17.42
C GLY B 813 2.79 -2.65 -17.85
N ILE B 814 1.69 -3.35 -17.67
CA ILE B 814 1.60 -4.75 -18.08
C ILE B 814 0.59 -4.85 -19.22
N GLN B 815 0.73 -5.86 -20.06
CA GLN B 815 -0.17 -6.02 -21.19
C GLN B 815 -0.53 -7.48 -21.46
N GLY B 816 -1.53 -7.67 -22.31
CA GLY B 816 -1.95 -9.00 -22.73
C GLY B 816 -3.14 -8.92 -23.67
N LEU B 817 -3.58 -10.07 -24.18
CA LEU B 817 -4.72 -10.12 -25.08
C LEU B 817 -6.02 -10.35 -24.30
N ARG B 818 -7.09 -9.67 -24.71
CA ARG B 818 -8.37 -9.86 -24.06
C ARG B 818 -9.51 -10.09 -25.04
N PHE B 819 -10.44 -10.97 -24.65
CA PHE B 819 -11.69 -11.14 -25.37
C PHE B 819 -12.85 -10.74 -24.49
N ILE B 820 -13.79 -9.99 -25.04
CA ILE B 820 -15.02 -9.66 -24.33
C ILE B 820 -16.24 -10.06 -25.15
N ILE B 821 -17.14 -10.83 -24.54
CA ILE B 821 -18.34 -11.29 -25.21
C ILE B 821 -19.53 -11.18 -24.28
N GLN B 822 -20.63 -10.61 -24.77
CA GLN B 822 -21.88 -10.63 -24.03
C GLN B 822 -22.86 -11.50 -24.80
N SER B 823 -23.40 -12.51 -24.14
CA SER B 823 -24.08 -13.57 -24.86
C SER B 823 -25.25 -14.18 -24.11
N GLU B 824 -26.18 -14.73 -24.87
CA GLU B 824 -27.34 -15.42 -24.32
C GLU B 824 -26.91 -16.81 -23.85
N LYS B 825 -25.88 -17.35 -24.49
CA LYS B 825 -25.32 -18.63 -24.10
C LYS B 825 -24.49 -18.51 -22.84
N PRO B 826 -24.31 -19.63 -22.10
CA PRO B 826 -23.52 -19.63 -20.87
C PRO B 826 -22.05 -19.35 -21.16
N PRO B 827 -21.31 -18.81 -20.19
CA PRO B 827 -19.90 -18.40 -20.33
C PRO B 827 -18.95 -19.56 -20.52
N HIS B 828 -19.26 -20.61 -19.79
CA HIS B 828 -18.50 -21.85 -19.67
C HIS B 828 -18.37 -22.43 -21.09
N TYR B 829 -19.36 -22.10 -21.93
CA TYR B 829 -19.42 -22.46 -23.35
C TYR B 829 -18.67 -21.46 -24.23
N LEU B 830 -18.86 -20.18 -23.92
CA LEU B 830 -18.18 -19.10 -24.62
C LEU B 830 -16.67 -19.30 -24.62
N GLU B 831 -16.16 -19.81 -23.51
CA GLU B 831 -14.73 -20.11 -23.38
C GLU B 831 -14.21 -21.06 -24.45
N SER B 832 -14.92 -22.16 -24.65
CA SER B 832 -14.52 -23.16 -25.63
C SER B 832 -14.51 -22.60 -27.05
N ARG B 833 -15.42 -21.67 -27.32
CA ARG B 833 -15.54 -21.10 -28.67
C ARG B 833 -14.41 -20.12 -28.94
N VAL B 834 -13.98 -19.42 -27.93
CA VAL B 834 -12.91 -18.48 -28.09
C VAL B 834 -11.63 -19.23 -28.19
N GLU B 835 -11.57 -20.38 -27.51
CA GLU B 835 -10.37 -21.20 -27.51
C GLU B 835 -10.38 -22.12 -28.71
N ALA B 836 -11.52 -22.16 -29.39
CA ALA B 836 -11.67 -22.98 -30.57
C ALA B 836 -11.27 -22.22 -31.77
N PHE B 837 -11.39 -20.92 -31.67
CA PHE B 837 -11.03 -20.01 -32.70
C PHE B 837 -9.55 -19.91 -32.61
N LEU B 838 -9.05 -19.67 -31.43
CA LEU B 838 -7.62 -19.41 -31.30
C LEU B 838 -6.82 -20.40 -32.13
N ILE B 839 -7.28 -21.65 -32.16
CA ILE B 839 -6.66 -22.68 -32.99
C ILE B 839 -6.90 -22.42 -34.48
N THR B 840 -8.13 -22.04 -34.81
CA THR B 840 -8.50 -21.67 -36.18
C THR B 840 -7.53 -20.65 -36.76
N MET B 841 -7.09 -19.70 -35.93
CA MET B 841 -6.17 -18.67 -36.36
C MET B 841 -4.78 -19.22 -36.62
N GLU B 842 -4.30 -20.05 -35.69
CA GLU B 842 -2.97 -20.62 -35.81
C GLU B 842 -2.81 -21.39 -37.11
N LYS B 843 -3.85 -22.12 -37.50
CA LYS B 843 -3.83 -22.83 -38.77
C LYS B 843 -3.91 -21.86 -39.94
N SER B 844 -4.73 -20.83 -39.80
CA SER B 844 -4.93 -19.88 -40.89
C SER B 844 -3.78 -18.89 -41.02
N ILE B 845 -2.98 -18.76 -39.96
CA ILE B 845 -1.80 -17.89 -40.03
C ILE B 845 -0.64 -18.59 -40.73
N GLU B 846 -0.48 -19.88 -40.50
CA GLU B 846 0.56 -20.65 -41.16
C GLU B 846 0.26 -20.76 -42.65
N ASP B 847 -1.02 -20.79 -42.97
CA ASP B 847 -1.47 -20.80 -44.36
C ASP B 847 -1.42 -19.44 -45.02
N MET B 848 -1.67 -18.36 -44.27
CA MET B 848 -1.74 -17.04 -44.89
C MET B 848 -0.40 -16.69 -45.54
N THR B 849 -0.49 -16.12 -46.74
CA THR B 849 0.69 -15.83 -47.55
C THR B 849 1.49 -14.65 -47.02
N GLU B 850 2.71 -14.51 -47.53
CA GLU B 850 3.60 -13.44 -47.13
C GLU B 850 3.05 -12.06 -47.46
N GLU B 851 2.42 -11.95 -48.63
CA GLU B 851 1.85 -10.69 -49.08
C GLU B 851 0.62 -10.29 -48.27
N ALA B 852 -0.08 -11.29 -47.77
CA ALA B 852 -1.21 -11.06 -46.88
C ALA B 852 -0.71 -10.57 -45.53
N PHE B 853 0.42 -11.13 -45.11
CA PHE B 853 1.03 -10.78 -43.83
C PHE B 853 1.49 -9.34 -43.82
N GLN B 854 2.20 -8.93 -44.87
CA GLN B 854 2.69 -7.56 -44.97
C GLN B 854 1.57 -6.53 -45.07
N LYS B 855 0.38 -6.99 -45.45
CA LYS B 855 -0.80 -6.14 -45.45
C LYS B 855 -1.14 -5.76 -44.02
N HIS B 856 -1.08 -6.73 -43.12
CA HIS B 856 -1.39 -6.53 -41.71
C HIS B 856 -0.31 -5.68 -41.04
N ILE B 857 0.93 -5.89 -41.44
CA ILE B 857 2.03 -5.06 -40.97
C ILE B 857 1.76 -3.63 -41.37
N GLN B 858 1.44 -3.45 -42.65
CA GLN B 858 1.08 -2.17 -43.22
C GLN B 858 -0.12 -1.55 -42.51
N ALA B 859 -1.14 -2.37 -42.26
CA ALA B 859 -2.38 -1.89 -41.65
C ALA B 859 -2.12 -1.27 -40.28
N LEU B 860 -1.47 -2.02 -39.41
CA LEU B 860 -1.10 -1.53 -38.10
C LEU B 860 -0.25 -0.27 -38.20
N ALA B 861 0.70 -0.27 -39.11
CA ALA B 861 1.62 0.85 -39.30
C ALA B 861 0.94 2.16 -39.69
N ILE B 862 0.14 2.13 -40.75
CA ILE B 862 -0.61 3.31 -41.18
C ILE B 862 -1.50 3.80 -40.04
N ARG B 863 -1.96 2.86 -39.22
CA ARG B 863 -2.88 3.13 -38.13
C ARG B 863 -2.17 3.74 -36.91
N ARG B 864 -0.98 3.24 -36.60
CA ARG B 864 -0.23 3.73 -35.45
C ARG B 864 0.39 5.10 -35.73
N LEU B 865 0.68 5.36 -37.00
CA LEU B 865 1.35 6.58 -37.40
C LEU B 865 0.37 7.66 -37.81
N ASP B 866 -0.91 7.39 -37.62
CA ASP B 866 -1.96 8.35 -37.96
C ASP B 866 -1.78 9.65 -37.20
N LYS B 867 -1.69 10.76 -37.90
CA LYS B 867 -1.37 12.02 -37.29
C LYS B 867 -2.58 12.68 -36.69
N PRO B 868 -2.45 13.19 -35.48
CA PRO B 868 -3.53 13.88 -34.78
C PRO B 868 -4.08 15.04 -35.60
N LYS B 869 -5.39 15.24 -35.57
CA LYS B 869 -6.03 16.24 -36.42
C LYS B 869 -6.33 17.52 -35.65
N LYS B 870 -6.63 17.37 -34.36
CA LYS B 870 -6.86 18.51 -33.48
C LYS B 870 -5.84 18.55 -32.35
N LEU B 871 -5.61 19.73 -31.79
CA LEU B 871 -4.71 19.91 -30.66
C LEU B 871 -4.99 18.91 -29.54
N SER B 872 -6.22 18.91 -29.06
CA SER B 872 -6.69 18.02 -27.99
C SER B 872 -6.24 16.57 -28.11
N ALA B 873 -6.13 16.08 -29.35
CA ALA B 873 -5.78 14.69 -29.59
C ALA B 873 -4.28 14.47 -29.48
N GLU B 874 -3.50 15.47 -29.86
CA GLU B 874 -2.05 15.42 -29.70
C GLU B 874 -1.70 15.50 -28.21
N SER B 875 -2.46 16.31 -27.46
CA SER B 875 -2.28 16.42 -26.02
C SER B 875 -2.49 15.08 -25.33
N ALA B 876 -3.56 14.39 -25.71
CA ALA B 876 -3.91 13.10 -25.13
C ALA B 876 -2.81 12.09 -25.38
N LYS B 877 -2.18 12.18 -26.55
CA LYS B 877 -1.12 11.27 -26.93
C LYS B 877 0.09 11.45 -26.04
N TYR B 878 0.49 12.70 -25.81
CA TYR B 878 1.61 13.00 -24.91
C TYR B 878 1.25 12.71 -23.47
N TRP B 879 0.07 13.14 -23.05
CA TRP B 879 -0.41 12.95 -21.69
C TRP B 879 -0.47 11.47 -21.34
N GLY B 880 -0.75 10.65 -22.34
CA GLY B 880 -0.72 9.21 -22.17
C GLY B 880 0.63 8.75 -21.66
N GLU B 881 1.69 9.27 -22.26
CA GLU B 881 3.05 8.91 -21.89
C GLU B 881 3.46 9.41 -20.51
N ILE B 882 2.91 10.55 -20.11
CA ILE B 882 3.29 11.17 -18.84
C ILE B 882 2.63 10.52 -17.62
N ILE B 883 1.35 10.22 -17.70
CA ILE B 883 0.70 9.58 -16.57
C ILE B 883 1.16 8.12 -16.47
N SER B 884 1.35 7.49 -17.62
CA SER B 884 1.87 6.13 -17.68
C SER B 884 3.28 6.00 -17.12
N GLN B 885 3.93 7.14 -16.85
CA GLN B 885 5.29 7.19 -16.34
C GLN B 885 6.32 6.68 -17.34
N GLN B 886 5.92 6.52 -18.60
CA GLN B 886 6.83 5.98 -19.59
C GLN B 886 7.56 7.06 -20.39
N TYR B 887 6.94 8.23 -20.51
CA TYR B 887 7.55 9.42 -21.11
C TYR B 887 8.22 9.17 -22.47
N ASN B 888 7.72 8.20 -23.23
CA ASN B 888 8.29 7.87 -24.53
C ASN B 888 7.54 8.56 -25.66
N PHE B 889 7.91 9.81 -25.93
CA PHE B 889 7.16 10.65 -26.87
C PHE B 889 7.32 10.25 -28.35
N ASP B 890 8.39 9.54 -28.68
CA ASP B 890 8.62 9.12 -30.06
C ASP B 890 8.20 7.68 -30.30
N ARG B 891 7.38 7.15 -29.39
CA ARG B 891 6.96 5.75 -29.41
C ARG B 891 6.51 5.26 -30.79
N ASP B 892 5.66 6.04 -31.45
CA ASP B 892 5.08 5.63 -32.72
C ASP B 892 6.11 5.35 -33.82
N ASN B 893 7.19 6.12 -33.84
CA ASN B 893 8.22 5.94 -34.86
C ASN B 893 9.15 4.78 -34.52
N THR B 894 9.58 4.73 -33.27
CA THR B 894 10.38 3.62 -32.79
C THR B 894 9.69 2.28 -33.01
N GLU B 895 8.48 2.16 -32.49
CA GLU B 895 7.74 0.91 -32.54
C GLU B 895 7.35 0.43 -33.94
N VAL B 896 6.84 1.34 -34.77
CA VAL B 896 6.46 0.97 -36.13
C VAL B 896 7.68 0.51 -36.93
N ALA B 897 8.80 1.20 -36.74
CA ALA B 897 10.05 0.82 -37.39
C ALA B 897 10.43 -0.60 -37.00
N TYR B 898 10.34 -0.91 -35.72
CA TYR B 898 10.62 -2.25 -35.24
C TYR B 898 9.60 -3.25 -35.76
N LEU B 899 8.34 -2.81 -35.79
CA LEU B 899 7.24 -3.65 -36.25
C LEU B 899 7.50 -4.20 -37.65
N LYS B 900 7.93 -3.33 -38.54
CA LYS B 900 8.20 -3.67 -39.93
C LYS B 900 9.30 -4.71 -40.11
N THR B 901 9.89 -5.20 -39.03
CA THR B 901 11.00 -6.14 -39.12
C THR B 901 10.62 -7.53 -38.62
N LEU B 902 9.38 -7.67 -38.16
CA LEU B 902 8.89 -8.94 -37.64
C LEU B 902 8.53 -9.89 -38.78
N THR B 903 8.87 -11.16 -38.63
CA THR B 903 8.56 -12.18 -39.63
C THR B 903 7.30 -12.93 -39.25
N LYS B 904 6.70 -13.65 -40.20
CA LYS B 904 5.57 -14.51 -39.91
C LYS B 904 5.91 -15.51 -38.81
N GLU B 905 7.09 -16.11 -38.93
CA GLU B 905 7.60 -17.04 -37.92
C GLU B 905 7.62 -16.39 -36.54
N ASP B 906 8.18 -15.19 -36.46
CA ASP B 906 8.26 -14.42 -35.22
C ASP B 906 6.94 -14.39 -34.44
N ILE B 907 5.83 -14.34 -35.15
CA ILE B 907 4.52 -14.28 -34.53
C ILE B 907 4.10 -15.66 -34.03
N ILE B 908 4.26 -16.66 -34.89
CA ILE B 908 3.99 -18.04 -34.53
C ILE B 908 4.67 -18.44 -33.22
N LYS B 909 5.96 -18.15 -33.12
CA LYS B 909 6.72 -18.43 -31.91
C LYS B 909 6.07 -17.76 -30.70
N PHE B 910 5.85 -16.45 -30.79
CA PHE B 910 5.23 -15.71 -29.70
C PHE B 910 3.93 -16.37 -29.25
N TYR B 911 3.14 -16.84 -30.21
CA TYR B 911 1.87 -17.50 -29.91
C TYR B 911 2.09 -18.84 -29.23
N LYS B 912 2.75 -19.75 -29.94
CA LYS B 912 3.02 -21.08 -29.41
C LYS B 912 3.94 -21.01 -28.19
N GLU B 913 4.06 -19.83 -27.61
CA GLU B 913 4.90 -19.62 -26.44
C GLU B 913 4.16 -18.84 -25.36
N MET B 914 3.16 -18.07 -25.76
CA MET B 914 2.36 -17.27 -24.82
C MET B 914 0.88 -17.59 -24.82
N LEU B 915 0.32 -17.88 -25.98
CA LEU B 915 -1.14 -17.89 -26.11
C LEU B 915 -1.79 -19.26 -26.28
N ALA B 916 -1.15 -20.14 -27.04
CA ALA B 916 -1.71 -21.45 -27.36
C ALA B 916 -2.12 -22.21 -26.10
N VAL B 917 -3.13 -23.09 -26.24
CA VAL B 917 -3.76 -23.78 -25.10
C VAL B 917 -2.74 -24.48 -24.20
N ASP B 918 -1.57 -24.80 -24.75
CA ASP B 918 -0.51 -25.42 -23.96
C ASP B 918 0.83 -24.75 -24.17
N ALA B 919 0.82 -23.42 -24.14
CA ALA B 919 2.04 -22.62 -24.13
C ALA B 919 2.74 -22.79 -22.79
N PRO B 920 4.09 -22.86 -22.81
CA PRO B 920 4.89 -22.94 -21.59
C PRO B 920 4.64 -21.76 -20.65
N ARG B 921 4.29 -20.62 -21.22
CA ARG B 921 4.13 -19.39 -20.47
C ARG B 921 2.72 -18.83 -20.59
N ARG B 922 1.72 -19.66 -20.49
CA ARG B 922 0.39 -19.18 -20.69
C ARG B 922 -0.20 -18.70 -19.39
N HIS B 923 -0.51 -17.42 -19.31
CA HIS B 923 -1.12 -16.82 -18.13
C HIS B 923 -2.53 -16.36 -18.43
N LYS B 924 -3.52 -17.09 -17.91
CA LYS B 924 -4.90 -16.85 -18.27
C LYS B 924 -5.84 -16.76 -17.08
N VAL B 925 -6.47 -15.60 -16.90
CA VAL B 925 -7.56 -15.46 -15.96
C VAL B 925 -8.79 -15.03 -16.74
N SER B 926 -9.97 -15.53 -16.37
CA SER B 926 -11.20 -15.18 -17.06
C SER B 926 -12.35 -14.93 -16.09
N VAL B 927 -13.13 -13.88 -16.36
CA VAL B 927 -14.26 -13.51 -15.51
C VAL B 927 -15.61 -13.87 -16.14
N HIS B 928 -16.42 -14.62 -15.40
CA HIS B 928 -17.73 -15.06 -15.89
C HIS B 928 -18.87 -14.36 -15.17
N VAL B 929 -19.57 -13.48 -15.86
CA VAL B 929 -20.77 -12.88 -15.30
C VAL B 929 -22.00 -13.60 -15.84
N LEU B 930 -22.83 -14.09 -14.94
CA LEU B 930 -23.96 -14.94 -15.32
C LEU B 930 -25.24 -14.14 -15.52
N ALA B 931 -26.08 -14.63 -16.42
CA ALA B 931 -27.38 -14.01 -16.64
C ALA B 931 -28.23 -14.08 -15.39
N ARG B 932 -29.22 -13.19 -15.30
CA ARG B 932 -30.16 -13.13 -14.18
C ARG B 932 -30.57 -14.51 -13.67
N GLU B 933 -30.82 -15.44 -14.59
CA GLU B 933 -31.22 -16.78 -14.22
C GLU B 933 -30.36 -17.84 -14.89
N MET B 934 -29.37 -18.34 -14.15
CA MET B 934 -28.45 -19.36 -14.66
C MET B 934 -27.92 -20.24 -13.54
N ASP B 935 -27.72 -21.53 -13.84
CA ASP B 935 -27.10 -22.48 -12.92
C ASP B 935 -25.86 -21.90 -12.23
N LEU B 951 -19.36 -26.74 -36.59
CA LEU B 951 -18.49 -25.80 -35.87
C LEU B 951 -17.10 -26.37 -35.66
N SER B 952 -16.10 -25.49 -35.60
CA SER B 952 -14.73 -25.90 -35.38
C SER B 952 -14.57 -26.56 -34.02
N GLN B 953 -13.67 -27.54 -33.95
CA GLN B 953 -13.47 -28.36 -32.75
C GLN B 953 -12.83 -27.60 -31.58
N ALA B 954 -13.52 -27.59 -30.45
CA ALA B 954 -12.98 -26.98 -29.24
C ALA B 954 -11.98 -27.90 -28.54
N PRO B 955 -10.85 -27.33 -28.08
CA PRO B 955 -9.73 -28.07 -27.45
C PRO B 955 -10.04 -28.51 -26.01
N ALA B 956 -9.24 -29.44 -25.50
CA ALA B 956 -9.38 -29.89 -24.12
C ALA B 956 -8.75 -28.90 -23.14
N LEU B 957 -9.58 -28.37 -22.25
CA LEU B 957 -9.12 -27.36 -21.30
C LEU B 957 -8.78 -28.00 -19.95
N PRO B 958 -7.77 -27.46 -19.26
CA PRO B 958 -7.50 -27.82 -17.87
C PRO B 958 -8.67 -27.52 -16.94
N GLN B 959 -8.60 -28.02 -15.71
CA GLN B 959 -9.61 -27.73 -14.70
C GLN B 959 -9.19 -26.44 -14.02
N PRO B 960 -9.96 -25.36 -14.25
CA PRO B 960 -9.55 -24.05 -13.76
C PRO B 960 -9.60 -23.97 -12.25
N GLU B 961 -8.84 -23.06 -11.66
CA GLU B 961 -8.89 -22.84 -10.23
C GLU B 961 -9.86 -21.72 -9.87
N VAL B 962 -10.95 -22.10 -9.21
CA VAL B 962 -12.02 -21.16 -8.92
C VAL B 962 -11.66 -20.17 -7.81
N ILE B 963 -11.75 -18.88 -8.13
CA ILE B 963 -11.51 -17.81 -7.18
C ILE B 963 -12.72 -17.58 -6.28
N GLN B 964 -12.55 -17.69 -4.97
CA GLN B 964 -13.67 -17.43 -4.08
C GLN B 964 -13.53 -16.08 -3.39
N ASN B 965 -12.30 -15.60 -3.28
CA ASN B 965 -12.06 -14.30 -2.66
C ASN B 965 -11.03 -13.48 -3.42
N MET B 966 -11.43 -12.27 -3.83
CA MET B 966 -10.57 -11.40 -4.62
C MET B 966 -9.28 -11.00 -3.91
N THR B 967 -9.35 -10.76 -2.62
CA THR B 967 -8.16 -10.40 -1.85
C THR B 967 -7.23 -11.60 -1.66
N GLU B 968 -7.78 -12.68 -1.12
CA GLU B 968 -7.04 -13.94 -0.93
C GLU B 968 -6.32 -14.38 -2.19
N PHE B 969 -6.96 -14.15 -3.34
CA PHE B 969 -6.36 -14.42 -4.64
C PHE B 969 -5.07 -13.63 -4.82
N LYS B 970 -5.15 -12.32 -4.60
CA LYS B 970 -4.01 -11.44 -4.78
C LYS B 970 -2.87 -11.74 -3.81
N ARG B 971 -3.22 -12.09 -2.58
CA ARG B 971 -2.22 -12.35 -1.55
C ARG B 971 -1.33 -13.52 -1.93
N GLY B 972 -1.91 -14.54 -2.55
CA GLY B 972 -1.15 -15.70 -2.95
C GLY B 972 -0.50 -15.60 -4.32
N LEU B 973 -0.18 -14.38 -4.73
CA LEU B 973 0.46 -14.16 -6.02
C LEU B 973 1.48 -13.03 -5.98
N PRO B 974 2.52 -13.14 -6.80
CA PRO B 974 3.53 -12.08 -6.90
C PRO B 974 3.01 -10.86 -7.65
N LEU B 975 3.68 -9.74 -7.51
CA LEU B 975 3.36 -8.54 -8.26
C LEU B 975 4.48 -8.17 -9.22
N PHE B 976 4.11 -7.72 -10.42
CA PHE B 976 5.07 -7.27 -11.41
C PHE B 976 5.89 -6.09 -10.93
N PRO B 977 7.05 -5.85 -11.58
CA PRO B 977 7.76 -4.59 -11.35
C PRO B 977 7.04 -3.45 -12.05
N LEU B 978 7.33 -2.22 -11.67
CA LEU B 978 6.85 -1.08 -12.43
C LEU B 978 7.81 -0.80 -13.58
N VAL B 979 7.29 -0.18 -14.64
CA VAL B 979 8.07 0.04 -15.86
C VAL B 979 9.10 1.16 -15.66
N LYS B 980 10.20 1.11 -16.42
CA LYS B 980 11.25 2.12 -16.36
C LYS B 980 10.98 3.29 -17.30
N PRO B 981 11.11 4.53 -16.79
CA PRO B 981 11.00 5.75 -17.60
C PRO B 981 12.13 5.87 -18.62
#